data_1MI3
#
_entry.id   1MI3
#
_cell.length_a   180.202
_cell.length_b   128.344
_cell.length_c   79.949
_cell.angle_alpha   90.00
_cell.angle_beta   90.75
_cell.angle_gamma   90.00
#
_symmetry.space_group_name_H-M   'C 1 2 1'
#
loop_
_entity.id
_entity.type
_entity.pdbx_description
1 polymer 'xylose reductase'
2 non-polymer NICOTINAMIDE-ADENINE-DINUCLEOTIDE
3 water water
#
_entity_poly.entity_id   1
_entity_poly.type   'polypeptide(L)'
_entity_poly.pdbx_seq_one_letter_code
;MSASIPDIKLSSGHLMPSIGFGCWKLANATAGEQVYQAIKAGYRLFDGAEDYGNEKEVGDGVKRAIDEGLVKREEIFLTS
KLWNNYHDPKNVETALNKTLADLKVDYVDLFLIHFPIAFKFVPIEEKYPPGFYCGDGNNFVYEDVPILETWKALEKLVAA
GKIKSIGVSNFPGALLLDLLRGATIKPAVLQVEHHPYLQQPKLIEFAQKAGVTITAYSSFGPQSFVEMNQGRALNTPTLF
AHDTIKAIAAKYNKTPAEVLLRWAAQRGIAVIPKSNLPERLVQNRSFNTFDLTKEDFEEIAKLDIGLRFNDPWDWDNIPI
FV
;
_entity_poly.pdbx_strand_id   A,B,C,D
#
loop_
_chem_comp.id
_chem_comp.type
_chem_comp.name
_chem_comp.formula
NAD non-polymer NICOTINAMIDE-ADENINE-DINUCLEOTIDE 'C21 H27 N7 O14 P2'
#
# COMPACT_ATOMS: atom_id res chain seq x y z
N SER A 4 -34.60 -65.90 -14.32
CA SER A 4 -33.30 -65.70 -15.04
C SER A 4 -32.42 -64.68 -14.32
N ILE A 5 -31.13 -64.97 -14.25
CA ILE A 5 -30.16 -64.07 -13.60
C ILE A 5 -29.76 -63.02 -14.65
N PRO A 6 -30.09 -61.74 -14.42
CA PRO A 6 -29.68 -60.76 -15.44
C PRO A 6 -28.16 -60.61 -15.57
N ASP A 7 -27.69 -60.31 -16.78
CA ASP A 7 -26.26 -60.12 -17.00
C ASP A 7 -25.90 -58.64 -16.96
N ILE A 8 -24.66 -58.36 -16.60
CA ILE A 8 -24.21 -57.00 -16.57
C ILE A 8 -23.15 -56.90 -17.67
N LYS A 9 -23.26 -55.89 -18.52
CA LYS A 9 -22.23 -55.77 -19.57
C LYS A 9 -21.06 -55.00 -19.01
N LEU A 10 -19.87 -55.62 -18.97
CA LEU A 10 -18.69 -54.98 -18.42
C LEU A 10 -18.07 -54.00 -19.42
N SER A 11 -17.25 -53.07 -18.91
CA SER A 11 -16.57 -52.11 -19.75
C SER A 11 -15.70 -52.82 -20.79
N SER A 12 -15.33 -54.08 -20.53
CA SER A 12 -14.53 -54.85 -21.46
C SER A 12 -15.38 -55.37 -22.62
N GLY A 13 -16.69 -55.24 -22.52
CA GLY A 13 -17.56 -55.77 -23.57
C GLY A 13 -18.16 -57.13 -23.21
N HIS A 14 -17.54 -57.83 -22.25
CA HIS A 14 -18.05 -59.15 -21.85
C HIS A 14 -19.20 -59.08 -20.86
N LEU A 15 -20.10 -60.05 -20.91
CA LEU A 15 -21.22 -60.08 -19.98
C LEU A 15 -20.81 -60.85 -18.73
N MET A 16 -21.26 -60.37 -17.58
CA MET A 16 -20.98 -61.02 -16.30
C MET A 16 -22.30 -61.23 -15.55
N PRO A 17 -22.60 -62.48 -15.15
CA PRO A 17 -23.82 -62.75 -14.41
C PRO A 17 -23.90 -61.87 -13.18
N SER A 18 -25.07 -61.32 -12.91
CA SER A 18 -25.21 -60.41 -11.77
C SER A 18 -25.32 -61.16 -10.45
N ILE A 19 -25.48 -62.48 -10.53
CA ILE A 19 -25.55 -63.33 -9.34
C ILE A 19 -24.59 -64.47 -9.55
N GLY A 20 -23.70 -64.68 -8.59
CA GLY A 20 -22.73 -65.75 -8.69
C GLY A 20 -22.69 -66.56 -7.40
N PHE A 21 -21.83 -67.59 -7.41
CA PHE A 21 -21.64 -68.51 -6.30
C PHE A 21 -20.27 -68.24 -5.71
N GLY A 22 -20.24 -67.89 -4.44
CA GLY A 22 -19.00 -67.58 -3.75
C GLY A 22 -18.26 -68.85 -3.39
N CYS A 23 -16.95 -68.89 -3.67
CA CYS A 23 -16.12 -70.04 -3.33
C CYS A 23 -15.23 -69.85 -2.09
N TRP A 24 -15.30 -68.68 -1.42
CA TRP A 24 -14.44 -68.51 -0.21
C TRP A 24 -14.85 -69.50 0.87
N LYS A 25 -13.90 -70.19 1.47
CA LYS A 25 -14.24 -71.17 2.53
C LYS A 25 -15.02 -72.41 2.09
N LEU A 26 -15.12 -72.65 0.78
CA LEU A 26 -15.76 -73.86 0.30
C LEU A 26 -14.71 -74.96 0.61
N ALA A 27 -15.07 -75.97 1.41
CA ALA A 27 -14.10 -77.01 1.79
C ALA A 27 -13.56 -77.79 0.59
N ASN A 28 -12.27 -78.08 0.59
CA ASN A 28 -11.70 -78.80 -0.55
C ASN A 28 -12.38 -80.13 -0.85
N ALA A 29 -12.72 -80.89 0.20
CA ALA A 29 -13.34 -82.19 0.01
C ALA A 29 -14.67 -82.17 -0.69
N THR A 30 -15.44 -81.08 -0.53
CA THR A 30 -16.76 -81.02 -1.16
C THR A 30 -16.93 -79.92 -2.21
N ALA A 31 -15.90 -79.10 -2.40
CA ALA A 31 -16.00 -77.99 -3.36
C ALA A 31 -16.46 -78.40 -4.75
N GLY A 32 -15.85 -79.45 -5.29
CA GLY A 32 -16.22 -79.94 -6.60
C GLY A 32 -17.72 -80.25 -6.71
N GLU A 33 -18.21 -81.05 -5.77
CA GLU A 33 -19.62 -81.40 -5.77
C GLU A 33 -20.47 -80.16 -5.58
N GLN A 34 -20.09 -79.24 -4.69
CA GLN A 34 -20.92 -78.06 -4.48
C GLN A 34 -21.01 -77.18 -5.73
N VAL A 35 -19.89 -77.02 -6.43
CA VAL A 35 -19.85 -76.20 -7.64
C VAL A 35 -20.73 -76.90 -8.71
N TYR A 36 -20.57 -78.23 -8.83
CA TYR A 36 -21.34 -79.01 -9.75
C TYR A 36 -22.83 -78.85 -9.43
N GLN A 37 -23.22 -78.92 -8.16
CA GLN A 37 -24.66 -78.75 -7.82
C GLN A 37 -25.12 -77.31 -8.12
N ALA A 38 -24.25 -76.34 -7.85
CA ALA A 38 -24.61 -74.93 -8.12
C ALA A 38 -24.89 -74.79 -9.62
N ILE A 39 -24.08 -75.41 -10.47
CA ILE A 39 -24.29 -75.35 -11.92
C ILE A 39 -25.66 -75.97 -12.26
N LYS A 40 -25.95 -77.12 -11.66
CA LYS A 40 -27.26 -77.73 -11.93
C LYS A 40 -28.36 -76.79 -11.47
N ALA A 41 -28.16 -76.03 -10.39
CA ALA A 41 -29.18 -75.10 -9.90
C ALA A 41 -29.27 -73.80 -10.72
N GLY A 42 -28.46 -73.68 -11.77
CA GLY A 42 -28.51 -72.48 -12.60
C GLY A 42 -27.39 -71.45 -12.44
N TYR A 43 -26.49 -71.63 -11.46
CA TYR A 43 -25.39 -70.65 -11.33
C TYR A 43 -24.40 -70.82 -12.47
N ARG A 44 -23.83 -69.71 -12.94
CA ARG A 44 -22.87 -69.75 -14.00
C ARG A 44 -21.57 -68.99 -13.69
N LEU A 45 -21.60 -68.07 -12.72
CA LEU A 45 -20.41 -67.35 -12.28
C LEU A 45 -19.95 -67.97 -10.95
N PHE A 46 -18.64 -68.23 -10.88
CA PHE A 46 -18.02 -68.76 -9.66
C PHE A 46 -16.92 -67.81 -9.26
N ASP A 47 -17.06 -67.25 -8.07
CA ASP A 47 -16.09 -66.29 -7.58
C ASP A 47 -15.06 -67.01 -6.74
N GLY A 48 -13.86 -67.20 -7.30
CA GLY A 48 -12.82 -67.93 -6.59
C GLY A 48 -11.60 -67.08 -6.37
N ALA A 49 -10.51 -67.69 -5.93
CA ALA A 49 -9.28 -66.93 -5.70
C ALA A 49 -8.19 -67.88 -5.35
N GLU A 50 -6.96 -67.47 -5.66
CA GLU A 50 -5.80 -68.29 -5.31
C GLU A 50 -5.79 -68.52 -3.79
N ASP A 51 -6.06 -67.45 -3.03
CA ASP A 51 -6.04 -67.57 -1.58
C ASP A 51 -7.05 -68.57 -1.05
N TYR A 52 -8.12 -68.89 -1.79
CA TYR A 52 -9.12 -69.81 -1.20
C TYR A 52 -8.60 -71.25 -1.10
N GLY A 53 -7.53 -71.51 -1.84
CA GLY A 53 -6.88 -72.81 -1.81
C GLY A 53 -7.68 -73.99 -2.32
N ASN A 54 -8.70 -73.74 -3.11
CA ASN A 54 -9.57 -74.81 -3.62
C ASN A 54 -9.85 -74.67 -5.10
N GLU A 55 -8.99 -73.95 -5.82
CA GLU A 55 -9.29 -73.80 -7.24
C GLU A 55 -9.22 -75.12 -8.01
N LYS A 56 -8.39 -76.05 -7.55
CA LYS A 56 -8.33 -77.31 -8.27
C LYS A 56 -9.70 -78.01 -8.19
N GLU A 57 -10.31 -77.95 -7.01
CA GLU A 57 -11.62 -78.59 -6.77
C GLU A 57 -12.77 -77.86 -7.45
N VAL A 58 -12.70 -76.53 -7.48
CA VAL A 58 -13.70 -75.76 -8.21
C VAL A 58 -13.58 -76.21 -9.66
N GLY A 59 -12.34 -76.34 -10.15
CA GLY A 59 -12.13 -76.79 -11.52
C GLY A 59 -12.73 -78.18 -11.77
N ASP A 60 -12.63 -79.06 -10.77
CA ASP A 60 -13.21 -80.42 -10.91
C ASP A 60 -14.71 -80.34 -11.11
N GLY A 61 -15.38 -79.49 -10.32
CA GLY A 61 -16.83 -79.33 -10.45
C GLY A 61 -17.26 -78.80 -11.81
N VAL A 62 -16.55 -77.79 -12.32
CA VAL A 62 -16.88 -77.24 -13.63
C VAL A 62 -16.62 -78.30 -14.75
N LYS A 63 -15.48 -78.97 -14.68
CA LYS A 63 -15.14 -80.01 -15.67
C LYS A 63 -16.19 -81.14 -15.70
N ARG A 64 -16.66 -81.57 -14.55
CA ARG A 64 -17.65 -82.65 -14.51
C ARG A 64 -18.90 -82.18 -15.23
N ALA A 65 -19.32 -80.94 -14.96
CA ALA A 65 -20.53 -80.44 -15.61
C ALA A 65 -20.39 -80.32 -17.11
N ILE A 66 -19.20 -79.92 -17.57
CA ILE A 66 -18.96 -79.80 -19.01
C ILE A 66 -18.90 -81.20 -19.61
N ASP A 67 -18.25 -82.12 -18.90
CA ASP A 67 -18.10 -83.47 -19.40
C ASP A 67 -19.46 -84.19 -19.54
N GLU A 68 -20.43 -83.83 -18.70
CA GLU A 68 -21.76 -84.42 -18.78
C GLU A 68 -22.63 -83.65 -19.74
N GLY A 69 -22.06 -82.59 -20.34
CA GLY A 69 -22.81 -81.77 -21.29
C GLY A 69 -23.83 -80.80 -20.67
N LEU A 70 -23.75 -80.50 -19.38
CA LEU A 70 -24.72 -79.59 -18.77
C LEU A 70 -24.48 -78.16 -19.26
N VAL A 71 -23.21 -77.82 -19.49
CA VAL A 71 -22.84 -76.48 -19.96
C VAL A 71 -21.59 -76.62 -20.79
N LYS A 72 -21.22 -75.56 -21.49
CA LYS A 72 -19.97 -75.52 -22.25
C LYS A 72 -19.08 -74.47 -21.53
N ARG A 73 -17.78 -74.52 -21.77
CA ARG A 73 -16.86 -73.58 -21.12
C ARG A 73 -17.34 -72.13 -21.27
N GLU A 74 -17.75 -71.77 -22.48
CA GLU A 74 -18.18 -70.40 -22.77
C GLU A 74 -19.37 -69.95 -21.96
N GLU A 75 -20.14 -70.87 -21.39
CA GLU A 75 -21.31 -70.47 -20.61
C GLU A 75 -21.00 -70.25 -19.13
N ILE A 76 -19.80 -70.63 -18.74
CA ILE A 76 -19.34 -70.46 -17.35
C ILE A 76 -18.46 -69.20 -17.21
N PHE A 77 -18.65 -68.43 -16.13
CA PHE A 77 -17.85 -67.21 -15.91
C PHE A 77 -16.99 -67.51 -14.70
N LEU A 78 -15.70 -67.69 -14.90
CA LEU A 78 -14.81 -67.97 -13.78
C LEU A 78 -14.04 -66.74 -13.35
N THR A 79 -14.21 -66.34 -12.09
CA THR A 79 -13.42 -65.22 -11.57
C THR A 79 -12.32 -65.77 -10.66
N SER A 80 -11.09 -65.27 -10.78
CA SER A 80 -10.07 -65.62 -9.81
C SER A 80 -9.39 -64.31 -9.34
N LYS A 81 -8.48 -64.41 -8.40
CA LYS A 81 -7.85 -63.23 -7.87
C LYS A 81 -6.38 -63.51 -7.61
N LEU A 82 -5.55 -62.55 -7.98
CA LEU A 82 -4.11 -62.59 -7.81
C LEU A 82 -3.80 -62.31 -6.33
N TRP A 83 -3.16 -63.24 -5.61
CA TRP A 83 -2.87 -63.00 -4.21
C TRP A 83 -1.70 -62.03 -3.97
N ASN A 84 -1.62 -61.50 -2.76
CA ASN A 84 -0.64 -60.44 -2.39
C ASN A 84 0.84 -60.75 -2.64
N ASN A 85 1.23 -62.01 -2.52
CA ASN A 85 2.64 -62.35 -2.73
C ASN A 85 3.07 -62.32 -4.19
N TYR A 86 2.11 -62.12 -5.12
CA TYR A 86 2.42 -62.21 -6.53
C TYR A 86 2.27 -60.92 -7.32
N HIS A 87 2.50 -59.77 -6.68
CA HIS A 87 2.35 -58.51 -7.38
C HIS A 87 3.54 -58.12 -8.29
N ASP A 88 4.74 -58.62 -7.97
CA ASP A 88 5.94 -58.29 -8.80
C ASP A 88 5.60 -58.81 -10.20
N PRO A 89 5.69 -57.95 -11.25
CA PRO A 89 5.33 -58.36 -12.61
C PRO A 89 5.74 -59.74 -13.09
N LYS A 90 7.00 -60.09 -12.83
CA LYS A 90 7.49 -61.40 -13.28
C LYS A 90 6.78 -62.56 -12.59
N ASN A 91 6.10 -62.32 -11.46
CA ASN A 91 5.40 -63.41 -10.78
C ASN A 91 3.90 -63.46 -11.12
N VAL A 92 3.41 -62.50 -11.90
CA VAL A 92 1.97 -62.47 -12.19
C VAL A 92 1.59 -63.58 -13.14
N GLU A 93 2.36 -63.78 -14.20
CA GLU A 93 1.97 -64.86 -15.13
C GLU A 93 2.10 -66.23 -14.49
N THR A 94 3.14 -66.43 -13.68
CA THR A 94 3.29 -67.75 -13.03
C THR A 94 2.10 -68.01 -12.08
N ALA A 95 1.67 -66.97 -11.37
CA ALA A 95 0.53 -67.15 -10.45
C ALA A 95 -0.73 -67.43 -11.27
N LEU A 96 -0.94 -66.67 -12.34
CA LEU A 96 -2.12 -66.91 -13.18
C LEU A 96 -2.08 -68.33 -13.79
N ASN A 97 -0.90 -68.77 -14.23
CA ASN A 97 -0.81 -70.12 -14.81
C ASN A 97 -1.17 -71.22 -13.80
N LYS A 98 -0.82 -70.98 -12.54
CA LYS A 98 -1.12 -71.94 -11.51
C LYS A 98 -2.67 -71.99 -11.38
N THR A 99 -3.30 -70.81 -11.41
CA THR A 99 -4.76 -70.73 -11.32
C THR A 99 -5.40 -71.43 -12.52
N LEU A 100 -4.85 -71.20 -13.71
CA LEU A 100 -5.40 -71.81 -14.92
C LEU A 100 -5.22 -73.31 -14.89
N ALA A 101 -4.05 -73.77 -14.44
CA ALA A 101 -3.82 -75.21 -14.39
C ALA A 101 -4.76 -75.84 -13.33
N ASP A 102 -4.94 -75.17 -12.19
CA ASP A 102 -5.83 -75.72 -11.15
C ASP A 102 -7.29 -75.80 -11.65
N LEU A 103 -7.76 -74.72 -12.27
CA LEU A 103 -9.14 -74.68 -12.77
C LEU A 103 -9.30 -75.52 -14.02
N LYS A 104 -8.18 -75.91 -14.62
CA LYS A 104 -8.22 -76.71 -15.84
C LYS A 104 -8.85 -75.99 -17.04
N VAL A 105 -8.49 -74.72 -17.24
CA VAL A 105 -9.05 -73.93 -18.33
C VAL A 105 -7.89 -73.17 -18.98
N ASP A 106 -8.16 -72.59 -20.13
CA ASP A 106 -7.14 -71.84 -20.86
C ASP A 106 -7.17 -70.35 -20.57
N TYR A 107 -8.28 -69.88 -20.02
CA TYR A 107 -8.43 -68.46 -19.68
C TYR A 107 -9.40 -68.33 -18.52
N VAL A 108 -9.29 -67.23 -17.76
CA VAL A 108 -10.26 -66.94 -16.71
C VAL A 108 -11.04 -65.77 -17.25
N ASP A 109 -12.32 -65.68 -16.87
CA ASP A 109 -13.15 -64.59 -17.35
C ASP A 109 -12.86 -63.30 -16.63
N LEU A 110 -12.48 -63.39 -15.37
CA LEU A 110 -12.19 -62.14 -14.65
C LEU A 110 -11.05 -62.44 -13.71
N PHE A 111 -10.03 -61.58 -13.70
CA PHE A 111 -8.90 -61.80 -12.80
C PHE A 111 -8.73 -60.48 -12.06
N LEU A 112 -8.78 -60.55 -10.73
CA LEU A 112 -8.69 -59.33 -9.89
C LEU A 112 -7.45 -59.26 -9.03
N ILE A 113 -6.96 -58.06 -8.81
CA ILE A 113 -5.88 -57.88 -7.86
C ILE A 113 -6.66 -58.00 -6.52
N HIS A 114 -6.30 -59.00 -5.71
CA HIS A 114 -7.09 -59.28 -4.51
C HIS A 114 -7.07 -58.17 -3.49
N PHE A 115 -5.89 -57.62 -3.24
CA PHE A 115 -5.74 -56.48 -2.28
C PHE A 115 -4.62 -55.59 -2.81
N PRO A 116 -4.67 -54.29 -2.50
CA PRO A 116 -3.63 -53.34 -2.96
C PRO A 116 -2.50 -53.45 -1.96
N ILE A 117 -1.98 -54.66 -1.80
CA ILE A 117 -0.94 -54.97 -0.83
C ILE A 117 0.03 -55.94 -1.51
N ALA A 118 1.33 -55.72 -1.35
CA ALA A 118 2.34 -56.56 -1.99
C ALA A 118 3.25 -57.24 -0.98
N PHE A 119 2.91 -58.50 -0.70
CA PHE A 119 3.73 -59.33 0.19
C PHE A 119 4.96 -59.87 -0.60
N LYS A 120 6.04 -60.16 0.11
CA LYS A 120 7.23 -60.77 -0.50
C LYS A 120 6.85 -62.08 -1.20
N PHE A 121 7.40 -62.31 -2.39
CA PHE A 121 7.10 -63.54 -3.14
C PHE A 121 7.53 -64.79 -2.37
N VAL A 122 6.68 -65.83 -2.42
CA VAL A 122 6.96 -67.13 -1.76
C VAL A 122 6.72 -68.15 -2.87
N PRO A 123 7.73 -69.01 -3.14
CA PRO A 123 7.55 -70.01 -4.21
C PRO A 123 6.36 -70.91 -3.89
N ILE A 124 5.63 -71.28 -4.93
CA ILE A 124 4.47 -72.19 -4.81
C ILE A 124 4.87 -73.50 -4.09
N GLU A 125 6.06 -74.01 -4.39
CA GLU A 125 6.54 -75.26 -3.81
C GLU A 125 6.84 -75.11 -2.32
N GLU A 126 7.18 -73.90 -1.88
CA GLU A 126 7.42 -73.69 -0.48
C GLU A 126 6.10 -73.68 0.31
N LYS A 127 5.10 -72.96 -0.19
CA LYS A 127 3.81 -72.93 0.50
C LYS A 127 2.74 -72.40 -0.44
N TYR A 128 1.64 -73.14 -0.59
CA TYR A 128 0.55 -72.68 -1.48
C TYR A 128 -0.85 -73.14 -1.05
N PRO A 129 -1.79 -72.21 -0.84
CA PRO A 129 -1.67 -70.74 -0.95
C PRO A 129 -0.86 -70.25 0.26
N PRO A 130 -0.08 -69.16 0.07
CA PRO A 130 0.72 -68.70 1.19
C PRO A 130 0.04 -67.93 2.28
N GLY A 131 -1.15 -67.40 1.98
CA GLY A 131 -1.84 -66.63 2.99
C GLY A 131 -0.98 -65.45 3.44
N PHE A 132 -0.75 -65.35 4.76
CA PHE A 132 0.03 -64.24 5.32
C PHE A 132 1.49 -64.57 5.43
N TYR A 133 1.87 -65.76 5.00
CA TYR A 133 3.28 -66.15 5.07
C TYR A 133 4.08 -65.35 4.03
N CYS A 134 5.17 -64.72 4.47
CA CYS A 134 6.02 -63.89 3.62
C CYS A 134 7.47 -64.36 3.54
N GLY A 135 7.72 -65.63 3.86
CA GLY A 135 9.08 -66.15 3.76
C GLY A 135 9.95 -65.99 4.98
N ASP A 136 9.37 -65.54 6.08
CA ASP A 136 10.17 -65.28 7.28
C ASP A 136 9.35 -65.53 8.53
N GLY A 137 9.09 -66.80 8.81
CA GLY A 137 8.32 -67.12 9.99
C GLY A 137 6.96 -66.44 9.94
N ASN A 138 6.56 -65.86 11.05
CA ASN A 138 5.27 -65.17 11.13
C ASN A 138 5.36 -63.68 10.73
N ASN A 139 6.55 -63.23 10.34
CA ASN A 139 6.74 -61.84 9.98
C ASN A 139 6.17 -61.42 8.65
N PHE A 140 5.55 -60.25 8.59
CA PHE A 140 5.06 -59.78 7.31
C PHE A 140 6.27 -59.12 6.63
N VAL A 141 6.45 -59.35 5.34
CA VAL A 141 7.54 -58.72 4.60
C VAL A 141 6.89 -58.31 3.29
N TYR A 142 7.19 -57.08 2.86
CA TYR A 142 6.56 -56.50 1.68
C TYR A 142 7.50 -56.25 0.51
N GLU A 143 6.94 -56.04 -0.69
CA GLU A 143 7.73 -55.71 -1.90
C GLU A 143 7.38 -54.31 -2.40
N ASP A 144 8.37 -53.58 -2.91
CA ASP A 144 8.16 -52.21 -3.41
C ASP A 144 7.69 -52.28 -4.86
N VAL A 145 6.45 -52.72 -5.04
CA VAL A 145 5.88 -52.85 -6.36
C VAL A 145 4.61 -52.01 -6.45
N PRO A 146 4.67 -50.88 -7.17
CA PRO A 146 3.47 -50.03 -7.29
C PRO A 146 2.35 -50.79 -7.96
N ILE A 147 1.12 -50.47 -7.58
CA ILE A 147 -0.04 -51.10 -8.16
C ILE A 147 -0.01 -51.10 -9.70
N LEU A 148 0.41 -49.98 -10.30
CA LEU A 148 0.39 -49.87 -11.77
C LEU A 148 1.27 -50.87 -12.47
N GLU A 149 2.39 -51.23 -11.84
CA GLU A 149 3.28 -52.23 -12.46
C GLU A 149 2.52 -53.56 -12.54
N THR A 150 1.84 -53.90 -11.45
CA THR A 150 1.08 -55.14 -11.40
C THR A 150 -0.01 -55.08 -12.42
N TRP A 151 -0.72 -53.95 -12.47
CA TRP A 151 -1.80 -53.78 -13.45
C TRP A 151 -1.31 -53.95 -14.90
N LYS A 152 -0.17 -53.34 -15.23
CA LYS A 152 0.35 -53.47 -16.61
C LYS A 152 0.67 -54.92 -16.91
N ALA A 153 1.14 -55.67 -15.91
CA ALA A 153 1.40 -57.09 -16.14
C ALA A 153 0.08 -57.81 -16.49
N LEU A 154 -1.01 -57.43 -15.80
CA LEU A 154 -2.30 -58.04 -16.08
C LEU A 154 -2.77 -57.65 -17.48
N GLU A 155 -2.52 -56.40 -17.88
CA GLU A 155 -2.97 -56.00 -19.22
C GLU A 155 -2.30 -56.83 -20.31
N LYS A 156 -1.04 -57.19 -20.14
CA LYS A 156 -0.38 -58.00 -21.16
C LYS A 156 -1.01 -59.39 -21.23
N LEU A 157 -1.49 -59.86 -20.07
CA LEU A 157 -2.11 -61.17 -20.03
C LEU A 157 -3.48 -61.16 -20.72
N VAL A 158 -4.16 -60.01 -20.72
CA VAL A 158 -5.42 -59.93 -21.45
C VAL A 158 -5.05 -60.01 -22.96
N ALA A 159 -4.04 -59.24 -23.34
CA ALA A 159 -3.57 -59.26 -24.74
C ALA A 159 -3.20 -60.70 -25.16
N ALA A 160 -2.64 -61.48 -24.24
CA ALA A 160 -2.26 -62.86 -24.57
C ALA A 160 -3.44 -63.84 -24.60
N GLY A 161 -4.63 -63.35 -24.30
CA GLY A 161 -5.84 -64.17 -24.33
C GLY A 161 -6.05 -65.09 -23.13
N LYS A 162 -5.31 -64.86 -22.04
CA LYS A 162 -5.41 -65.71 -20.83
C LYS A 162 -6.42 -65.19 -19.79
N ILE A 163 -6.85 -63.95 -20.00
CA ILE A 163 -7.82 -63.30 -19.13
C ILE A 163 -8.75 -62.49 -19.99
N LYS A 164 -10.06 -62.61 -19.78
CA LYS A 164 -11.02 -61.83 -20.58
C LYS A 164 -11.20 -60.40 -20.05
N SER A 165 -11.37 -60.27 -18.74
CA SER A 165 -11.58 -58.96 -18.10
C SER A 165 -10.72 -58.89 -16.85
N ILE A 166 -10.23 -57.70 -16.52
CA ILE A 166 -9.38 -57.53 -15.31
C ILE A 166 -10.03 -56.49 -14.41
N GLY A 167 -9.73 -56.55 -13.11
CA GLY A 167 -10.33 -55.65 -12.17
C GLY A 167 -9.59 -55.67 -10.86
N VAL A 168 -10.17 -54.99 -9.87
CA VAL A 168 -9.53 -54.91 -8.58
C VAL A 168 -10.50 -55.14 -7.44
N SER A 169 -9.93 -55.48 -6.31
CA SER A 169 -10.73 -55.75 -5.14
C SER A 169 -10.15 -54.97 -3.98
N ASN A 170 -11.00 -54.48 -3.07
CA ASN A 170 -10.50 -53.80 -1.88
C ASN A 170 -9.65 -52.55 -2.13
N PHE A 171 -10.04 -51.81 -3.16
CA PHE A 171 -9.39 -50.54 -3.50
C PHE A 171 -10.29 -49.39 -3.05
N PRO A 172 -9.71 -48.42 -2.31
CA PRO A 172 -10.51 -47.26 -1.88
C PRO A 172 -10.52 -46.29 -3.08
N GLY A 173 -11.32 -45.22 -3.00
CA GLY A 173 -11.48 -44.35 -4.13
C GLY A 173 -10.26 -43.66 -4.69
N ALA A 174 -9.39 -43.15 -3.83
CA ALA A 174 -8.20 -42.43 -4.29
C ALA A 174 -7.28 -43.31 -5.10
N LEU A 175 -7.20 -44.58 -4.68
CA LEU A 175 -6.31 -45.53 -5.34
C LEU A 175 -6.88 -45.99 -6.68
N LEU A 176 -8.20 -46.19 -6.72
CA LEU A 176 -8.84 -46.56 -7.96
C LEU A 176 -8.67 -45.40 -8.97
N LEU A 177 -8.86 -44.17 -8.49
CA LEU A 177 -8.74 -43.02 -9.40
C LEU A 177 -7.34 -42.95 -9.97
N ASP A 178 -6.32 -43.16 -9.15
CA ASP A 178 -4.96 -43.06 -9.65
C ASP A 178 -4.71 -44.18 -10.64
N LEU A 179 -5.26 -45.37 -10.40
CA LEU A 179 -5.07 -46.46 -11.35
C LEU A 179 -5.72 -46.10 -12.70
N LEU A 180 -6.90 -45.48 -12.69
CA LEU A 180 -7.55 -45.12 -13.96
C LEU A 180 -6.66 -44.19 -14.78
N ARG A 181 -5.83 -43.38 -14.09
CA ARG A 181 -4.92 -42.48 -14.83
C ARG A 181 -3.82 -43.24 -15.56
N GLY A 182 -3.43 -44.42 -15.08
CA GLY A 182 -2.36 -45.14 -15.77
C GLY A 182 -2.78 -46.36 -16.57
N ALA A 183 -4.03 -46.75 -16.38
CA ALA A 183 -4.56 -47.95 -17.01
C ALA A 183 -4.88 -47.80 -18.49
N THR A 184 -4.49 -48.78 -19.30
CA THR A 184 -4.84 -48.75 -20.71
C THR A 184 -6.17 -49.50 -20.85
N ILE A 185 -6.25 -50.64 -20.14
CA ILE A 185 -7.51 -51.40 -20.05
C ILE A 185 -8.05 -50.93 -18.69
N LYS A 186 -9.21 -50.30 -18.69
CA LYS A 186 -9.74 -49.82 -17.42
C LYS A 186 -10.25 -50.98 -16.57
N PRO A 187 -10.08 -50.90 -15.25
CA PRO A 187 -10.54 -51.95 -14.33
C PRO A 187 -12.05 -52.13 -14.60
N ALA A 188 -12.47 -53.32 -14.99
CA ALA A 188 -13.88 -53.56 -15.31
C ALA A 188 -14.73 -53.78 -14.07
N VAL A 189 -14.09 -54.22 -12.99
CA VAL A 189 -14.80 -54.51 -11.76
C VAL A 189 -14.06 -54.04 -10.55
N LEU A 190 -14.84 -53.56 -9.58
CA LEU A 190 -14.31 -53.19 -8.29
C LEU A 190 -15.07 -54.12 -7.34
N GLN A 191 -14.37 -55.05 -6.69
CA GLN A 191 -15.07 -55.95 -5.74
C GLN A 191 -14.73 -55.47 -4.29
N VAL A 192 -15.77 -55.12 -3.53
CA VAL A 192 -15.52 -54.63 -2.16
C VAL A 192 -16.54 -55.18 -1.16
N GLU A 193 -16.16 -55.10 0.11
CA GLU A 193 -17.04 -55.50 1.20
C GLU A 193 -18.24 -54.55 1.07
N HIS A 194 -19.47 -55.06 1.11
CA HIS A 194 -20.63 -54.16 0.90
C HIS A 194 -21.90 -54.75 1.51
N HIS A 195 -22.39 -54.08 2.54
CA HIS A 195 -23.59 -54.51 3.26
C HIS A 195 -24.13 -53.28 3.96
N PRO A 196 -25.34 -53.38 4.55
CA PRO A 196 -25.88 -52.18 5.20
C PRO A 196 -25.04 -51.47 6.27
N TYR A 197 -24.08 -52.15 6.91
CA TYR A 197 -23.27 -51.46 7.93
C TYR A 197 -22.04 -50.76 7.32
N LEU A 198 -21.78 -51.01 6.04
CA LEU A 198 -20.60 -50.41 5.36
C LEU A 198 -21.07 -50.16 3.94
N GLN A 199 -21.85 -49.08 3.77
CA GLN A 199 -22.43 -48.78 2.47
C GLN A 199 -21.59 -48.05 1.46
N GLN A 200 -20.65 -47.25 1.94
CA GLN A 200 -19.71 -46.48 1.07
C GLN A 200 -20.39 -45.99 -0.19
N PRO A 201 -21.55 -45.33 -0.04
CA PRO A 201 -22.32 -44.84 -1.18
C PRO A 201 -21.54 -43.97 -2.17
N LYS A 202 -20.60 -43.15 -1.69
CA LYS A 202 -19.82 -42.32 -2.62
C LYS A 202 -18.86 -43.13 -3.49
N LEU A 203 -18.24 -44.14 -2.88
CA LEU A 203 -17.34 -44.98 -3.64
C LEU A 203 -18.18 -45.70 -4.72
N ILE A 204 -19.35 -46.21 -4.34
CA ILE A 204 -20.21 -46.90 -5.31
C ILE A 204 -20.58 -45.95 -6.46
N GLU A 205 -20.99 -44.75 -6.09
CA GLU A 205 -21.41 -43.76 -7.08
C GLU A 205 -20.25 -43.40 -8.02
N PHE A 206 -19.07 -43.14 -7.45
CA PHE A 206 -17.95 -42.81 -8.29
C PHE A 206 -17.59 -43.95 -9.28
N ALA A 207 -17.50 -45.18 -8.77
CA ALA A 207 -17.11 -46.28 -9.64
C ALA A 207 -18.14 -46.52 -10.74
N GLN A 208 -19.42 -46.54 -10.38
CA GLN A 208 -20.45 -46.77 -11.38
C GLN A 208 -20.42 -45.66 -12.44
N LYS A 209 -20.22 -44.42 -12.03
CA LYS A 209 -20.19 -43.34 -13.03
C LYS A 209 -18.96 -43.45 -13.91
N ALA A 210 -17.91 -44.10 -13.40
CA ALA A 210 -16.72 -44.27 -14.19
C ALA A 210 -16.83 -45.49 -15.09
N GLY A 211 -17.97 -46.18 -15.05
CA GLY A 211 -18.16 -47.36 -15.89
C GLY A 211 -17.62 -48.65 -15.27
N VAL A 212 -17.19 -48.58 -14.01
CA VAL A 212 -16.68 -49.76 -13.29
C VAL A 212 -17.88 -50.47 -12.63
N THR A 213 -17.93 -51.80 -12.78
CA THR A 213 -19.04 -52.58 -12.22
C THR A 213 -18.66 -53.00 -10.82
N ILE A 214 -19.61 -52.89 -9.88
CA ILE A 214 -19.35 -53.26 -8.48
C ILE A 214 -19.79 -54.70 -8.21
N THR A 215 -18.94 -55.47 -7.52
CA THR A 215 -19.34 -56.80 -7.05
C THR A 215 -19.20 -56.67 -5.52
N ALA A 216 -20.28 -56.99 -4.82
CA ALA A 216 -20.28 -56.92 -3.39
C ALA A 216 -19.90 -58.25 -2.77
N TYR A 217 -19.14 -58.22 -1.68
CA TYR A 217 -18.91 -59.49 -0.96
C TYR A 217 -19.35 -59.26 0.48
N SER A 218 -19.55 -60.34 1.23
CA SER A 218 -20.04 -60.23 2.59
C SER A 218 -21.36 -59.44 2.59
N SER A 219 -22.25 -59.78 1.68
CA SER A 219 -23.56 -59.12 1.60
C SER A 219 -24.39 -59.31 2.87
N PHE A 220 -24.07 -60.34 3.65
CA PHE A 220 -24.79 -60.55 4.91
C PHE A 220 -24.04 -59.98 6.12
N GLY A 221 -23.10 -59.09 5.84
CA GLY A 221 -22.40 -58.44 6.92
C GLY A 221 -21.53 -59.30 7.79
N PRO A 222 -21.59 -59.12 9.11
CA PRO A 222 -20.79 -59.87 10.08
C PRO A 222 -20.87 -61.40 10.01
N GLN A 223 -21.90 -61.92 9.39
CA GLN A 223 -22.13 -63.37 9.31
C GLN A 223 -20.93 -64.26 8.88
N SER A 224 -20.30 -63.96 7.75
CA SER A 224 -19.18 -64.79 7.31
C SER A 224 -18.02 -64.74 8.31
N PHE A 225 -17.88 -63.61 8.99
CA PHE A 225 -16.79 -63.45 9.94
C PHE A 225 -17.14 -63.98 11.32
N VAL A 226 -18.43 -64.09 11.60
CA VAL A 226 -18.90 -64.68 12.86
C VAL A 226 -18.49 -66.16 12.73
N GLU A 227 -18.65 -66.69 11.52
CA GLU A 227 -18.31 -68.08 11.22
C GLU A 227 -16.81 -68.34 11.21
N MET A 228 -16.06 -67.39 11.77
CA MET A 228 -14.61 -67.51 11.85
C MET A 228 -14.17 -67.05 13.24
N ASN A 229 -15.15 -66.94 14.15
CA ASN A 229 -14.90 -66.52 15.53
C ASN A 229 -14.28 -65.12 15.61
N GLN A 230 -14.54 -64.26 14.63
CA GLN A 230 -13.96 -62.92 14.68
C GLN A 230 -14.65 -62.08 15.76
N GLY A 231 -13.83 -61.48 16.62
CA GLY A 231 -14.33 -60.66 17.72
C GLY A 231 -15.28 -59.56 17.32
N ARG A 232 -14.84 -58.71 16.39
CA ARG A 232 -15.67 -57.60 15.94
C ARG A 232 -17.05 -58.10 15.47
N ALA A 233 -17.06 -59.15 14.63
CA ALA A 233 -18.30 -59.69 14.06
C ALA A 233 -19.24 -60.35 15.08
N LEU A 234 -18.66 -61.03 16.06
CA LEU A 234 -19.45 -61.69 17.11
C LEU A 234 -20.13 -60.62 17.97
N ASN A 235 -19.45 -59.50 18.21
CA ASN A 235 -20.00 -58.42 19.02
C ASN A 235 -20.87 -57.46 18.19
N THR A 236 -21.31 -57.90 17.03
CA THR A 236 -22.13 -57.07 16.15
C THR A 236 -23.55 -57.60 15.93
N PRO A 237 -24.58 -56.79 16.23
CA PRO A 237 -25.98 -57.19 16.03
C PRO A 237 -26.10 -57.71 14.59
N THR A 238 -26.57 -58.93 14.39
CA THR A 238 -26.65 -59.46 13.02
C THR A 238 -27.64 -58.69 12.17
N LEU A 239 -27.41 -58.68 10.87
CA LEU A 239 -28.33 -58.02 9.96
C LEU A 239 -29.62 -58.84 9.83
N PHE A 240 -29.55 -60.13 10.17
CA PHE A 240 -30.74 -60.97 10.05
C PHE A 240 -31.80 -60.70 11.12
N ALA A 241 -31.38 -60.15 12.27
CA ALA A 241 -32.33 -59.87 13.34
C ALA A 241 -32.48 -58.37 13.57
N HIS A 242 -31.81 -57.57 12.74
CA HIS A 242 -31.90 -56.12 12.90
C HIS A 242 -33.34 -55.69 12.61
N ASP A 243 -33.90 -54.88 13.50
CA ASP A 243 -35.29 -54.44 13.32
C ASP A 243 -35.65 -53.93 11.95
N THR A 244 -34.78 -53.12 11.37
CA THR A 244 -35.06 -52.55 10.06
C THR A 244 -35.17 -53.61 8.99
N ILE A 245 -34.24 -54.57 8.99
CA ILE A 245 -34.27 -55.60 7.96
C ILE A 245 -35.46 -56.51 8.17
N LYS A 246 -35.66 -56.85 9.44
CA LYS A 246 -36.76 -57.72 9.87
C LYS A 246 -38.08 -57.14 9.39
N ALA A 247 -38.33 -55.89 9.74
CA ALA A 247 -39.57 -55.21 9.33
C ALA A 247 -39.78 -55.26 7.83
N ILE A 248 -38.72 -55.00 7.06
CA ILE A 248 -38.86 -55.01 5.61
C ILE A 248 -39.09 -56.40 5.06
N ALA A 249 -38.39 -57.40 5.60
CA ALA A 249 -38.60 -58.76 5.11
C ALA A 249 -40.09 -59.15 5.38
N ALA A 250 -40.57 -58.82 6.59
CA ALA A 250 -41.96 -59.14 6.97
C ALA A 250 -42.94 -58.49 5.98
N LYS A 251 -42.74 -57.20 5.78
CA LYS A 251 -43.57 -56.45 4.87
C LYS A 251 -43.73 -57.14 3.51
N TYR A 252 -42.67 -57.79 3.00
CA TYR A 252 -42.76 -58.43 1.69
C TYR A 252 -42.84 -59.95 1.73
N ASN A 253 -42.86 -60.53 2.92
CA ASN A 253 -42.85 -61.99 3.08
C ASN A 253 -41.62 -62.56 2.34
N LYS A 254 -40.48 -62.04 2.75
CA LYS A 254 -39.17 -62.41 2.22
C LYS A 254 -38.31 -62.71 3.42
N THR A 255 -37.20 -63.43 3.21
CA THR A 255 -36.29 -63.70 4.32
C THR A 255 -35.36 -62.49 4.46
N PRO A 256 -34.72 -62.31 5.61
CA PRO A 256 -33.83 -61.14 5.68
C PRO A 256 -32.73 -61.26 4.60
N ALA A 257 -32.31 -62.48 4.30
CA ALA A 257 -31.28 -62.65 3.29
C ALA A 257 -31.70 -62.15 1.93
N GLU A 258 -32.96 -62.40 1.56
CA GLU A 258 -33.42 -61.95 0.26
C GLU A 258 -33.45 -60.42 0.19
N VAL A 259 -33.86 -59.78 1.29
CA VAL A 259 -33.88 -58.31 1.33
C VAL A 259 -32.44 -57.82 1.20
N LEU A 260 -31.52 -58.44 1.90
CA LEU A 260 -30.12 -58.04 1.88
C LEU A 260 -29.49 -58.12 0.51
N LEU A 261 -29.85 -59.15 -0.24
CA LEU A 261 -29.33 -59.33 -1.59
C LEU A 261 -30.00 -58.37 -2.57
N ARG A 262 -31.31 -58.22 -2.46
CA ARG A 262 -32.01 -57.34 -3.41
C ARG A 262 -31.55 -55.89 -3.21
N TRP A 263 -31.28 -55.50 -1.98
CA TRP A 263 -30.81 -54.15 -1.65
C TRP A 263 -29.58 -53.75 -2.52
N ALA A 264 -28.67 -54.70 -2.70
CA ALA A 264 -27.50 -54.49 -3.54
C ALA A 264 -27.89 -54.62 -5.02
N ALA A 265 -28.57 -55.70 -5.37
CA ALA A 265 -28.91 -55.94 -6.79
C ALA A 265 -29.72 -54.87 -7.47
N GLN A 266 -30.68 -54.33 -6.76
CA GLN A 266 -31.55 -53.33 -7.35
C GLN A 266 -30.74 -52.08 -7.68
N ARG A 267 -29.57 -51.94 -7.07
CA ARG A 267 -28.72 -50.77 -7.35
C ARG A 267 -27.62 -51.08 -8.36
N GLY A 268 -27.82 -52.15 -9.13
CA GLY A 268 -26.87 -52.53 -10.15
C GLY A 268 -25.57 -53.16 -9.67
N ILE A 269 -25.54 -53.61 -8.42
CA ILE A 269 -24.34 -54.22 -7.85
C ILE A 269 -24.45 -55.75 -7.99
N ALA A 270 -23.38 -56.40 -8.47
CA ALA A 270 -23.40 -57.86 -8.61
C ALA A 270 -23.24 -58.50 -7.23
N VAL A 271 -23.84 -59.68 -7.04
CA VAL A 271 -23.72 -60.38 -5.73
C VAL A 271 -23.17 -61.80 -5.94
N ILE A 272 -22.48 -62.30 -4.94
CA ILE A 272 -21.84 -63.62 -5.04
C ILE A 272 -22.02 -64.32 -3.69
N PRO A 273 -23.29 -64.50 -3.26
CA PRO A 273 -23.52 -65.16 -1.97
C PRO A 273 -22.94 -66.56 -1.87
N LYS A 274 -22.46 -66.91 -0.68
CA LYS A 274 -21.99 -68.29 -0.47
C LYS A 274 -23.25 -69.04 0.00
N SER A 275 -23.75 -69.92 -0.86
CA SER A 275 -24.97 -70.70 -0.59
C SER A 275 -24.53 -72.08 -0.12
N ASN A 276 -24.46 -72.25 1.20
CA ASN A 276 -23.99 -73.51 1.77
C ASN A 276 -25.00 -74.61 2.07
N LEU A 277 -26.26 -74.37 1.75
CA LEU A 277 -27.34 -75.34 1.97
C LEU A 277 -28.17 -75.36 0.67
N PRO A 278 -28.82 -76.48 0.35
CA PRO A 278 -29.63 -76.56 -0.89
C PRO A 278 -30.73 -75.51 -1.04
N GLU A 279 -31.47 -75.26 0.05
CA GLU A 279 -32.54 -74.28 -0.04
C GLU A 279 -31.99 -72.87 -0.23
N ARG A 280 -30.87 -72.55 0.41
CA ARG A 280 -30.29 -71.22 0.26
C ARG A 280 -29.82 -71.05 -1.20
N LEU A 281 -29.25 -72.13 -1.75
CA LEU A 281 -28.78 -72.13 -3.13
C LEU A 281 -29.88 -71.56 -4.07
N VAL A 282 -31.09 -72.09 -3.93
CA VAL A 282 -32.21 -71.65 -4.75
C VAL A 282 -32.62 -70.23 -4.45
N GLN A 283 -32.85 -69.96 -3.17
CA GLN A 283 -33.27 -68.63 -2.74
C GLN A 283 -32.25 -67.56 -3.07
N ASN A 284 -30.97 -67.90 -2.97
CA ASN A 284 -29.94 -66.90 -3.21
C ASN A 284 -29.83 -66.43 -4.65
N ARG A 285 -30.54 -67.08 -5.58
CA ARG A 285 -30.52 -66.62 -6.97
C ARG A 285 -31.94 -66.30 -7.48
N SER A 286 -32.92 -66.41 -6.59
CA SER A 286 -34.33 -66.20 -6.99
C SER A 286 -34.97 -65.03 -6.28
N PHE A 287 -34.16 -64.17 -5.67
CA PHE A 287 -34.68 -63.04 -4.93
C PHE A 287 -35.11 -61.80 -5.74
N ASN A 288 -34.91 -61.78 -7.06
CA ASN A 288 -35.30 -60.60 -7.84
C ASN A 288 -36.78 -60.69 -8.24
N THR A 289 -37.68 -60.65 -7.26
CA THR A 289 -39.11 -60.74 -7.56
C THR A 289 -39.87 -59.62 -6.88
N PHE A 290 -39.15 -58.64 -6.37
CA PHE A 290 -39.80 -57.53 -5.70
C PHE A 290 -38.82 -56.37 -5.77
N ASP A 291 -39.32 -55.15 -5.61
CA ASP A 291 -38.47 -53.98 -5.64
C ASP A 291 -38.61 -53.30 -4.30
N LEU A 292 -37.49 -52.84 -3.75
CA LEU A 292 -37.47 -52.12 -2.49
C LEU A 292 -37.94 -50.71 -2.90
N THR A 293 -38.61 -50.01 -1.98
CA THR A 293 -39.09 -48.65 -2.29
C THR A 293 -38.07 -47.63 -1.83
N LYS A 294 -38.28 -46.39 -2.28
CA LYS A 294 -37.42 -45.29 -1.89
C LYS A 294 -37.41 -45.20 -0.37
N GLU A 295 -38.54 -45.45 0.28
CA GLU A 295 -38.54 -45.38 1.74
C GLU A 295 -37.74 -46.55 2.36
N ASP A 296 -37.86 -47.73 1.76
CA ASP A 296 -37.11 -48.90 2.25
C ASP A 296 -35.62 -48.54 2.19
N PHE A 297 -35.21 -47.99 1.05
CA PHE A 297 -33.80 -47.58 0.89
C PHE A 297 -33.41 -46.57 1.94
N GLU A 298 -34.29 -45.59 2.17
CA GLU A 298 -34.02 -44.58 3.17
C GLU A 298 -33.84 -45.20 4.54
N GLU A 299 -34.69 -46.17 4.86
CA GLU A 299 -34.60 -46.82 6.16
C GLU A 299 -33.30 -47.61 6.31
N ILE A 300 -32.96 -48.37 5.28
CA ILE A 300 -31.74 -49.17 5.32
C ILE A 300 -30.50 -48.25 5.35
N ALA A 301 -30.58 -47.08 4.71
CA ALA A 301 -29.42 -46.16 4.70
C ALA A 301 -29.03 -45.75 6.10
N LYS A 302 -29.98 -45.73 7.03
CA LYS A 302 -29.65 -45.35 8.41
C LYS A 302 -28.72 -46.34 9.12
N LEU A 303 -28.54 -47.55 8.56
CA LEU A 303 -27.67 -48.52 9.24
C LEU A 303 -26.19 -48.30 8.94
N ASP A 304 -25.89 -47.47 7.96
CA ASP A 304 -24.50 -47.25 7.55
C ASP A 304 -23.59 -46.60 8.58
N ILE A 305 -22.90 -47.41 9.37
CA ILE A 305 -22.03 -46.93 10.42
C ILE A 305 -20.55 -47.11 10.09
N GLY A 306 -20.25 -47.53 8.86
CA GLY A 306 -18.85 -47.72 8.47
C GLY A 306 -18.15 -48.84 9.22
N LEU A 307 -18.86 -49.91 9.53
CA LEU A 307 -18.27 -51.05 10.26
C LEU A 307 -17.70 -52.03 9.21
N ARG A 308 -16.39 -52.21 9.22
CA ARG A 308 -15.71 -53.02 8.22
C ARG A 308 -15.17 -54.28 8.84
N PHE A 309 -15.56 -55.44 8.30
CA PHE A 309 -15.06 -56.69 8.87
C PHE A 309 -13.76 -57.24 8.24
N ASN A 310 -13.47 -56.87 7.00
CA ASN A 310 -12.29 -57.41 6.31
C ASN A 310 -11.34 -56.23 6.14
N ASP A 311 -10.49 -56.02 7.14
CA ASP A 311 -9.62 -54.85 7.17
C ASP A 311 -8.15 -55.24 7.42
N PRO A 312 -7.25 -54.96 6.46
CA PRO A 312 -5.82 -55.27 6.57
C PRO A 312 -5.19 -54.54 7.76
N TRP A 313 -5.88 -53.54 8.31
CA TRP A 313 -5.32 -52.86 9.49
C TRP A 313 -5.20 -53.91 10.60
N ASP A 314 -6.14 -54.86 10.64
CA ASP A 314 -6.11 -55.96 11.63
C ASP A 314 -4.96 -56.93 11.41
N TRP A 315 -4.46 -57.04 10.17
CA TRP A 315 -3.35 -57.98 9.90
C TRP A 315 -2.02 -57.49 10.39
N ASP A 316 -1.65 -56.27 9.97
CA ASP A 316 -0.33 -55.71 10.30
C ASP A 316 -0.38 -54.19 10.19
N ASN A 317 -1.45 -53.60 10.67
CA ASN A 317 -1.66 -52.15 10.60
C ASN A 317 -1.38 -51.60 9.20
N ILE A 318 -1.85 -52.31 8.18
CA ILE A 318 -1.71 -51.92 6.77
C ILE A 318 -2.78 -50.84 6.52
N PRO A 319 -2.37 -49.63 6.10
CA PRO A 319 -3.32 -48.52 5.90
C PRO A 319 -4.22 -48.43 4.69
N ILE A 320 -4.75 -49.56 4.22
CA ILE A 320 -5.58 -49.49 3.04
C ILE A 320 -6.82 -48.60 3.20
N PHE A 321 -7.48 -48.72 4.35
CA PHE A 321 -8.73 -47.98 4.55
C PHE A 321 -8.64 -46.83 5.54
N VAL A 322 -7.49 -46.18 5.61
CA VAL A 322 -7.40 -45.07 6.56
C VAL A 322 -6.93 -43.79 5.83
N SER B 4 13.02 -21.34 20.83
CA SER B 4 11.77 -21.70 21.60
C SER B 4 10.77 -22.56 20.79
N ILE B 5 10.59 -22.26 19.50
CA ILE B 5 9.69 -23.08 18.64
C ILE B 5 10.55 -24.30 18.29
N PRO B 6 10.18 -25.51 18.74
CA PRO B 6 10.97 -26.72 18.44
C PRO B 6 11.01 -27.06 16.94
N ASP B 7 12.12 -27.63 16.49
CA ASP B 7 12.22 -28.03 15.08
C ASP B 7 11.98 -29.52 14.98
N ILE B 8 11.54 -29.98 13.81
CA ILE B 8 11.35 -31.40 13.60
C ILE B 8 12.37 -31.79 12.53
N LYS B 9 13.12 -32.87 12.75
CA LYS B 9 14.06 -33.29 11.72
C LYS B 9 13.29 -34.15 10.72
N LEU B 10 13.17 -33.68 9.48
CA LEU B 10 12.49 -34.43 8.43
C LEU B 10 13.35 -35.60 7.96
N SER B 11 12.74 -36.56 7.26
CA SER B 11 13.50 -37.71 6.74
C SER B 11 14.58 -37.26 5.74
N SER B 12 14.40 -36.08 5.14
CA SER B 12 15.38 -35.53 4.21
C SER B 12 16.67 -35.04 4.92
N GLY B 13 16.65 -35.01 6.25
CA GLY B 13 17.81 -34.50 6.98
C GLY B 13 17.68 -32.99 7.29
N HIS B 14 16.70 -32.29 6.70
CA HIS B 14 16.52 -30.84 7.00
C HIS B 14 15.56 -30.62 8.20
N LEU B 15 15.73 -29.51 8.92
CA LEU B 15 14.89 -29.19 10.08
C LEU B 15 13.71 -28.36 9.58
N MET B 16 12.56 -28.61 10.18
CA MET B 16 11.37 -27.88 9.82
C MET B 16 10.72 -27.40 11.11
N PRO B 17 10.51 -26.07 11.24
CA PRO B 17 9.88 -25.52 12.44
C PRO B 17 8.56 -26.21 12.70
N SER B 18 8.28 -26.54 13.96
CA SER B 18 7.06 -27.22 14.31
C SER B 18 5.83 -26.31 14.37
N ILE B 19 6.07 -25.00 14.32
CA ILE B 19 4.96 -24.04 14.36
C ILE B 19 5.19 -23.06 13.21
N GLY B 20 4.22 -22.95 12.31
CA GLY B 20 4.36 -22.03 11.19
C GLY B 20 3.22 -21.02 11.04
N PHE B 21 3.23 -20.28 9.92
CA PHE B 21 2.22 -19.24 9.65
C PHE B 21 1.51 -19.63 8.33
N GLY B 22 0.19 -19.84 8.43
CA GLY B 22 -0.63 -20.28 7.30
C GLY B 22 -0.93 -19.14 6.36
N CYS B 23 -0.80 -19.38 5.04
CA CYS B 23 -1.02 -18.29 4.08
C CYS B 23 -2.25 -18.44 3.23
N TRP B 24 -3.08 -19.45 3.48
CA TRP B 24 -4.30 -19.59 2.65
C TRP B 24 -5.26 -18.44 3.02
N LYS B 25 -5.73 -17.72 2.01
CA LYS B 25 -6.64 -16.60 2.21
C LYS B 25 -6.00 -15.40 2.87
N LEU B 26 -4.68 -15.33 2.81
CA LEU B 26 -4.01 -14.19 3.35
C LEU B 26 -4.20 -13.16 2.21
N ALA B 27 -4.94 -12.07 2.47
CA ALA B 27 -5.21 -11.07 1.42
C ALA B 27 -3.98 -10.51 0.75
N ASN B 28 -4.04 -10.40 -0.57
CA ASN B 28 -2.90 -9.89 -1.29
C ASN B 28 -2.43 -8.52 -0.89
N ALA B 29 -3.36 -7.63 -0.61
CA ALA B 29 -3.01 -6.24 -0.30
C ALA B 29 -2.18 -6.11 0.97
N THR B 30 -2.41 -7.01 1.91
CA THR B 30 -1.68 -6.95 3.19
C THR B 30 -0.79 -8.15 3.47
N ALA B 31 -0.71 -9.10 2.54
CA ALA B 31 0.07 -10.30 2.82
C ALA B 31 1.53 -10.04 3.17
N GLY B 32 2.16 -9.13 2.44
CA GLY B 32 3.58 -8.83 2.67
C GLY B 32 3.81 -8.25 4.07
N GLU B 33 2.97 -7.28 4.45
CA GLU B 33 3.06 -6.69 5.80
C GLU B 33 2.79 -7.78 6.87
N GLN B 34 1.79 -8.63 6.65
CA GLN B 34 1.51 -9.67 7.64
C GLN B 34 2.66 -10.67 7.81
N VAL B 35 3.31 -11.04 6.70
CA VAL B 35 4.44 -12.00 6.74
C VAL B 35 5.62 -11.32 7.43
N TYR B 36 5.89 -10.08 7.04
CA TYR B 36 6.98 -9.33 7.69
C TYR B 36 6.72 -9.28 9.22
N GLN B 37 5.51 -8.90 9.63
CA GLN B 37 5.21 -8.84 11.08
C GLN B 37 5.31 -10.24 11.74
N ALA B 38 4.99 -11.29 10.98
CA ALA B 38 5.07 -12.63 11.52
C ALA B 38 6.52 -12.95 11.78
N ILE B 39 7.39 -12.51 10.88
CA ILE B 39 8.82 -12.76 11.07
C ILE B 39 9.30 -11.98 12.30
N LYS B 40 8.89 -10.72 12.44
CA LYS B 40 9.28 -9.98 13.67
C LYS B 40 8.76 -10.68 14.91
N ALA B 41 7.61 -11.36 14.80
CA ALA B 41 7.06 -12.05 15.97
C ALA B 41 7.71 -13.41 16.24
N GLY B 42 8.64 -13.80 15.38
CA GLY B 42 9.35 -15.04 15.60
C GLY B 42 8.99 -16.19 14.67
N TYR B 43 8.04 -16.00 13.78
CA TYR B 43 7.73 -17.12 12.88
C TYR B 43 8.82 -17.25 11.86
N ARG B 44 9.12 -18.49 11.48
CA ARG B 44 10.15 -18.76 10.49
C ARG B 44 9.63 -19.65 9.33
N LEU B 45 8.57 -20.41 9.55
CA LEU B 45 8.02 -21.24 8.44
C LEU B 45 6.76 -20.58 7.95
N PHE B 46 6.64 -20.51 6.61
CA PHE B 46 5.46 -19.94 5.95
C PHE B 46 4.87 -21.01 5.04
N ASP B 47 3.63 -21.38 5.33
CA ASP B 47 2.97 -22.41 4.54
C ASP B 47 2.17 -21.74 3.42
N GLY B 48 2.72 -21.84 2.22
CA GLY B 48 2.09 -21.21 1.06
C GLY B 48 1.69 -22.21 0.00
N ALA B 49 1.21 -21.69 -1.12
CA ALA B 49 0.80 -22.56 -2.24
C ALA B 49 0.57 -21.71 -3.48
N GLU B 50 0.83 -22.32 -4.62
CA GLU B 50 0.55 -21.64 -5.89
C GLU B 50 -0.94 -21.25 -5.92
N ASP B 51 -1.80 -22.14 -5.42
CA ASP B 51 -3.24 -21.84 -5.46
C ASP B 51 -3.63 -20.64 -4.57
N TYR B 52 -2.81 -20.30 -3.57
CA TYR B 52 -3.23 -19.19 -2.70
C TYR B 52 -3.16 -17.85 -3.44
N GLY B 53 -2.43 -17.83 -4.56
CA GLY B 53 -2.32 -16.63 -5.39
C GLY B 53 -1.66 -15.42 -4.75
N ASN B 54 -0.87 -15.64 -3.71
CA ASN B 54 -0.25 -14.53 -3.01
C ASN B 54 1.23 -14.80 -2.76
N GLU B 55 1.81 -15.71 -3.53
CA GLU B 55 3.22 -16.02 -3.33
C GLU B 55 4.14 -14.81 -3.57
N LYS B 56 3.81 -13.95 -4.53
CA LYS B 56 4.66 -12.79 -4.74
C LYS B 56 4.70 -11.91 -3.46
N GLU B 57 3.55 -11.72 -2.82
CA GLU B 57 3.47 -10.89 -1.61
C GLU B 57 4.13 -11.57 -0.42
N VAL B 58 3.95 -12.88 -0.30
CA VAL B 58 4.66 -13.60 0.76
C VAL B 58 6.17 -13.37 0.53
N GLY B 59 6.58 -13.49 -0.74
CA GLY B 59 7.95 -13.24 -1.13
C GLY B 59 8.37 -11.81 -0.72
N ASP B 60 7.48 -10.84 -0.94
CA ASP B 60 7.83 -9.46 -0.53
C ASP B 60 8.09 -9.33 0.97
N GLY B 61 7.26 -9.97 1.81
CA GLY B 61 7.47 -9.87 3.25
C GLY B 61 8.80 -10.47 3.70
N VAL B 62 9.14 -11.62 3.12
CA VAL B 62 10.40 -12.29 3.47
C VAL B 62 11.59 -11.44 3.02
N LYS B 63 11.51 -10.94 1.80
CA LYS B 63 12.59 -10.12 1.27
C LYS B 63 12.78 -8.88 2.13
N ARG B 64 11.67 -8.28 2.56
CA ARG B 64 11.82 -7.09 3.39
C ARG B 64 12.56 -7.43 4.68
N ALA B 65 12.21 -8.55 5.33
CA ALA B 65 12.89 -8.94 6.58
C ALA B 65 14.36 -9.26 6.33
N ILE B 66 14.65 -9.87 5.19
CA ILE B 66 16.02 -10.15 4.87
C ILE B 66 16.80 -8.84 4.60
N ASP B 67 16.19 -7.93 3.84
CA ASP B 67 16.86 -6.66 3.50
C ASP B 67 17.13 -5.82 4.78
N GLU B 68 16.29 -5.96 5.80
CA GLU B 68 16.52 -5.22 7.03
C GLU B 68 17.53 -5.89 7.92
N GLY B 69 17.93 -7.11 7.56
CA GLY B 69 18.89 -7.84 8.38
C GLY B 69 18.24 -8.58 9.55
N LEU B 70 16.92 -8.75 9.55
CA LEU B 70 16.26 -9.47 10.66
C LEU B 70 16.54 -10.96 10.57
N VAL B 71 16.62 -11.45 9.33
CA VAL B 71 16.88 -12.86 9.08
C VAL B 71 17.66 -13.02 7.79
N LYS B 72 18.21 -14.23 7.62
CA LYS B 72 18.92 -14.61 6.40
C LYS B 72 18.02 -15.64 5.74
N ARG B 73 18.17 -15.82 4.45
CA ARG B 73 17.32 -16.76 3.75
C ARG B 73 17.36 -18.16 4.36
N GLU B 74 18.51 -18.59 4.87
CA GLU B 74 18.56 -19.95 5.36
C GLU B 74 17.85 -20.12 6.68
N GLU B 75 17.40 -19.03 7.30
CA GLU B 75 16.70 -19.13 8.58
C GLU B 75 15.18 -19.18 8.37
N ILE B 76 14.76 -18.99 7.12
CA ILE B 76 13.34 -19.00 6.77
C ILE B 76 13.03 -20.33 6.05
N PHE B 77 11.93 -20.97 6.44
CA PHE B 77 11.50 -22.22 5.82
C PHE B 77 10.25 -21.91 4.96
N LEU B 78 10.40 -22.01 3.65
CA LEU B 78 9.29 -21.76 2.75
C LEU B 78 8.67 -23.03 2.20
N THR B 79 7.38 -23.23 2.48
CA THR B 79 6.66 -24.38 1.91
C THR B 79 5.76 -23.86 0.79
N SER B 80 5.73 -24.56 -0.34
CA SER B 80 4.75 -24.19 -1.38
C SER B 80 4.17 -25.53 -1.83
N LYS B 81 3.19 -25.48 -2.74
CA LYS B 81 2.51 -26.70 -3.19
C LYS B 81 2.21 -26.60 -4.68
N LEU B 82 2.42 -27.72 -5.35
CA LEU B 82 2.21 -27.83 -6.77
C LEU B 82 0.69 -27.94 -7.00
N TRP B 83 0.08 -27.03 -7.77
CA TRP B 83 -1.36 -27.11 -7.95
C TRP B 83 -1.77 -28.23 -8.93
N ASN B 84 -3.05 -28.60 -8.90
CA ASN B 84 -3.61 -29.71 -9.63
C ASN B 84 -3.45 -29.68 -11.16
N ASN B 85 -3.36 -28.49 -11.78
CA ASN B 85 -3.24 -28.46 -13.24
C ASN B 85 -1.80 -28.75 -13.69
N TYR B 86 -0.89 -28.86 -12.73
CA TYR B 86 0.52 -29.01 -13.07
C TYR B 86 1.15 -30.36 -12.74
N HIS B 87 0.38 -31.43 -12.79
CA HIS B 87 0.96 -32.74 -12.44
C HIS B 87 1.74 -33.43 -13.55
N ASP B 88 1.48 -33.07 -14.79
CA ASP B 88 2.18 -33.73 -15.93
C ASP B 88 3.64 -33.35 -15.76
N PRO B 89 4.56 -34.33 -15.77
CA PRO B 89 5.99 -34.02 -15.61
C PRO B 89 6.51 -32.86 -16.40
N LYS B 90 6.09 -32.70 -17.66
CA LYS B 90 6.62 -31.59 -18.45
C LYS B 90 6.20 -30.20 -17.95
N ASN B 91 5.21 -30.12 -17.06
CA ASN B 91 4.77 -28.84 -16.53
C ASN B 91 5.13 -28.63 -15.07
N VAL B 92 5.68 -29.66 -14.42
CA VAL B 92 6.02 -29.50 -13.00
C VAL B 92 7.09 -28.43 -12.74
N GLU B 93 8.22 -28.50 -13.46
CA GLU B 93 9.28 -27.50 -13.23
C GLU B 93 8.81 -26.08 -13.60
N THR B 94 7.96 -25.97 -14.61
CA THR B 94 7.39 -24.69 -15.03
C THR B 94 6.65 -24.06 -13.84
N ALA B 95 5.79 -24.85 -13.21
CA ALA B 95 5.03 -24.35 -12.05
C ALA B 95 5.97 -24.03 -10.90
N LEU B 96 6.98 -24.87 -10.66
CA LEU B 96 7.90 -24.55 -9.57
C LEU B 96 8.66 -23.25 -9.90
N ASN B 97 9.02 -23.06 -11.17
CA ASN B 97 9.76 -21.83 -11.53
C ASN B 97 8.92 -20.58 -11.25
N LYS B 98 7.61 -20.70 -11.45
CA LYS B 98 6.69 -19.58 -11.19
C LYS B 98 6.71 -19.31 -9.70
N THR B 99 6.63 -20.38 -8.91
CA THR B 99 6.69 -20.24 -7.45
C THR B 99 8.01 -19.58 -7.01
N LEU B 100 9.13 -20.04 -7.57
CA LEU B 100 10.44 -19.48 -7.19
C LEU B 100 10.59 -17.99 -7.56
N ALA B 101 10.05 -17.65 -8.72
CA ALA B 101 10.12 -16.27 -9.24
C ALA B 101 9.23 -15.37 -8.35
N ASP B 102 8.05 -15.85 -7.96
CA ASP B 102 7.14 -15.06 -7.10
C ASP B 102 7.74 -14.92 -5.69
N LEU B 103 8.24 -16.02 -5.11
CA LEU B 103 8.83 -15.95 -3.78
C LEU B 103 10.20 -15.24 -3.78
N LYS B 104 10.77 -15.02 -4.96
CA LYS B 104 12.06 -14.38 -5.11
C LYS B 104 13.17 -15.15 -4.40
N VAL B 105 13.21 -16.47 -4.64
CA VAL B 105 14.25 -17.33 -4.02
C VAL B 105 14.75 -18.32 -5.06
N ASP B 106 15.85 -18.98 -4.74
CA ASP B 106 16.49 -19.97 -5.62
C ASP B 106 15.99 -21.40 -5.39
N TYR B 107 15.39 -21.64 -4.23
CA TYR B 107 14.88 -22.97 -3.88
C TYR B 107 13.76 -22.81 -2.88
N VAL B 108 12.83 -23.77 -2.81
CA VAL B 108 11.84 -23.71 -1.74
C VAL B 108 12.28 -24.84 -0.81
N ASP B 109 12.03 -24.67 0.49
CA ASP B 109 12.40 -25.70 1.46
C ASP B 109 11.55 -26.95 1.42
N LEU B 110 10.27 -26.77 1.12
CA LEU B 110 9.37 -27.93 1.04
C LEU B 110 8.37 -27.67 -0.08
N PHE B 111 8.25 -28.66 -0.97
CA PHE B 111 7.29 -28.50 -2.06
C PHE B 111 6.40 -29.75 -1.99
N LEU B 112 5.09 -29.51 -1.91
CA LEU B 112 4.12 -30.62 -1.77
C LEU B 112 3.21 -30.78 -2.97
N ILE B 113 2.82 -32.03 -3.25
CA ILE B 113 1.76 -32.28 -4.24
C ILE B 113 0.53 -31.82 -3.43
N HIS B 114 -0.15 -30.79 -3.91
CA HIS B 114 -1.24 -30.19 -3.16
C HIS B 114 -2.43 -31.14 -2.97
N PHE B 115 -2.85 -31.81 -4.04
CA PHE B 115 -3.90 -32.81 -3.95
C PHE B 115 -3.55 -33.92 -4.95
N PRO B 116 -4.06 -35.14 -4.72
CA PRO B 116 -3.83 -36.31 -5.61
C PRO B 116 -4.89 -36.25 -6.72
N ILE B 117 -4.91 -35.10 -7.39
CA ILE B 117 -5.87 -34.78 -8.44
C ILE B 117 -5.12 -34.09 -9.56
N ALA B 118 -5.37 -34.49 -10.79
CA ALA B 118 -4.67 -33.91 -11.92
C ALA B 118 -5.63 -33.21 -12.84
N PHE B 119 -5.79 -31.90 -12.68
CA PHE B 119 -6.64 -31.14 -13.59
C PHE B 119 -5.88 -30.99 -14.94
N LYS B 120 -6.63 -30.83 -16.02
CA LYS B 120 -6.05 -30.58 -17.34
C LYS B 120 -5.18 -29.34 -17.27
N PHE B 121 -3.99 -29.40 -17.85
CA PHE B 121 -3.07 -28.26 -17.82
C PHE B 121 -3.66 -27.01 -18.44
N VAL B 122 -3.45 -25.88 -17.77
CA VAL B 122 -3.85 -24.56 -18.26
C VAL B 122 -2.57 -23.70 -18.25
N PRO B 123 -2.19 -23.12 -19.41
CA PRO B 123 -0.97 -22.29 -19.48
C PRO B 123 -1.01 -21.12 -18.50
N ILE B 124 0.13 -20.81 -17.93
CA ILE B 124 0.17 -19.72 -16.95
C ILE B 124 -0.28 -18.38 -17.54
N GLU B 125 -0.04 -18.15 -18.83
CA GLU B 125 -0.43 -16.89 -19.45
C GLU B 125 -1.97 -16.77 -19.64
N GLU B 126 -2.68 -17.90 -19.61
CA GLU B 126 -4.15 -17.90 -19.74
C GLU B 126 -4.86 -17.59 -18.42
N LYS B 127 -4.42 -18.20 -17.32
CA LYS B 127 -5.02 -17.88 -16.02
C LYS B 127 -4.07 -18.37 -14.94
N TYR B 128 -3.76 -17.51 -13.97
CA TYR B 128 -2.89 -17.95 -12.88
C TYR B 128 -3.18 -17.15 -11.64
N PRO B 129 -3.47 -17.82 -10.50
CA PRO B 129 -3.55 -19.27 -10.34
C PRO B 129 -4.85 -19.72 -10.99
N PRO B 130 -4.88 -20.92 -11.56
CA PRO B 130 -6.11 -21.37 -12.23
C PRO B 130 -7.29 -21.80 -11.39
N GLY B 131 -7.02 -22.20 -10.15
CA GLY B 131 -8.10 -22.67 -9.28
C GLY B 131 -8.78 -23.89 -9.88
N PHE B 132 -10.10 -23.87 -9.95
CA PHE B 132 -10.83 -24.99 -10.55
C PHE B 132 -10.94 -24.89 -12.09
N TYR B 133 -10.41 -23.82 -12.67
CA TYR B 133 -10.47 -23.71 -14.13
C TYR B 133 -9.58 -24.78 -14.83
N CYS B 134 -10.17 -25.50 -15.79
CA CYS B 134 -9.47 -26.58 -16.49
C CYS B 134 -9.49 -26.40 -18.01
N GLY B 135 -9.64 -25.15 -18.47
CA GLY B 135 -9.61 -24.88 -19.90
C GLY B 135 -10.90 -24.99 -20.66
N ASP B 136 -12.01 -25.27 -19.97
CA ASP B 136 -13.27 -25.42 -20.66
C ASP B 136 -14.43 -24.80 -19.88
N GLY B 137 -14.48 -23.47 -19.85
CA GLY B 137 -15.51 -22.78 -19.10
C GLY B 137 -15.45 -23.21 -17.67
N ASN B 138 -16.60 -23.54 -17.11
CA ASN B 138 -16.66 -23.98 -15.71
C ASN B 138 -16.55 -25.49 -15.55
N ASN B 139 -16.30 -26.23 -16.63
CA ASN B 139 -16.22 -27.68 -16.53
C ASN B 139 -14.91 -28.19 -15.97
N PHE B 140 -14.99 -29.25 -15.17
CA PHE B 140 -13.76 -29.87 -14.67
C PHE B 140 -13.31 -30.81 -15.78
N VAL B 141 -12.01 -30.79 -16.09
CA VAL B 141 -11.41 -31.66 -17.10
C VAL B 141 -10.15 -32.16 -16.42
N TYR B 142 -9.88 -33.45 -16.55
CA TYR B 142 -8.73 -34.08 -15.88
C TYR B 142 -7.70 -34.64 -16.85
N GLU B 143 -6.49 -34.92 -16.39
CA GLU B 143 -5.56 -35.54 -17.32
C GLU B 143 -4.95 -36.81 -16.70
N ASP B 144 -4.58 -37.76 -17.56
CA ASP B 144 -4.08 -39.06 -17.08
C ASP B 144 -2.64 -39.10 -16.66
N VAL B 145 -2.38 -38.57 -15.48
CA VAL B 145 -1.03 -38.52 -14.95
C VAL B 145 -0.95 -39.21 -13.60
N PRO B 146 -0.39 -40.43 -13.57
CA PRO B 146 -0.30 -41.11 -12.27
C PRO B 146 0.53 -40.30 -11.31
N ILE B 147 0.20 -40.43 -10.02
CA ILE B 147 0.96 -39.71 -8.99
C ILE B 147 2.47 -39.91 -9.10
N LEU B 148 2.90 -41.16 -9.32
CA LEU B 148 4.32 -41.44 -9.35
C LEU B 148 5.09 -40.69 -10.44
N GLU B 149 4.46 -40.38 -11.57
CA GLU B 149 5.12 -39.61 -12.63
C GLU B 149 5.40 -38.20 -12.07
N THR B 150 4.42 -37.65 -11.37
CA THR B 150 4.63 -36.33 -10.79
C THR B 150 5.73 -36.40 -9.71
N TRP B 151 5.70 -37.46 -8.90
CA TRP B 151 6.68 -37.60 -7.85
C TRP B 151 8.09 -37.67 -8.42
N LYS B 152 8.28 -38.41 -9.50
CA LYS B 152 9.62 -38.53 -10.06
C LYS B 152 10.07 -37.20 -10.61
N ALA B 153 9.13 -36.41 -11.14
CA ALA B 153 9.53 -35.09 -11.67
C ALA B 153 10.01 -34.24 -10.50
N LEU B 154 9.36 -34.40 -9.34
CA LEU B 154 9.78 -33.67 -8.15
C LEU B 154 11.17 -34.14 -7.63
N GLU B 155 11.38 -35.45 -7.65
CA GLU B 155 12.65 -36.00 -7.23
C GLU B 155 13.77 -35.38 -8.07
N LYS B 156 13.54 -35.22 -9.37
CA LYS B 156 14.60 -34.65 -10.23
C LYS B 156 14.90 -33.18 -9.82
N LEU B 157 13.85 -32.46 -9.42
CA LEU B 157 14.00 -31.07 -9.01
C LEU B 157 14.73 -30.95 -7.67
N VAL B 158 14.67 -31.99 -6.82
CA VAL B 158 15.46 -31.98 -5.58
C VAL B 158 16.95 -32.16 -5.97
N ALA B 159 17.22 -33.06 -6.92
CA ALA B 159 18.59 -33.31 -7.37
C ALA B 159 19.13 -32.03 -8.03
N ALA B 160 18.26 -31.25 -8.69
CA ALA B 160 18.69 -30.01 -9.32
C ALA B 160 18.91 -28.87 -8.30
N GLY B 161 18.58 -29.10 -7.02
CA GLY B 161 18.78 -28.08 -6.01
C GLY B 161 17.68 -27.02 -5.89
N LYS B 162 16.58 -27.19 -6.59
CA LYS B 162 15.49 -26.23 -6.51
C LYS B 162 14.49 -26.47 -5.35
N ILE B 163 14.57 -27.64 -4.73
CA ILE B 163 13.69 -28.01 -3.62
C ILE B 163 14.53 -28.78 -2.63
N LYS B 164 14.42 -28.48 -1.34
CA LYS B 164 15.21 -29.21 -0.34
C LYS B 164 14.49 -30.53 0.08
N SER B 165 13.20 -30.45 0.37
CA SER B 165 12.41 -31.60 0.80
C SER B 165 11.10 -31.62 0.03
N ILE B 166 10.58 -32.81 -0.27
CA ILE B 166 9.31 -32.91 -0.99
C ILE B 166 8.32 -33.75 -0.15
N GLY B 167 7.02 -33.54 -0.35
CA GLY B 167 6.02 -34.27 0.40
C GLY B 167 4.70 -34.22 -0.34
N VAL B 168 3.65 -34.64 0.34
CA VAL B 168 2.33 -34.68 -0.25
C VAL B 168 1.29 -34.14 0.71
N SER B 169 0.18 -33.71 0.14
CA SER B 169 -0.90 -33.16 0.96
C SER B 169 -2.19 -33.85 0.51
N ASN B 170 -3.10 -34.09 1.45
CA ASN B 170 -4.38 -34.65 1.09
C ASN B 170 -4.34 -36.07 0.46
N PHE B 171 -3.39 -36.87 0.94
CA PHE B 171 -3.28 -38.27 0.55
C PHE B 171 -3.79 -39.19 1.67
N PRO B 172 -4.67 -40.13 1.33
CA PRO B 172 -5.20 -41.11 2.29
C PRO B 172 -4.11 -42.21 2.36
N GLY B 173 -4.25 -43.08 3.34
CA GLY B 173 -3.24 -44.11 3.57
C GLY B 173 -2.90 -45.03 2.40
N ALA B 174 -3.89 -45.48 1.65
CA ALA B 174 -3.61 -46.46 0.57
C ALA B 174 -2.76 -45.83 -0.53
N LEU B 175 -2.97 -44.53 -0.72
CA LEU B 175 -2.25 -43.79 -1.72
C LEU B 175 -0.83 -43.48 -1.24
N LEU B 176 -0.67 -43.08 0.01
CA LEU B 176 0.66 -42.81 0.51
C LEU B 176 1.46 -44.14 0.46
N LEU B 177 0.82 -45.23 0.84
CA LEU B 177 1.52 -46.53 0.84
C LEU B 177 2.00 -46.86 -0.59
N ASP B 178 1.14 -46.73 -1.58
CA ASP B 178 1.55 -47.05 -2.95
C ASP B 178 2.71 -46.13 -3.42
N LEU B 179 2.66 -44.85 -3.03
CA LEU B 179 3.74 -43.95 -3.42
C LEU B 179 5.05 -44.39 -2.77
N LEU B 180 5.00 -44.84 -1.51
CA LEU B 180 6.22 -45.27 -0.82
C LEU B 180 6.87 -46.43 -1.61
N ARG B 181 6.06 -47.22 -2.30
CA ARG B 181 6.63 -48.32 -3.09
C ARG B 181 7.43 -47.84 -4.29
N GLY B 182 7.09 -46.69 -4.86
CA GLY B 182 7.79 -46.22 -6.05
C GLY B 182 8.76 -45.09 -5.83
N ALA B 183 8.71 -44.50 -4.64
CA ALA B 183 9.58 -43.38 -4.30
C ALA B 183 11.04 -43.71 -4.01
N THR B 184 11.95 -42.90 -4.57
CA THR B 184 13.37 -43.06 -4.26
C THR B 184 13.59 -42.09 -3.09
N ILE B 185 13.06 -40.86 -3.18
CA ILE B 185 13.16 -39.94 -2.02
C ILE B 185 11.80 -40.13 -1.33
N LYS B 186 11.80 -40.55 -0.06
CA LYS B 186 10.52 -40.79 0.60
C LYS B 186 9.80 -39.44 0.89
N PRO B 187 8.47 -39.42 0.77
CA PRO B 187 7.80 -38.14 1.06
C PRO B 187 8.17 -37.75 2.48
N ALA B 188 8.70 -36.55 2.67
CA ALA B 188 9.10 -36.16 4.02
C ALA B 188 7.95 -35.71 4.90
N VAL B 189 6.87 -35.28 4.26
CA VAL B 189 5.72 -34.68 4.96
C VAL B 189 4.42 -35.11 4.32
N LEU B 190 3.43 -35.37 5.19
CA LEU B 190 2.07 -35.65 4.79
C LEU B 190 1.31 -34.46 5.47
N GLN B 191 0.70 -33.56 4.67
CA GLN B 191 -0.03 -32.44 5.24
C GLN B 191 -1.53 -32.72 5.06
N VAL B 192 -2.27 -32.87 6.16
CA VAL B 192 -3.68 -33.19 6.07
C VAL B 192 -4.53 -32.41 7.06
N GLU B 193 -5.84 -32.33 6.77
CA GLU B 193 -6.81 -31.66 7.66
C GLU B 193 -6.75 -32.47 8.94
N HIS B 194 -6.58 -31.80 10.08
CA HIS B 194 -6.42 -32.53 11.34
C HIS B 194 -6.88 -31.65 12.50
N HIS B 195 -7.92 -32.10 13.18
CA HIS B 195 -8.52 -31.37 14.29
C HIS B 195 -9.36 -32.40 15.03
N PRO B 196 -9.89 -32.04 16.21
CA PRO B 196 -10.68 -33.06 16.92
C PRO B 196 -11.87 -33.70 16.27
N TYR B 197 -12.48 -33.08 15.25
CA TYR B 197 -13.61 -33.73 14.61
C TYR B 197 -13.19 -34.67 13.48
N LEU B 198 -11.90 -34.63 13.12
CA LEU B 198 -11.34 -35.48 12.05
C LEU B 198 -9.94 -35.88 12.51
N GLN B 199 -9.87 -36.87 13.41
CA GLN B 199 -8.56 -37.24 13.98
C GLN B 199 -7.73 -38.26 13.18
N GLN B 200 -8.39 -39.11 12.41
CA GLN B 200 -7.70 -40.12 11.58
C GLN B 200 -6.46 -40.70 12.27
N PRO B 201 -6.62 -41.17 13.51
CA PRO B 201 -5.48 -41.73 14.25
C PRO B 201 -4.67 -42.82 13.55
N LYS B 202 -5.32 -43.69 12.81
CA LYS B 202 -4.58 -44.77 12.13
C LYS B 202 -3.70 -44.20 10.98
N LEU B 203 -4.19 -43.15 10.33
CA LEU B 203 -3.39 -42.54 9.25
C LEU B 203 -2.16 -41.90 9.88
N ILE B 204 -2.38 -41.14 10.97
CA ILE B 204 -1.28 -40.50 11.68
C ILE B 204 -0.26 -41.57 12.16
N GLU B 205 -0.76 -42.64 12.75
CA GLU B 205 0.14 -43.68 13.24
C GLU B 205 0.97 -44.32 12.11
N PHE B 206 0.30 -44.70 11.04
CA PHE B 206 1.05 -45.29 9.93
C PHE B 206 2.12 -44.36 9.37
N ALA B 207 1.74 -43.12 9.11
CA ALA B 207 2.70 -42.22 8.50
C ALA B 207 3.87 -41.93 9.44
N GLN B 208 3.58 -41.76 10.72
CA GLN B 208 4.68 -41.47 11.65
C GLN B 208 5.59 -42.68 11.77
N LYS B 209 5.01 -43.86 11.83
CA LYS B 209 5.85 -45.06 11.93
C LYS B 209 6.73 -45.20 10.66
N ALA B 210 6.24 -44.71 9.51
CA ALA B 210 7.01 -44.76 8.26
C ALA B 210 8.07 -43.66 8.21
N GLY B 211 8.16 -42.84 9.24
CA GLY B 211 9.14 -41.77 9.24
C GLY B 211 8.67 -40.52 8.47
N VAL B 212 7.38 -40.46 8.11
CA VAL B 212 6.80 -39.28 7.40
C VAL B 212 6.32 -38.30 8.50
N THR B 213 6.64 -37.02 8.35
CA THR B 213 6.25 -36.02 9.36
C THR B 213 4.87 -35.49 9.01
N ILE B 214 3.98 -35.35 10.00
CA ILE B 214 2.65 -34.83 9.76
C ILE B 214 2.58 -33.32 10.00
N THR B 215 1.95 -32.60 9.07
CA THR B 215 1.69 -31.17 9.32
C THR B 215 0.16 -31.14 9.28
N ALA B 216 -0.47 -30.67 10.37
CA ALA B 216 -1.93 -30.53 10.44
C ALA B 216 -2.35 -29.20 9.83
N TYR B 217 -3.46 -29.21 9.08
CA TYR B 217 -4.03 -27.92 8.65
C TYR B 217 -5.47 -27.84 9.19
N SER B 218 -5.99 -26.61 9.28
CA SER B 218 -7.31 -26.35 9.86
C SER B 218 -7.39 -26.95 11.27
N SER B 219 -6.40 -26.60 12.11
CA SER B 219 -6.38 -27.11 13.47
C SER B 219 -7.59 -26.59 14.22
N PHE B 220 -8.20 -25.49 13.76
CA PHE B 220 -9.40 -25.00 14.44
C PHE B 220 -10.70 -25.52 13.85
N GLY B 221 -10.59 -26.62 13.11
CA GLY B 221 -11.75 -27.26 12.55
C GLY B 221 -12.60 -26.43 11.63
N PRO B 222 -13.90 -26.24 11.96
CA PRO B 222 -14.82 -25.47 11.12
C PRO B 222 -14.56 -24.01 10.90
N GLN B 223 -13.77 -23.40 11.78
CA GLN B 223 -13.59 -21.95 11.73
C GLN B 223 -13.13 -21.39 10.39
N SER B 224 -12.08 -21.97 9.80
CA SER B 224 -11.57 -21.49 8.51
C SER B 224 -12.66 -21.51 7.42
N PHE B 225 -13.53 -22.53 7.45
CA PHE B 225 -14.58 -22.69 6.46
C PHE B 225 -15.83 -21.87 6.74
N VAL B 226 -16.05 -21.56 8.00
CA VAL B 226 -17.16 -20.67 8.40
C VAL B 226 -16.84 -19.31 7.75
N GLU B 227 -15.55 -18.96 7.75
CA GLU B 227 -15.11 -17.68 7.21
C GLU B 227 -15.28 -17.60 5.71
N MET B 228 -15.52 -18.75 5.07
CA MET B 228 -15.78 -18.81 3.65
C MET B 228 -17.24 -19.10 3.40
N ASN B 229 -18.05 -19.03 4.45
CA ASN B 229 -19.51 -19.22 4.35
C ASN B 229 -19.90 -20.65 3.99
N GLN B 230 -19.06 -21.62 4.34
CA GLN B 230 -19.41 -23.01 4.01
C GLN B 230 -20.55 -23.50 4.91
N GLY B 231 -21.64 -24.04 4.32
CA GLY B 231 -22.75 -24.54 5.11
C GLY B 231 -22.39 -25.61 6.16
N ARG B 232 -21.61 -26.61 5.75
CA ARG B 232 -21.23 -27.69 6.67
C ARG B 232 -20.55 -27.10 7.92
N ALA B 233 -19.54 -26.27 7.72
CA ALA B 233 -18.83 -25.68 8.86
C ALA B 233 -19.76 -24.77 9.69
N LEU B 234 -20.58 -23.96 9.02
CA LEU B 234 -21.51 -23.06 9.78
C LEU B 234 -22.43 -23.91 10.68
N ASN B 235 -22.79 -25.09 10.22
CA ASN B 235 -23.68 -25.97 10.99
C ASN B 235 -23.03 -26.71 12.13
N THR B 236 -21.71 -26.64 12.20
CA THR B 236 -20.98 -27.39 13.18
C THR B 236 -20.60 -26.62 14.43
N PRO B 237 -20.93 -27.17 15.61
CA PRO B 237 -20.55 -26.44 16.84
C PRO B 237 -19.05 -26.17 16.86
N THR B 238 -18.67 -24.95 17.24
CA THR B 238 -17.24 -24.61 17.23
C THR B 238 -16.46 -25.38 18.27
N LEU B 239 -15.18 -25.56 17.98
CA LEU B 239 -14.33 -26.24 18.93
C LEU B 239 -13.97 -25.28 20.05
N PHE B 240 -13.98 -23.98 19.76
CA PHE B 240 -13.62 -22.96 20.77
C PHE B 240 -14.63 -22.91 21.91
N ALA B 241 -15.87 -23.31 21.65
CA ALA B 241 -16.87 -23.27 22.71
C ALA B 241 -17.34 -24.67 23.10
N HIS B 242 -16.60 -25.70 22.70
CA HIS B 242 -17.00 -27.09 22.98
C HIS B 242 -16.70 -27.38 24.43
N ASP B 243 -17.64 -27.94 25.17
CA ASP B 243 -17.38 -28.19 26.61
C ASP B 243 -16.14 -28.99 26.94
N THR B 244 -15.81 -29.98 26.08
CA THR B 244 -14.63 -30.79 26.36
C THR B 244 -13.41 -29.97 26.28
N ILE B 245 -13.27 -29.21 25.18
CA ILE B 245 -12.09 -28.36 25.02
C ILE B 245 -12.06 -27.31 26.12
N LYS B 246 -13.21 -26.70 26.41
CA LYS B 246 -13.21 -25.68 27.49
C LYS B 246 -12.81 -26.21 28.86
N ALA B 247 -13.32 -27.38 29.23
CA ALA B 247 -12.99 -27.96 30.54
C ALA B 247 -11.50 -28.23 30.66
N ILE B 248 -10.89 -28.78 29.60
CA ILE B 248 -9.46 -29.04 29.63
C ILE B 248 -8.70 -27.70 29.67
N ALA B 249 -9.14 -26.71 28.88
CA ALA B 249 -8.46 -25.42 28.94
C ALA B 249 -8.54 -24.83 30.37
N ALA B 250 -9.72 -24.87 30.98
CA ALA B 250 -9.86 -24.32 32.33
C ALA B 250 -8.94 -25.03 33.33
N LYS B 251 -8.79 -26.34 33.17
CA LYS B 251 -7.95 -27.13 34.06
C LYS B 251 -6.50 -26.66 34.11
N TYR B 252 -5.97 -26.25 32.96
CA TYR B 252 -4.60 -25.81 32.89
C TYR B 252 -4.47 -24.30 32.89
N ASN B 253 -5.60 -23.62 32.98
CA ASN B 253 -5.64 -22.17 32.92
C ASN B 253 -5.08 -21.75 31.56
N LYS B 254 -5.54 -22.40 30.49
CA LYS B 254 -5.08 -22.08 29.14
C LYS B 254 -6.33 -21.75 28.33
N THR B 255 -6.15 -21.30 27.09
CA THR B 255 -7.31 -20.99 26.27
C THR B 255 -7.67 -22.22 25.42
N PRO B 256 -8.92 -22.33 24.99
CA PRO B 256 -9.30 -23.47 24.14
C PRO B 256 -8.37 -23.55 22.88
N ALA B 257 -7.99 -22.39 22.32
CA ALA B 257 -7.15 -22.41 21.12
C ALA B 257 -5.80 -23.05 21.44
N GLU B 258 -5.26 -22.73 22.62
CA GLU B 258 -3.98 -23.33 23.01
C GLU B 258 -4.09 -24.84 23.17
N VAL B 259 -5.22 -25.31 23.68
CA VAL B 259 -5.44 -26.73 23.87
C VAL B 259 -5.51 -27.39 22.51
N LEU B 260 -6.24 -26.78 21.57
CA LEU B 260 -6.37 -27.33 20.22
C LEU B 260 -5.02 -27.46 19.50
N LEU B 261 -4.12 -26.49 19.67
CA LEU B 261 -2.82 -26.58 19.06
C LEU B 261 -1.91 -27.56 19.79
N ARG B 262 -1.94 -27.53 21.11
CA ARG B 262 -1.07 -28.42 21.88
C ARG B 262 -1.41 -29.89 21.64
N TRP B 263 -2.70 -30.17 21.44
CA TRP B 263 -3.18 -31.53 21.22
C TRP B 263 -2.45 -32.16 20.02
N ALA B 264 -2.14 -31.36 19.01
CA ALA B 264 -1.42 -31.83 17.84
C ALA B 264 0.05 -31.83 18.15
N ALA B 265 0.55 -30.69 18.62
CA ALA B 265 1.98 -30.53 18.88
C ALA B 265 2.55 -31.58 19.79
N GLN B 266 1.80 -31.93 20.82
CA GLN B 266 2.32 -32.89 21.79
C GLN B 266 2.54 -34.27 21.18
N ARG B 267 1.83 -34.55 20.09
CA ARG B 267 1.97 -35.84 19.41
C ARG B 267 2.94 -35.76 18.24
N GLY B 268 3.77 -34.73 18.24
CA GLY B 268 4.79 -34.59 17.20
C GLY B 268 4.28 -34.13 15.83
N ILE B 269 3.12 -33.51 15.84
CA ILE B 269 2.49 -33.02 14.62
C ILE B 269 2.79 -31.54 14.46
N ALA B 270 3.28 -31.13 13.28
CA ALA B 270 3.57 -29.70 13.06
C ALA B 270 2.26 -28.93 12.82
N VAL B 271 2.19 -27.67 13.26
CA VAL B 271 1.02 -26.85 13.06
C VAL B 271 1.40 -25.58 12.28
N ILE B 272 0.42 -25.04 11.57
CA ILE B 272 0.60 -23.86 10.72
C ILE B 272 -0.70 -23.02 10.81
N PRO B 273 -1.06 -22.63 12.03
CA PRO B 273 -2.29 -21.85 12.18
C PRO B 273 -2.34 -20.54 11.40
N LYS B 274 -3.55 -20.14 11.03
CA LYS B 274 -3.73 -18.84 10.39
C LYS B 274 -3.79 -17.82 11.55
N SER B 275 -2.80 -16.95 11.69
CA SER B 275 -2.79 -15.93 12.76
C SER B 275 -3.09 -14.62 12.07
N ASN B 276 -4.34 -14.20 12.15
CA ASN B 276 -4.78 -13.01 11.42
C ASN B 276 -4.99 -11.76 12.26
N LEU B 277 -4.58 -11.79 13.51
CA LEU B 277 -4.68 -10.64 14.42
C LEU B 277 -3.36 -10.64 15.16
N PRO B 278 -2.87 -9.45 15.51
CA PRO B 278 -1.60 -9.38 16.24
C PRO B 278 -1.57 -10.28 17.48
N GLU B 279 -2.65 -10.28 18.25
CA GLU B 279 -2.71 -11.07 19.47
C GLU B 279 -2.66 -12.59 19.18
N ARG B 280 -3.27 -12.99 18.07
CA ARG B 280 -3.24 -14.42 17.70
C ARG B 280 -1.83 -14.79 17.27
N LEU B 281 -1.09 -13.87 16.67
CA LEU B 281 0.31 -14.21 16.31
C LEU B 281 1.05 -14.72 17.55
N VAL B 282 0.93 -14.00 18.66
CA VAL B 282 1.61 -14.40 19.89
C VAL B 282 0.98 -15.67 20.47
N GLN B 283 -0.34 -15.67 20.58
CA GLN B 283 -1.04 -16.81 21.16
C GLN B 283 -0.69 -18.12 20.43
N ASN B 284 -0.64 -18.05 19.10
CA ASN B 284 -0.45 -19.26 18.28
C ASN B 284 0.94 -19.87 18.22
N ARG B 285 1.93 -19.21 18.85
CA ARG B 285 3.29 -19.77 18.89
C ARG B 285 3.78 -19.95 20.32
N SER B 286 2.95 -19.63 21.29
CA SER B 286 3.34 -19.71 22.71
C SER B 286 2.56 -20.76 23.54
N PHE B 287 1.88 -21.69 22.88
CA PHE B 287 1.05 -22.66 23.59
C PHE B 287 1.73 -23.87 24.21
N ASN B 288 3.03 -24.06 23.98
CA ASN B 288 3.71 -25.24 24.51
C ASN B 288 4.12 -25.03 25.97
N THR B 289 3.14 -24.82 26.83
CA THR B 289 3.50 -24.50 28.21
C THR B 289 2.88 -25.45 29.20
N PHE B 290 2.29 -26.51 28.68
CA PHE B 290 1.62 -27.49 29.53
C PHE B 290 1.52 -28.81 28.78
N ASP B 291 1.25 -29.90 29.50
CA ASP B 291 1.13 -31.22 28.88
C ASP B 291 -0.25 -31.78 29.11
N LEU B 292 -0.83 -32.36 28.07
CA LEU B 292 -2.15 -32.98 28.20
C LEU B 292 -1.84 -34.37 28.75
N THR B 293 -2.79 -34.94 29.49
CA THR B 293 -2.58 -36.29 30.05
C THR B 293 -3.31 -37.32 29.19
N LYS B 294 -3.01 -38.61 29.42
CA LYS B 294 -3.68 -39.68 28.68
C LYS B 294 -5.19 -39.51 28.77
N GLU B 295 -5.66 -39.11 29.94
CA GLU B 295 -7.08 -38.92 30.14
C GLU B 295 -7.59 -37.74 29.29
N ASP B 296 -6.81 -36.69 29.19
CA ASP B 296 -7.23 -35.56 28.35
C ASP B 296 -7.35 -36.05 26.90
N PHE B 297 -6.39 -36.85 26.46
CA PHE B 297 -6.42 -37.34 25.09
C PHE B 297 -7.62 -38.24 24.89
N GLU B 298 -8.00 -39.01 25.92
CA GLU B 298 -9.15 -39.91 25.80
C GLU B 298 -10.44 -39.11 25.70
N GLU B 299 -10.51 -38.00 26.42
CA GLU B 299 -11.70 -37.15 26.37
C GLU B 299 -11.78 -36.47 24.98
N ILE B 300 -10.66 -35.95 24.49
CA ILE B 300 -10.70 -35.30 23.18
C ILE B 300 -10.95 -36.33 22.08
N ALA B 301 -10.47 -37.55 22.30
CA ALA B 301 -10.68 -38.59 21.31
C ALA B 301 -12.15 -38.82 21.06
N LYS B 302 -13.02 -38.51 22.04
CA LYS B 302 -14.44 -38.71 21.82
C LYS B 302 -15.05 -37.78 20.79
N LEU B 303 -14.36 -36.70 20.42
CA LEU B 303 -14.95 -35.77 19.45
C LEU B 303 -14.82 -36.25 18.02
N ASP B 304 -14.03 -37.29 17.79
CA ASP B 304 -13.80 -37.75 16.42
C ASP B 304 -15.05 -38.30 15.80
N ILE B 305 -15.58 -37.61 14.80
CA ILE B 305 -16.78 -38.05 14.13
C ILE B 305 -16.53 -38.15 12.63
N GLY B 306 -15.26 -38.04 12.21
CA GLY B 306 -14.92 -38.14 10.79
C GLY B 306 -15.54 -37.03 9.95
N LEU B 307 -15.68 -35.84 10.54
CA LEU B 307 -16.26 -34.66 9.87
C LEU B 307 -15.15 -33.91 9.13
N ARG B 308 -15.26 -33.86 7.79
CA ARG B 308 -14.22 -33.28 6.96
C ARG B 308 -14.75 -32.04 6.25
N PHE B 309 -14.04 -30.94 6.41
CA PHE B 309 -14.45 -29.70 5.80
C PHE B 309 -13.80 -29.46 4.43
N ASN B 310 -12.61 -29.99 4.19
CA ASN B 310 -11.92 -29.70 2.89
C ASN B 310 -11.96 -30.99 2.09
N ASP B 311 -12.99 -31.11 1.27
CA ASP B 311 -13.25 -32.35 0.56
C ASP B 311 -13.54 -32.19 -0.91
N PRO B 312 -12.65 -32.72 -1.78
CA PRO B 312 -12.83 -32.64 -3.22
C PRO B 312 -14.12 -33.29 -3.68
N TRP B 313 -14.75 -34.09 -2.81
CA TRP B 313 -16.04 -34.66 -3.21
C TRP B 313 -17.03 -33.48 -3.45
N ASP B 314 -16.86 -32.40 -2.67
CA ASP B 314 -17.72 -31.20 -2.79
C ASP B 314 -17.48 -30.44 -4.09
N TRP B 315 -16.30 -30.59 -4.68
CA TRP B 315 -15.97 -29.84 -5.91
C TRP B 315 -16.64 -30.47 -7.13
N ASP B 316 -16.43 -31.77 -7.29
CA ASP B 316 -16.89 -32.46 -8.47
C ASP B 316 -16.98 -33.95 -8.20
N ASN B 317 -17.38 -34.31 -6.98
CA ASN B 317 -17.50 -35.72 -6.60
C ASN B 317 -16.20 -36.48 -6.91
N ILE B 318 -15.03 -35.88 -6.57
CA ILE B 318 -13.72 -36.51 -6.78
C ILE B 318 -13.57 -37.43 -5.55
N PRO B 319 -13.34 -38.73 -5.79
CA PRO B 319 -13.26 -39.73 -4.70
C PRO B 319 -12.04 -39.85 -3.84
N ILE B 320 -11.38 -38.74 -3.56
CA ILE B 320 -10.18 -38.82 -2.76
C ILE B 320 -10.35 -39.44 -1.39
N PHE B 321 -11.46 -39.12 -0.73
CA PHE B 321 -11.67 -39.60 0.63
C PHE B 321 -12.79 -40.61 0.82
N VAL B 322 -13.06 -41.38 -0.23
CA VAL B 322 -14.14 -42.39 -0.15
C VAL B 322 -13.60 -43.79 -0.51
N SER C 4 -11.34 74.24 -10.66
CA SER C 4 -10.60 73.71 -11.84
C SER C 4 -9.62 72.55 -11.52
N ILE C 5 -8.88 72.61 -10.40
CA ILE C 5 -8.00 71.45 -10.03
C ILE C 5 -8.97 70.52 -9.31
N PRO C 6 -9.28 69.36 -9.90
CA PRO C 6 -10.20 68.39 -9.32
C PRO C 6 -9.69 67.91 -7.95
N ASP C 7 -10.61 67.73 -6.98
CA ASP C 7 -10.23 67.20 -5.67
C ASP C 7 -10.48 65.69 -5.66
N ILE C 8 -9.77 64.98 -4.79
CA ILE C 8 -9.96 63.52 -4.65
C ILE C 8 -10.46 63.32 -3.22
N LYS C 9 -11.53 62.56 -3.04
CA LYS C 9 -12.00 62.38 -1.68
C LYS C 9 -11.24 61.20 -1.07
N LEU C 10 -10.49 61.47 0.00
CA LEU C 10 -9.68 60.45 0.69
C LEU C 10 -10.59 59.57 1.55
N SER C 11 -10.10 58.39 1.93
CA SER C 11 -10.86 57.48 2.77
C SER C 11 -11.21 58.11 4.12
N SER C 12 -10.51 59.18 4.51
CA SER C 12 -10.76 59.88 5.78
C SER C 12 -11.95 60.83 5.63
N GLY C 13 -12.41 60.99 4.40
CA GLY C 13 -13.52 61.90 4.12
C GLY C 13 -13.07 63.28 3.66
N HIS C 14 -11.81 63.64 3.91
CA HIS C 14 -11.31 64.96 3.51
C HIS C 14 -10.93 65.01 2.03
N LEU C 15 -11.14 66.17 1.42
CA LEU C 15 -10.81 66.34 0.00
C LEU C 15 -9.32 66.69 -0.10
N MET C 16 -8.65 66.15 -1.12
CA MET C 16 -7.23 66.48 -1.35
C MET C 16 -7.07 66.90 -2.81
N PRO C 17 -6.47 68.08 -3.04
CA PRO C 17 -6.30 68.50 -4.45
C PRO C 17 -5.52 67.46 -5.25
N SER C 18 -5.94 67.21 -6.50
CA SER C 18 -5.27 66.22 -7.33
C SER C 18 -3.98 66.70 -7.95
N ILE C 19 -3.72 68.00 -7.85
CA ILE C 19 -2.48 68.57 -8.35
C ILE C 19 -1.95 69.47 -7.25
N GLY C 20 -0.68 69.28 -6.89
CA GLY C 20 -0.09 70.08 -5.82
C GLY C 20 1.27 70.61 -6.23
N PHE C 21 1.94 71.29 -5.29
CA PHE C 21 3.22 71.96 -5.50
C PHE C 21 4.25 71.24 -4.61
N GLY C 22 5.26 70.65 -5.24
CA GLY C 22 6.27 69.88 -4.51
C GLY C 22 7.28 70.82 -3.88
N CYS C 23 7.62 70.58 -2.61
CA CYS C 23 8.55 71.44 -1.90
C CYS C 23 9.94 70.85 -1.71
N TRP C 24 10.21 69.67 -2.28
CA TRP C 24 11.53 69.07 -2.07
C TRP C 24 12.56 69.94 -2.80
N LYS C 25 13.67 70.23 -2.14
CA LYS C 25 14.69 71.08 -2.75
C LYS C 25 14.32 72.54 -3.04
N LEU C 26 13.22 73.05 -2.47
CA LEU C 26 12.92 74.50 -2.61
C LEU C 26 13.94 75.17 -1.67
N ALA C 27 14.75 76.10 -2.19
CA ALA C 27 15.76 76.76 -1.34
C ALA C 27 15.13 77.55 -0.20
N ASN C 28 15.72 77.49 0.98
CA ASN C 28 15.17 78.20 2.12
C ASN C 28 14.96 79.70 1.89
N ALA C 29 15.94 80.32 1.24
CA ALA C 29 15.87 81.77 1.02
C ALA C 29 14.67 82.22 0.20
N THR C 30 14.23 81.40 -0.74
CA THR C 30 13.09 81.79 -1.59
C THR C 30 11.85 80.92 -1.46
N ALA C 31 11.86 79.95 -0.56
CA ALA C 31 10.71 79.06 -0.46
C ALA C 31 9.42 79.80 -0.08
N GLY C 32 9.52 80.75 0.83
CA GLY C 32 8.33 81.49 1.24
C GLY C 32 7.71 82.20 0.06
N GLU C 33 8.54 82.90 -0.72
CA GLU C 33 8.02 83.61 -1.90
C GLU C 33 7.48 82.64 -2.94
N GLN C 34 8.20 81.54 -3.21
CA GLN C 34 7.71 80.61 -4.24
C GLN C 34 6.36 80.01 -3.87
N VAL C 35 6.19 79.68 -2.59
CA VAL C 35 4.90 79.12 -2.12
C VAL C 35 3.80 80.18 -2.26
N TYR C 36 4.10 81.39 -1.80
CA TYR C 36 3.17 82.51 -1.91
C TYR C 36 2.76 82.69 -3.38
N GLN C 37 3.73 82.74 -4.30
CA GLN C 37 3.41 82.86 -5.73
C GLN C 37 2.62 81.66 -6.24
N ALA C 38 2.91 80.45 -5.73
CA ALA C 38 2.17 79.27 -6.16
C ALA C 38 0.68 79.43 -5.74
N ILE C 39 0.46 79.96 -4.55
CA ILE C 39 -0.91 80.20 -4.08
C ILE C 39 -1.59 81.22 -5.01
N LYS C 40 -0.88 82.30 -5.39
CA LYS C 40 -1.52 83.27 -6.29
C LYS C 40 -1.86 82.60 -7.62
N ALA C 41 -1.05 81.63 -8.02
CA ALA C 41 -1.25 80.91 -9.26
C ALA C 41 -2.33 79.80 -9.18
N GLY C 42 -2.96 79.64 -8.02
CA GLY C 42 -4.00 78.65 -7.89
C GLY C 42 -3.67 77.34 -7.17
N TYR C 43 -2.43 77.12 -6.79
CA TYR C 43 -2.11 75.88 -6.05
C TYR C 43 -2.62 75.98 -4.63
N ARG C 44 -3.11 74.87 -4.11
CA ARG C 44 -3.63 74.85 -2.76
C ARG C 44 -2.96 73.76 -1.92
N LEU C 45 -2.46 72.71 -2.57
CA LEU C 45 -1.73 71.63 -1.83
C LEU C 45 -0.22 71.81 -1.95
N PHE C 46 0.47 71.67 -0.82
CA PHE C 46 1.90 71.81 -0.80
C PHE C 46 2.48 70.57 -0.16
N ASP C 47 3.25 69.81 -0.92
CA ASP C 47 3.82 68.59 -0.43
C ASP C 47 5.21 68.90 0.16
N GLY C 48 5.26 68.83 1.49
CA GLY C 48 6.49 69.15 2.23
C GLY C 48 6.96 67.96 3.07
N ALA C 49 7.97 68.21 3.87
CA ALA C 49 8.48 67.13 4.72
C ALA C 49 9.51 67.69 5.66
N GLU C 50 9.66 67.04 6.79
CA GLU C 50 10.66 67.45 7.76
C GLU C 50 12.05 67.39 7.12
N ASP C 51 12.30 66.36 6.35
CA ASP C 51 13.63 66.19 5.74
C ASP C 51 13.99 67.29 4.74
N TYR C 52 12.99 68.03 4.22
CA TYR C 52 13.28 69.04 3.20
C TYR C 52 13.95 70.26 3.82
N GLY C 53 13.81 70.37 5.13
CA GLY C 53 14.44 71.42 5.93
C GLY C 53 13.99 72.84 5.65
N ASN C 54 12.80 73.00 5.08
CA ASN C 54 12.31 74.33 4.71
C ASN C 54 10.89 74.55 5.14
N GLU C 55 10.41 73.78 6.14
CA GLU C 55 9.01 73.93 6.53
C GLU C 55 8.70 75.30 7.14
N LYS C 56 9.68 75.90 7.81
CA LYS C 56 9.45 77.20 8.35
C LYS C 56 9.15 78.21 7.24
N GLU C 57 9.89 78.10 6.13
CA GLU C 57 9.72 79.05 5.02
C GLU C 57 8.48 78.74 4.22
N VAL C 58 8.14 77.46 4.09
CA VAL C 58 6.87 77.13 3.44
C VAL C 58 5.76 77.77 4.33
N GLY C 59 5.88 77.62 5.65
CA GLY C 59 4.89 78.23 6.55
C GLY C 59 4.80 79.75 6.35
N ASP C 60 5.95 80.40 6.13
CA ASP C 60 5.98 81.86 5.90
C ASP C 60 5.16 82.23 4.67
N GLY C 61 5.32 81.47 3.58
CA GLY C 61 4.58 81.73 2.36
C GLY C 61 3.08 81.60 2.58
N VAL C 62 2.68 80.53 3.27
CA VAL C 62 1.27 80.31 3.56
C VAL C 62 0.71 81.39 4.47
N LYS C 63 1.48 81.78 5.49
CA LYS C 63 1.00 82.79 6.41
C LYS C 63 0.83 84.14 5.68
N ARG C 64 1.74 84.45 4.77
CA ARG C 64 1.64 85.72 4.03
C ARG C 64 0.38 85.70 3.18
N ALA C 65 0.09 84.59 2.51
CA ALA C 65 -1.13 84.55 1.69
C ALA C 65 -2.39 84.65 2.55
N ILE C 66 -2.35 84.07 3.74
CA ILE C 66 -3.49 84.13 4.65
C ILE C 66 -3.62 85.55 5.23
N ASP C 67 -2.49 86.14 5.60
CA ASP C 67 -2.49 87.48 6.17
C ASP C 67 -3.00 88.53 5.18
N GLU C 68 -2.78 88.31 3.89
CA GLU C 68 -3.23 89.26 2.87
C GLU C 68 -4.65 88.95 2.44
N GLY C 69 -5.23 87.95 3.07
CA GLY C 69 -6.59 87.56 2.75
C GLY C 69 -6.82 86.80 1.46
N LEU C 70 -5.77 86.25 0.85
CA LEU C 70 -5.92 85.51 -0.41
C LEU C 70 -6.58 84.15 -0.26
N VAL C 71 -6.39 83.54 0.92
CA VAL C 71 -6.96 82.22 1.26
C VAL C 71 -7.10 82.15 2.78
N LYS C 72 -7.85 81.16 3.26
CA LYS C 72 -7.97 80.92 4.69
C LYS C 72 -7.18 79.61 4.92
N ARG C 73 -6.79 79.33 6.16
CA ARG C 73 -6.07 78.11 6.49
C ARG C 73 -6.78 76.89 5.91
N GLU C 74 -8.09 76.82 6.12
CA GLU C 74 -8.88 75.69 5.65
C GLU C 74 -8.90 75.47 4.14
N GLU C 75 -8.47 76.47 3.38
CA GLU C 75 -8.42 76.32 1.91
C GLU C 75 -7.07 75.79 1.39
N ILE C 76 -6.10 75.68 2.30
CA ILE C 76 -4.76 75.18 1.92
C ILE C 76 -4.63 73.76 2.48
N PHE C 77 -4.00 72.87 1.71
CA PHE C 77 -3.82 71.46 2.13
C PHE C 77 -2.31 71.29 2.33
N LEU C 78 -1.90 71.12 3.57
CA LEU C 78 -0.48 70.92 3.86
C LEU C 78 -0.16 69.47 4.14
N THR C 79 0.81 68.92 3.40
CA THR C 79 1.26 67.56 3.64
C THR C 79 2.66 67.68 4.22
N SER C 80 2.92 66.90 5.26
CA SER C 80 4.28 66.83 5.80
C SER C 80 4.58 65.33 5.96
N LYS C 81 5.81 65.00 6.33
CA LYS C 81 6.23 63.62 6.42
C LYS C 81 7.16 63.46 7.62
N LEU C 82 6.90 62.40 8.36
CA LEU C 82 7.65 62.01 9.55
C LEU C 82 8.97 61.38 9.10
N TRP C 83 10.09 61.98 9.47
CA TRP C 83 11.36 61.46 9.02
C TRP C 83 11.76 60.18 9.77
N ASN C 84 12.74 59.47 9.22
CA ASN C 84 13.14 58.17 9.71
C ASN C 84 13.61 58.09 11.16
N ASN C 85 14.23 59.16 11.66
CA ASN C 85 14.75 59.08 13.04
C ASN C 85 13.67 59.22 14.08
N TYR C 86 12.43 59.43 13.64
CA TYR C 86 11.36 59.70 14.59
C TYR C 86 10.25 58.67 14.62
N HIS C 87 10.55 57.40 14.35
CA HIS C 87 9.46 56.41 14.36
C HIS C 87 9.06 55.89 15.74
N ASP C 88 9.94 56.02 16.73
CA ASP C 88 9.61 55.51 18.07
C ASP C 88 8.42 56.33 18.57
N PRO C 89 7.34 55.70 19.05
CA PRO C 89 6.20 56.51 19.50
C PRO C 89 6.52 57.67 20.41
N LYS C 90 7.45 57.52 21.35
CA LYS C 90 7.73 58.66 22.22
C LYS C 90 8.34 59.84 21.50
N ASN C 91 8.76 59.68 20.23
CA ASN C 91 9.37 60.79 19.48
C ASN C 91 8.48 61.29 18.36
N VAL C 92 7.45 60.53 18.01
CA VAL C 92 6.57 60.91 16.90
C VAL C 92 5.95 62.27 17.16
N GLU C 93 5.40 62.46 18.36
CA GLU C 93 4.79 63.77 18.63
C GLU C 93 5.81 64.92 18.64
N THR C 94 7.01 64.66 19.16
CA THR C 94 8.06 65.66 19.19
C THR C 94 8.33 66.15 17.75
N ALA C 95 8.40 65.21 16.80
CA ALA C 95 8.68 65.61 15.41
C ALA C 95 7.49 66.36 14.84
N LEU C 96 6.28 65.84 15.04
CA LEU C 96 5.12 66.52 14.48
C LEU C 96 5.03 67.92 15.08
N ASN C 97 5.36 68.04 16.36
CA ASN C 97 5.26 69.37 16.97
C ASN C 97 6.20 70.36 16.33
N LYS C 98 7.38 69.91 15.95
CA LYS C 98 8.38 70.75 15.27
C LYS C 98 7.83 71.19 13.87
N THR C 99 7.24 70.24 13.15
CA THR C 99 6.63 70.52 11.87
C THR C 99 5.51 71.56 12.07
N LEU C 100 4.67 71.38 13.08
CA LEU C 100 3.58 72.35 13.27
C LEU C 100 4.09 73.72 13.64
N ALA C 101 5.10 73.78 14.49
CA ALA C 101 5.65 75.07 14.92
C ALA C 101 6.31 75.75 13.73
N ASP C 102 7.01 74.96 12.90
CA ASP C 102 7.67 75.53 11.72
C ASP C 102 6.66 76.06 10.71
N LEU C 103 5.64 75.24 10.38
CA LEU C 103 4.62 75.64 9.40
C LEU C 103 3.70 76.74 9.96
N LYS C 104 3.68 76.87 11.28
CA LYS C 104 2.85 77.88 11.99
C LYS C 104 1.36 77.58 11.86
N VAL C 105 1.02 76.32 12.10
CA VAL C 105 -0.37 75.86 12.03
C VAL C 105 -0.66 74.95 13.23
N ASP C 106 -1.94 74.71 13.48
CA ASP C 106 -2.39 73.86 14.59
C ASP C 106 -2.47 72.41 14.12
N TYR C 107 -2.62 72.20 12.82
CA TYR C 107 -2.70 70.82 12.32
C TYR C 107 -2.16 70.72 10.90
N VAL C 108 -1.76 69.53 10.46
CA VAL C 108 -1.40 69.37 9.05
C VAL C 108 -2.53 68.56 8.42
N ASP C 109 -2.76 68.72 7.11
CA ASP C 109 -3.83 67.98 6.44
C ASP C 109 -3.44 66.52 6.20
N LEU C 110 -2.15 66.29 5.90
CA LEU C 110 -1.75 64.91 5.65
C LEU C 110 -0.38 64.73 6.25
N PHE C 111 -0.20 63.66 7.02
CA PHE C 111 1.11 63.41 7.60
C PHE C 111 1.45 61.98 7.19
N LEU C 112 2.57 61.81 6.49
CA LEU C 112 2.97 60.49 6.01
C LEU C 112 4.22 59.94 6.70
N ILE C 113 4.26 58.63 6.87
CA ILE C 113 5.51 58.00 7.33
C ILE C 113 6.35 58.12 6.01
N HIS C 114 7.46 58.85 6.07
CA HIS C 114 8.27 59.14 4.87
C HIS C 114 8.86 57.87 4.23
N PHE C 115 9.39 56.98 5.06
CA PHE C 115 9.94 55.69 4.61
C PHE C 115 9.71 54.65 5.70
N PRO C 116 9.58 53.37 5.33
CA PRO C 116 9.38 52.25 6.29
C PRO C 116 10.79 51.86 6.80
N ILE C 117 11.45 52.85 7.40
CA ILE C 117 12.84 52.71 7.88
C ILE C 117 12.90 53.49 9.22
N ALA C 118 13.48 52.91 10.25
CA ALA C 118 13.55 53.55 11.55
C ALA C 118 15.02 53.80 11.95
N PHE C 119 15.46 55.02 11.71
CA PHE C 119 16.84 55.45 12.07
C PHE C 119 16.85 55.71 13.58
N LYS C 120 18.02 55.52 14.19
CA LYS C 120 18.16 55.83 15.63
C LYS C 120 17.75 57.31 15.87
N PHE C 121 16.98 57.56 16.93
CA PHE C 121 16.56 58.93 17.26
C PHE C 121 17.75 59.86 17.52
N VAL C 122 17.66 61.07 17.00
CA VAL C 122 18.67 62.12 17.22
C VAL C 122 17.84 63.32 17.68
N PRO C 123 18.13 63.85 18.88
CA PRO C 123 17.32 65.02 19.31
C PRO C 123 17.31 66.14 18.29
N ILE C 124 16.21 66.86 18.22
CA ILE C 124 16.08 67.97 17.28
C ILE C 124 17.13 69.04 17.49
N GLU C 125 17.47 69.26 18.76
CA GLU C 125 18.47 70.29 19.11
C GLU C 125 19.86 69.85 18.71
N GLU C 126 20.04 68.55 18.49
CA GLU C 126 21.36 68.07 18.08
C GLU C 126 21.62 68.32 16.61
N LYS C 127 20.67 67.95 15.74
CA LYS C 127 20.86 68.21 14.32
C LYS C 127 19.46 68.18 13.70
N TYR C 128 19.11 69.20 12.94
CA TYR C 128 17.78 69.16 12.31
C TYR C 128 17.76 69.95 10.99
N PRO C 129 17.31 69.33 9.89
CA PRO C 129 16.81 67.95 9.83
C PRO C 129 18.04 67.05 9.92
N PRO C 130 17.89 65.86 10.51
CA PRO C 130 19.09 65.01 10.62
C PRO C 130 19.53 64.30 9.37
N GLY C 131 18.63 64.13 8.40
CA GLY C 131 19.09 63.43 7.20
C GLY C 131 19.50 62.00 7.51
N PHE C 132 20.71 61.62 7.05
CA PHE C 132 21.20 60.26 7.26
C PHE C 132 21.99 60.15 8.54
N TYR C 133 22.11 61.25 9.27
CA TYR C 133 22.84 61.19 10.55
C TYR C 133 22.02 60.36 11.57
N CYS C 134 22.64 59.38 12.23
CA CYS C 134 21.99 58.54 13.21
C CYS C 134 22.64 58.60 14.62
N GLY C 135 23.37 59.66 14.91
CA GLY C 135 23.93 59.81 16.26
C GLY C 135 25.27 59.15 16.52
N ASP C 136 25.92 58.66 15.46
CA ASP C 136 27.21 57.95 15.57
C ASP C 136 28.05 58.17 14.34
N GLY C 137 28.61 59.36 14.26
CA GLY C 137 29.43 59.74 13.13
C GLY C 137 28.63 59.55 11.85
N ASN C 138 29.26 58.90 10.87
CA ASN C 138 28.58 58.67 9.59
C ASN C 138 27.96 57.28 9.53
N ASN C 139 27.88 56.59 10.66
CA ASN C 139 27.30 55.24 10.65
C ASN C 139 25.77 55.29 10.65
N PHE C 140 25.15 54.37 9.91
CA PHE C 140 23.70 54.25 9.96
C PHE C 140 23.42 53.38 11.18
N VAL C 141 22.45 53.80 12.01
CA VAL C 141 22.08 53.03 13.19
C VAL C 141 20.56 53.06 13.16
N TYR C 142 19.94 51.92 13.49
CA TYR C 142 18.49 51.76 13.42
C TYR C 142 17.84 51.42 14.75
N GLU C 143 16.51 51.52 14.83
CA GLU C 143 15.77 51.20 16.05
C GLU C 143 14.77 50.11 15.74
N ASP C 144 14.49 49.29 16.76
CA ASP C 144 13.53 48.21 16.60
C ASP C 144 12.12 48.75 16.84
N VAL C 145 11.59 49.53 15.89
CA VAL C 145 10.24 50.06 16.07
C VAL C 145 9.39 49.55 14.90
N PRO C 146 8.49 48.60 15.16
CA PRO C 146 7.67 48.13 14.00
C PRO C 146 6.81 49.28 13.45
N ILE C 147 6.50 49.22 12.16
CA ILE C 147 5.67 50.23 11.50
C ILE C 147 4.35 50.43 12.28
N LEU C 148 3.71 49.35 12.71
CA LEU C 148 2.42 49.52 13.40
C LEU C 148 2.51 50.37 14.69
N GLU C 149 3.65 50.32 15.39
CA GLU C 149 3.80 51.13 16.61
C GLU C 149 3.79 52.60 16.16
N THR C 150 4.53 52.90 15.11
CA THR C 150 4.56 54.29 14.60
C THR C 150 3.17 54.69 14.14
N TRP C 151 2.52 53.77 13.45
CA TRP C 151 1.16 54.06 12.97
C TRP C 151 0.21 54.38 14.13
N LYS C 152 0.20 53.55 15.17
CA LYS C 152 -0.67 53.84 16.31
C LYS C 152 -0.35 55.20 16.94
N ALA C 153 0.93 55.58 16.99
CA ALA C 153 1.26 56.92 17.49
C ALA C 153 0.61 57.99 16.56
N LEU C 154 0.59 57.74 15.24
CA LEU C 154 -0.05 58.74 14.34
C LEU C 154 -1.55 58.74 14.55
N GLU C 155 -2.14 57.56 14.76
CA GLU C 155 -3.59 57.55 15.01
C GLU C 155 -3.92 58.40 16.26
N LYS C 156 -3.10 58.33 17.29
CA LYS C 156 -3.35 59.12 18.47
C LYS C 156 -3.24 60.62 18.18
N LEU C 157 -2.35 60.99 17.25
CA LEU C 157 -2.18 62.40 16.90
C LEU C 157 -3.35 62.88 16.07
N VAL C 158 -3.98 61.98 15.31
CA VAL C 158 -5.22 62.38 14.61
C VAL C 158 -6.30 62.63 15.70
N ALA C 159 -6.34 61.79 16.75
CA ALA C 159 -7.34 61.99 17.83
C ALA C 159 -7.06 63.32 18.53
N ALA C 160 -5.78 63.71 18.57
CA ALA C 160 -5.37 64.96 19.20
C ALA C 160 -5.63 66.21 18.34
N GLY C 161 -6.17 65.99 17.16
CA GLY C 161 -6.52 67.09 16.26
C GLY C 161 -5.35 67.71 15.52
N LYS C 162 -4.16 67.13 15.65
CA LYS C 162 -2.96 67.69 14.99
C LYS C 162 -2.76 67.23 13.56
N ILE C 163 -3.52 66.23 13.13
CA ILE C 163 -3.41 65.73 11.76
C ILE C 163 -4.81 65.37 11.26
N LYS C 164 -5.15 65.76 10.01
CA LYS C 164 -6.48 65.42 9.52
C LYS C 164 -6.52 64.01 8.91
N SER C 165 -5.53 63.72 8.08
CA SER C 165 -5.44 62.41 7.42
C SER C 165 -4.02 61.87 7.55
N ILE C 166 -3.88 60.56 7.63
CA ILE C 166 -2.54 59.98 7.75
C ILE C 166 -2.28 58.97 6.61
N GLY C 167 -1.01 58.78 6.23
CA GLY C 167 -0.76 57.86 5.13
C GLY C 167 0.69 57.42 5.16
N VAL C 168 1.10 56.74 4.10
CA VAL C 168 2.47 56.25 4.03
C VAL C 168 3.15 56.58 2.72
N SER C 169 4.48 56.57 2.72
CA SER C 169 5.23 56.84 1.51
C SER C 169 6.30 55.75 1.37
N ASN C 170 6.57 55.34 0.13
CA ASN C 170 7.59 54.34 -0.13
C ASN C 170 7.36 52.97 0.52
N PHE C 171 6.09 52.57 0.57
CA PHE C 171 5.74 51.26 1.10
C PHE C 171 5.44 50.33 -0.05
N PRO C 172 6.08 49.14 -0.06
CA PRO C 172 5.84 48.11 -1.10
C PRO C 172 4.49 47.43 -0.71
N GLY C 173 3.97 46.60 -1.60
CA GLY C 173 2.68 45.96 -1.38
C GLY C 173 2.51 45.09 -0.15
N ALA C 174 3.48 44.23 0.13
CA ALA C 174 3.33 43.34 1.29
C ALA C 174 3.26 44.12 2.60
N LEU C 175 3.96 45.23 2.64
CA LEU C 175 4.02 46.04 3.85
C LEU C 175 2.74 46.83 4.02
N LEU C 176 2.22 47.39 2.93
CA LEU C 176 0.97 48.14 3.02
C LEU C 176 -0.15 47.16 3.44
N LEU C 177 -0.16 45.97 2.83
CA LEU C 177 -1.18 44.96 3.16
C LEU C 177 -1.11 44.65 4.65
N ASP C 178 0.07 44.42 5.19
CA ASP C 178 0.16 44.12 6.63
C ASP C 178 -0.28 45.31 7.50
N LEU C 179 0.06 46.52 7.09
CA LEU C 179 -0.41 47.67 7.87
C LEU C 179 -1.94 47.76 7.83
N LEU C 180 -2.55 47.47 6.66
CA LEU C 180 -4.03 47.53 6.59
C LEU C 180 -4.67 46.54 7.60
N ARG C 181 -3.98 45.44 7.92
CA ARG C 181 -4.52 44.49 8.90
C ARG C 181 -4.52 45.04 10.32
N GLY C 182 -3.56 45.92 10.62
CA GLY C 182 -3.51 46.45 11.99
C GLY C 182 -4.00 47.85 12.22
N ALA C 183 -4.28 48.58 11.14
CA ALA C 183 -4.70 49.97 11.21
C ALA C 183 -6.17 50.14 11.64
N THR C 184 -6.43 51.10 12.52
CA THR C 184 -7.81 51.42 12.91
C THR C 184 -8.22 52.52 11.91
N ILE C 185 -7.35 53.51 11.71
CA ILE C 185 -7.58 54.54 10.69
C ILE C 185 -6.77 53.97 9.51
N LYS C 186 -7.41 53.67 8.39
CA LYS C 186 -6.67 53.10 7.28
C LYS C 186 -5.77 54.14 6.63
N PRO C 187 -4.60 53.74 6.11
CA PRO C 187 -3.77 54.77 5.47
C PRO C 187 -4.51 55.35 4.28
N ALA C 188 -4.62 56.66 4.25
CA ALA C 188 -5.43 57.30 3.22
C ALA C 188 -4.72 57.50 1.90
N VAL C 189 -3.39 57.59 1.99
CA VAL C 189 -2.58 57.90 0.83
C VAL C 189 -1.37 56.99 0.86
N LEU C 190 -0.95 56.59 -0.34
CA LEU C 190 0.32 55.84 -0.52
C LEU C 190 1.05 56.77 -1.51
N GLN C 191 2.19 57.36 -1.12
CA GLN C 191 2.92 58.25 -2.03
C GLN C 191 4.16 57.51 -2.50
N VAL C 192 4.28 57.28 -3.81
CA VAL C 192 5.45 56.51 -4.29
C VAL C 192 6.03 57.11 -5.55
N GLU C 193 7.27 56.75 -5.83
CA GLU C 193 7.94 57.20 -7.05
C GLU C 193 7.09 56.55 -8.18
N HIS C 194 6.72 57.34 -9.18
CA HIS C 194 5.83 56.82 -10.22
C HIS C 194 5.98 57.62 -11.52
N HIS C 195 6.45 56.93 -12.55
CA HIS C 195 6.72 57.52 -13.86
C HIS C 195 6.78 56.34 -14.82
N PRO C 196 6.79 56.61 -16.13
CA PRO C 196 6.83 55.51 -17.13
C PRO C 196 7.90 54.44 -17.01
N TYR C 197 9.02 54.74 -16.33
CA TYR C 197 10.06 53.75 -16.21
C TYR C 197 9.85 52.85 -14.98
N LEU C 198 8.98 53.27 -14.07
CA LEU C 198 8.69 52.54 -12.83
C LEU C 198 7.17 52.66 -12.61
N GLN C 199 6.42 51.82 -13.33
CA GLN C 199 4.98 51.90 -13.28
C GLN C 199 4.29 51.13 -12.18
N GLN C 200 4.90 50.05 -11.70
CA GLN C 200 4.31 49.22 -10.63
C GLN C 200 2.79 49.15 -10.72
N PRO C 201 2.24 48.77 -11.89
CA PRO C 201 0.78 48.72 -12.03
C PRO C 201 0.06 47.82 -11.03
N LYS C 202 0.69 46.73 -10.60
CA LYS C 202 0.02 45.84 -9.62
C LYS C 202 -0.09 46.51 -8.26
N LEU C 203 0.95 47.24 -7.88
CA LEU C 203 0.88 47.95 -6.60
C LEU C 203 -0.25 49.03 -6.68
N ILE C 204 -0.28 49.78 -7.78
CA ILE C 204 -1.29 50.82 -7.98
C ILE C 204 -2.70 50.20 -7.92
N GLU C 205 -2.87 49.09 -8.64
CA GLU C 205 -4.19 48.44 -8.67
C GLU C 205 -4.61 47.97 -7.30
N PHE C 206 -3.71 47.30 -6.58
CA PHE C 206 -4.05 46.86 -5.25
C PHE C 206 -4.40 48.03 -4.31
N ALA C 207 -3.57 49.07 -4.28
CA ALA C 207 -3.84 50.19 -3.34
C ALA C 207 -5.16 50.86 -3.69
N GLN C 208 -5.40 51.12 -4.96
CA GLN C 208 -6.64 51.81 -5.33
C GLN C 208 -7.86 50.96 -4.98
N LYS C 209 -7.81 49.67 -5.28
CA LYS C 209 -8.92 48.79 -4.94
C LYS C 209 -9.14 48.76 -3.40
N ALA C 210 -8.08 48.96 -2.62
CA ALA C 210 -8.21 48.99 -1.16
C ALA C 210 -8.71 50.36 -0.68
N GLY C 211 -8.90 51.28 -1.61
CA GLY C 211 -9.42 52.61 -1.28
C GLY C 211 -8.36 53.60 -0.83
N VAL C 212 -7.09 53.23 -1.04
CA VAL C 212 -5.95 54.11 -0.71
C VAL C 212 -5.72 55.01 -1.94
N THR C 213 -5.48 56.30 -1.71
CA THR C 213 -5.25 57.23 -2.82
C THR C 213 -3.79 57.30 -3.12
N ILE C 214 -3.43 57.20 -4.40
CA ILE C 214 -2.02 57.28 -4.78
C ILE C 214 -1.57 58.70 -5.07
N THR C 215 -0.42 59.11 -4.52
CA THR C 215 0.18 60.39 -4.94
C THR C 215 1.52 59.96 -5.58
N ALA C 216 1.75 60.40 -6.82
CA ALA C 216 2.98 60.06 -7.54
C ALA C 216 4.05 61.11 -7.27
N TYR C 217 5.31 60.70 -7.14
CA TYR C 217 6.35 61.72 -7.06
C TYR C 217 7.38 61.37 -8.13
N SER C 218 8.18 62.36 -8.54
CA SER C 218 9.15 62.23 -9.61
C SER C 218 8.45 61.78 -10.89
N SER C 219 7.32 62.44 -11.18
CA SER C 219 6.52 62.12 -12.37
C SER C 219 7.35 62.30 -13.64
N PHE C 220 8.42 63.10 -13.55
CA PHE C 220 9.28 63.26 -14.73
C PHE C 220 10.46 62.32 -14.70
N GLY C 221 10.36 61.27 -13.89
CA GLY C 221 11.41 60.26 -13.87
C GLY C 221 12.81 60.68 -13.46
N PRO C 222 13.84 60.39 -14.29
CA PRO C 222 15.20 60.75 -13.89
C PRO C 222 15.49 62.23 -13.72
N GLN C 223 14.66 63.09 -14.29
CA GLN C 223 14.93 64.54 -14.24
C GLN C 223 15.34 65.08 -12.87
N SER C 224 14.47 64.86 -11.89
CA SER C 224 14.76 65.33 -10.54
C SER C 224 16.14 64.88 -10.00
N PHE C 225 16.56 63.68 -10.36
CA PHE C 225 17.83 63.15 -9.87
C PHE C 225 19.03 63.52 -10.71
N VAL C 226 18.83 63.86 -11.98
CA VAL C 226 19.97 64.26 -12.82
C VAL C 226 20.40 65.61 -12.26
N GLU C 227 19.42 66.38 -11.84
CA GLU C 227 19.67 67.70 -11.25
C GLU C 227 20.48 67.63 -9.95
N MET C 228 20.65 66.42 -9.42
CA MET C 228 21.39 66.19 -8.18
C MET C 228 22.67 65.42 -8.51
N ASN C 229 22.97 65.34 -9.80
CA ASN C 229 24.17 64.64 -10.26
C ASN C 229 24.18 63.16 -9.87
N GLN C 230 23.01 62.51 -9.87
CA GLN C 230 22.97 61.07 -9.57
C GLN C 230 23.42 60.27 -10.81
N GLY C 231 24.38 59.37 -10.62
CA GLY C 231 24.88 58.56 -11.72
C GLY C 231 23.82 57.77 -12.46
N ARG C 232 22.92 57.09 -11.73
CA ARG C 232 21.87 56.32 -12.39
C ARG C 232 20.98 57.22 -13.27
N ALA C 233 20.54 58.34 -12.73
CA ALA C 233 19.66 59.24 -13.49
C ALA C 233 20.36 59.83 -14.72
N LEU C 234 21.64 60.20 -14.55
CA LEU C 234 22.40 60.77 -15.66
C LEU C 234 22.62 59.77 -16.78
N ASN C 235 22.58 58.47 -16.45
CA ASN C 235 22.74 57.42 -17.46
C ASN C 235 21.41 57.04 -18.10
N THR C 236 20.35 57.76 -17.76
CA THR C 236 19.04 57.41 -18.30
C THR C 236 18.46 58.33 -19.34
N PRO C 237 18.03 57.78 -20.50
CA PRO C 237 17.41 58.55 -21.60
C PRO C 237 16.23 59.29 -20.99
N THR C 238 16.13 60.61 -21.20
CA THR C 238 15.04 61.41 -20.61
C THR C 238 13.69 61.04 -21.16
N LEU C 239 12.66 61.17 -20.32
CA LEU C 239 11.31 60.87 -20.74
C LEU C 239 10.86 61.98 -21.69
N PHE C 240 11.43 63.17 -21.52
CA PHE C 240 11.07 64.31 -22.38
C PHE C 240 11.45 64.09 -23.84
N ALA C 241 12.54 63.37 -24.08
CA ALA C 241 13.01 63.11 -25.44
C ALA C 241 12.63 61.72 -25.93
N HIS C 242 11.87 60.98 -25.13
CA HIS C 242 11.47 59.63 -25.52
C HIS C 242 10.50 59.65 -26.68
N ASP C 243 10.79 58.83 -27.68
CA ASP C 243 9.97 58.77 -28.89
C ASP C 243 8.49 58.55 -28.64
N THR C 244 8.19 57.65 -27.70
CA THR C 244 6.81 57.35 -27.39
C THR C 244 6.09 58.54 -26.77
N ILE C 245 6.74 59.22 -25.84
CA ILE C 245 6.10 60.36 -25.19
C ILE C 245 5.98 61.51 -26.22
N LYS C 246 7.02 61.72 -27.01
CA LYS C 246 7.01 62.77 -28.05
C LYS C 246 5.87 62.53 -29.06
N ALA C 247 5.75 61.29 -29.53
CA ALA C 247 4.70 60.97 -30.49
C ALA C 247 3.32 61.28 -29.93
N ILE C 248 3.07 60.85 -28.70
CA ILE C 248 1.77 61.12 -28.09
C ILE C 248 1.58 62.60 -27.88
N ALA C 249 2.66 63.27 -27.51
CA ALA C 249 2.64 64.71 -27.29
C ALA C 249 2.27 65.46 -28.60
N ALA C 250 3.01 65.17 -29.66
CA ALA C 250 2.76 65.79 -30.96
C ALA C 250 1.34 65.45 -31.39
N LYS C 251 0.93 64.21 -31.15
CA LYS C 251 -0.39 63.72 -31.49
C LYS C 251 -1.53 64.52 -30.83
N TYR C 252 -1.26 65.19 -29.72
CA TYR C 252 -2.30 65.98 -29.05
C TYR C 252 -1.91 67.44 -29.00
N ASN C 253 -0.73 67.73 -29.53
CA ASN C 253 -0.22 69.10 -29.52
C ASN C 253 -0.01 69.55 -28.07
N LYS C 254 0.72 68.75 -27.30
CA LYS C 254 0.99 69.07 -25.90
C LYS C 254 2.47 68.91 -25.66
N THR C 255 2.95 69.35 -24.49
CA THR C 255 4.37 69.16 -24.23
C THR C 255 4.53 67.74 -23.67
N PRO C 256 5.76 67.22 -23.66
CA PRO C 256 5.98 65.87 -23.12
C PRO C 256 5.61 65.91 -21.62
N ALA C 257 5.89 67.03 -20.96
CA ALA C 257 5.57 67.16 -19.53
C ALA C 257 4.07 67.01 -19.28
N GLU C 258 3.27 67.57 -20.19
CA GLU C 258 1.83 67.48 -20.03
C GLU C 258 1.35 66.07 -20.20
N VAL C 259 1.97 65.30 -21.10
CA VAL C 259 1.59 63.92 -21.30
C VAL C 259 1.99 63.11 -20.07
N LEU C 260 3.15 63.38 -19.51
CA LEU C 260 3.63 62.64 -18.34
C LEU C 260 2.73 62.84 -17.13
N LEU C 261 2.22 64.06 -16.94
CA LEU C 261 1.33 64.33 -15.84
C LEU C 261 -0.09 63.79 -16.11
N ARG C 262 -0.55 63.88 -17.36
CA ARG C 262 -1.90 63.41 -17.65
C ARG C 262 -2.01 61.91 -17.49
N TRP C 263 -0.94 61.23 -17.89
CA TRP C 263 -0.83 59.78 -17.78
C TRP C 263 -1.16 59.31 -16.36
N ALA C 264 -0.70 60.07 -15.35
CA ALA C 264 -1.01 59.72 -13.97
C ALA C 264 -2.42 60.22 -13.58
N ALA C 265 -2.69 61.50 -13.82
CA ALA C 265 -3.96 62.05 -13.40
C ALA C 265 -5.14 61.30 -13.97
N GLN C 266 -5.06 60.90 -15.23
CA GLN C 266 -6.20 60.26 -15.86
C GLN C 266 -6.51 58.96 -15.17
N ARG C 267 -5.53 58.42 -14.47
CA ARG C 267 -5.71 57.16 -13.76
C ARG C 267 -6.08 57.33 -12.29
N GLY C 268 -6.48 58.53 -11.91
CA GLY C 268 -6.91 58.79 -10.54
C GLY C 268 -5.75 59.00 -9.57
N ILE C 269 -4.57 59.25 -10.11
CA ILE C 269 -3.35 59.44 -9.29
C ILE C 269 -3.05 60.90 -9.10
N ALA C 270 -2.87 61.33 -7.85
CA ALA C 270 -2.54 62.73 -7.58
C ALA C 270 -1.10 63.01 -7.97
N VAL C 271 -0.83 64.23 -8.43
CA VAL C 271 0.53 64.62 -8.80
C VAL C 271 1.00 65.87 -8.03
N ILE C 272 2.31 65.98 -7.82
CA ILE C 272 2.85 67.10 -7.06
C ILE C 272 4.14 67.57 -7.70
N PRO C 273 4.07 67.90 -9.01
CA PRO C 273 5.25 68.35 -9.75
C PRO C 273 5.98 69.51 -9.08
N LYS C 274 7.30 69.51 -9.23
CA LYS C 274 8.14 70.60 -8.72
C LYS C 274 8.07 71.66 -9.84
N SER C 275 7.47 72.82 -9.57
CA SER C 275 7.35 73.87 -10.58
C SER C 275 8.35 74.95 -10.20
N ASN C 276 9.49 74.90 -10.86
CA ASN C 276 10.57 75.81 -10.52
C ASN C 276 10.69 77.07 -11.36
N LEU C 277 9.71 77.28 -12.25
CA LEU C 277 9.68 78.46 -13.13
C LEU C 277 8.21 78.84 -13.27
N PRO C 278 7.90 80.15 -13.42
CA PRO C 278 6.53 80.67 -13.57
C PRO C 278 5.68 79.98 -14.66
N GLU C 279 6.28 79.71 -15.82
CA GLU C 279 5.58 79.05 -16.92
C GLU C 279 5.27 77.58 -16.61
N ARG C 280 6.19 76.91 -15.92
CA ARG C 280 5.98 75.52 -15.52
C ARG C 280 4.88 75.52 -14.45
N LEU C 281 4.87 76.57 -13.65
CA LEU C 281 3.88 76.71 -12.59
C LEU C 281 2.48 76.59 -13.22
N VAL C 282 2.20 77.39 -14.25
CA VAL C 282 0.87 77.33 -14.86
C VAL C 282 0.67 76.06 -15.68
N GLN C 283 1.71 75.68 -16.41
CA GLN C 283 1.62 74.50 -17.25
C GLN C 283 1.44 73.19 -16.44
N ASN C 284 2.01 73.17 -15.25
CA ASN C 284 1.92 71.98 -14.39
C ASN C 284 0.56 71.79 -13.71
N ARG C 285 -0.33 72.77 -13.79
CA ARG C 285 -1.66 72.57 -13.19
C ARG C 285 -2.77 72.74 -14.22
N SER C 286 -2.38 72.90 -15.48
CA SER C 286 -3.36 73.13 -16.57
C SER C 286 -3.33 72.09 -17.68
N PHE C 287 -2.86 70.89 -17.36
CA PHE C 287 -2.72 69.83 -18.33
C PHE C 287 -3.90 68.88 -18.53
N ASN C 288 -4.98 69.01 -17.77
CA ASN C 288 -6.11 68.11 -17.96
C ASN C 288 -6.97 68.63 -19.13
N THR C 289 -6.41 68.64 -20.32
CA THR C 289 -7.15 69.16 -21.47
C THR C 289 -7.29 68.18 -22.62
N PHE C 290 -6.90 66.93 -22.39
CA PHE C 290 -7.01 65.92 -23.42
C PHE C 290 -7.08 64.56 -22.76
N ASP C 291 -7.46 63.54 -23.53
CA ASP C 291 -7.53 62.19 -22.99
C ASP C 291 -6.65 61.23 -23.74
N LEU C 292 -5.96 60.40 -22.98
CA LEU C 292 -5.11 59.39 -23.55
C LEU C 292 -6.02 58.22 -23.90
N THR C 293 -5.73 57.56 -25.00
CA THR C 293 -6.56 56.43 -25.39
C THR C 293 -5.97 55.16 -24.82
N LYS C 294 -6.77 54.10 -24.83
CA LYS C 294 -6.34 52.77 -24.41
C LYS C 294 -5.02 52.44 -25.12
N GLU C 295 -4.93 52.81 -26.40
CA GLU C 295 -3.73 52.55 -27.19
C GLU C 295 -2.59 53.45 -26.70
N ASP C 296 -2.90 54.68 -26.30
CA ASP C 296 -1.83 55.52 -25.78
C ASP C 296 -1.27 54.83 -24.52
N PHE C 297 -2.14 54.34 -23.64
CA PHE C 297 -1.67 53.70 -22.41
C PHE C 297 -0.86 52.47 -22.70
N GLU C 298 -1.28 51.71 -23.71
CA GLU C 298 -0.55 50.49 -24.08
C GLU C 298 0.84 50.87 -24.59
N GLU C 299 0.95 51.97 -25.34
CA GLU C 299 2.29 52.32 -25.80
C GLU C 299 3.14 52.82 -24.63
N ILE C 300 2.53 53.56 -23.70
CA ILE C 300 3.30 54.04 -22.58
C ILE C 300 3.71 52.88 -21.67
N ALA C 301 2.84 51.88 -21.54
CA ALA C 301 3.15 50.73 -20.68
C ALA C 301 4.42 49.98 -21.08
N LYS C 302 4.83 50.11 -22.35
CA LYS C 302 6.03 49.43 -22.80
C LYS C 302 7.30 50.04 -22.22
N LEU C 303 7.21 51.24 -21.66
CA LEU C 303 8.43 51.85 -21.12
C LEU C 303 8.78 51.28 -19.73
N ASP C 304 7.87 50.54 -19.13
CA ASP C 304 8.09 50.04 -17.76
C ASP C 304 9.23 49.08 -17.66
N ILE C 305 10.36 49.53 -17.10
CA ILE C 305 11.52 48.69 -16.95
C ILE C 305 11.91 48.51 -15.47
N GLY C 306 11.06 49.00 -14.57
CA GLY C 306 11.37 48.87 -13.13
C GLY C 306 12.60 49.67 -12.74
N LEU C 307 12.81 50.82 -13.37
CA LEU C 307 14.01 51.64 -13.05
C LEU C 307 13.66 52.61 -11.93
N ARG C 308 14.29 52.43 -10.77
CA ARG C 308 13.96 53.23 -9.58
C ARG C 308 15.07 54.20 -9.19
N PHE C 309 14.74 55.48 -9.11
CA PHE C 309 15.77 56.46 -8.76
C PHE C 309 15.91 56.77 -7.26
N ASN C 310 14.86 56.51 -6.48
CA ASN C 310 14.91 56.84 -5.02
C ASN C 310 14.85 55.51 -4.31
N ASP C 311 16.03 54.94 -4.00
CA ASP C 311 16.10 53.59 -3.43
C ASP C 311 17.04 53.55 -2.22
N PRO C 312 16.50 53.26 -1.03
CA PRO C 312 17.28 53.16 0.21
C PRO C 312 18.36 52.06 0.09
N TRP C 313 18.27 51.21 -0.94
CA TRP C 313 19.34 50.20 -1.09
C TRP C 313 20.65 50.98 -1.36
N ASP C 314 20.51 52.13 -2.01
CA ASP C 314 21.68 52.95 -2.35
C ASP C 314 22.28 53.60 -1.11
N TRP C 315 21.46 53.84 -0.08
CA TRP C 315 21.98 54.50 1.13
C TRP C 315 22.82 53.59 1.99
N ASP C 316 22.27 52.42 2.29
CA ASP C 316 22.92 51.49 3.20
C ASP C 316 22.44 50.05 3.03
N ASN C 317 22.15 49.68 1.79
CA ASN C 317 21.66 48.33 1.47
C ASN C 317 20.43 48.02 2.34
N ILE C 318 19.48 48.97 2.39
CA ILE C 318 18.24 48.82 3.17
C ILE C 318 17.30 48.12 2.22
N PRO C 319 16.76 46.95 2.63
CA PRO C 319 15.90 46.14 1.77
C PRO C 319 14.46 46.48 1.51
N ILE C 320 14.15 47.77 1.44
CA ILE C 320 12.72 48.16 1.27
C ILE C 320 12.15 47.63 -0.06
N PHE C 321 12.91 47.72 -1.15
CA PHE C 321 12.39 47.30 -2.45
C PHE C 321 12.93 46.01 -3.03
N VAL C 322 13.31 45.07 -2.16
CA VAL C 322 13.88 43.80 -2.65
C VAL C 322 13.14 42.58 -2.05
N SER D 4 28.63 13.78 5.51
CA SER D 4 28.96 14.39 4.18
C SER D 4 28.06 15.60 3.81
N ILE D 5 26.78 15.59 4.23
CA ILE D 5 25.88 16.75 3.98
C ILE D 5 26.20 17.77 5.09
N PRO D 6 26.79 18.94 4.74
CA PRO D 6 27.13 19.95 5.76
C PRO D 6 25.90 20.48 6.51
N ASP D 7 26.09 20.82 7.78
CA ASP D 7 25.00 21.40 8.60
C ASP D 7 25.20 22.91 8.64
N ILE D 8 24.13 23.65 8.87
CA ILE D 8 24.21 25.11 8.95
C ILE D 8 23.80 25.45 10.36
N LYS D 9 24.52 26.37 10.99
CA LYS D 9 24.19 26.82 12.35
C LYS D 9 23.09 27.87 12.24
N LEU D 10 21.87 27.55 12.70
CA LEU D 10 20.80 28.51 12.69
C LEU D 10 21.01 29.52 13.85
N SER D 11 20.48 30.71 13.69
CA SER D 11 20.55 31.75 14.74
C SER D 11 19.86 31.26 16.06
N SER D 12 18.99 30.26 15.99
CA SER D 12 18.27 29.71 17.15
C SER D 12 19.14 28.78 17.99
N GLY D 13 20.34 28.52 17.49
CA GLY D 13 21.26 27.64 18.20
C GLY D 13 21.07 26.16 17.92
N HIS D 14 20.41 25.84 16.80
CA HIS D 14 20.21 24.46 16.36
C HIS D 14 20.83 24.32 14.97
N LEU D 15 21.27 23.11 14.66
CA LEU D 15 21.87 22.83 13.37
C LEU D 15 20.78 22.41 12.40
N MET D 16 20.95 22.78 11.14
CA MET D 16 20.00 22.38 10.11
C MET D 16 20.77 21.81 8.92
N PRO D 17 20.44 20.57 8.48
CA PRO D 17 21.13 19.99 7.32
C PRO D 17 20.99 20.93 6.12
N SER D 18 22.08 21.10 5.37
CA SER D 18 22.07 22.00 4.21
C SER D 18 21.38 21.40 2.98
N ILE D 19 21.10 20.10 3.01
CA ILE D 19 20.40 19.44 1.88
C ILE D 19 19.28 18.64 2.48
N GLY D 20 18.07 18.86 1.97
CA GLY D 20 16.93 18.13 2.50
C GLY D 20 16.09 17.51 1.39
N PHE D 21 14.92 16.99 1.77
CA PHE D 21 14.03 16.27 0.85
C PHE D 21 12.68 17.05 0.84
N GLY D 22 12.31 17.58 -0.33
CA GLY D 22 11.06 18.35 -0.47
C GLY D 22 9.81 17.48 -0.51
N CYS D 23 8.74 17.89 0.17
CA CYS D 23 7.54 17.05 0.25
C CYS D 23 6.33 17.63 -0.45
N TRP D 24 6.49 18.75 -1.16
CA TRP D 24 5.34 19.35 -1.86
C TRP D 24 5.02 18.40 -3.04
N LYS D 25 3.76 18.03 -3.18
CA LYS D 25 3.26 17.12 -4.25
C LYS D 25 3.81 15.71 -4.14
N LEU D 26 4.18 15.32 -2.92
CA LEU D 26 4.66 13.99 -2.67
C LEU D 26 3.34 13.21 -2.49
N ALA D 27 3.04 12.32 -3.44
CA ALA D 27 1.75 11.59 -3.36
C ALA D 27 1.50 10.84 -2.06
N ASN D 28 0.31 10.99 -1.50
CA ASN D 28 -0.03 10.32 -0.26
C ASN D 28 0.17 8.81 -0.22
N ALA D 29 -0.15 8.12 -1.31
CA ALA D 29 -0.04 6.66 -1.32
C ALA D 29 1.39 6.15 -1.19
N THR D 30 2.36 6.90 -1.70
CA THR D 30 3.75 6.45 -1.62
C THR D 30 4.68 7.37 -0.76
N ALA D 31 4.12 8.43 -0.18
CA ALA D 31 4.97 9.36 0.57
C ALA D 31 5.76 8.66 1.69
N GLY D 32 5.07 7.79 2.42
CA GLY D 32 5.71 7.08 3.52
C GLY D 32 6.92 6.31 3.05
N GLU D 33 6.72 5.51 2.00
CA GLU D 33 7.80 4.70 1.47
C GLU D 33 8.88 5.62 0.90
N GLN D 34 8.49 6.71 0.23
CA GLN D 34 9.53 7.58 -0.33
C GLN D 34 10.35 8.24 0.79
N VAL D 35 9.72 8.70 1.86
CA VAL D 35 10.48 9.33 2.97
C VAL D 35 11.41 8.28 3.61
N TYR D 36 10.86 7.09 3.85
CA TYR D 36 11.67 6.02 4.42
C TYR D 36 12.92 5.75 3.54
N GLN D 37 12.75 5.62 2.23
CA GLN D 37 13.90 5.36 1.35
C GLN D 37 14.88 6.56 1.35
N ALA D 38 14.34 7.77 1.49
CA ALA D 38 15.20 8.96 1.52
C ALA D 38 16.07 8.87 2.77
N ILE D 39 15.48 8.43 3.89
CA ILE D 39 16.27 8.32 5.12
C ILE D 39 17.34 7.23 4.87
N LYS D 40 16.97 6.11 4.25
CA LYS D 40 18.02 5.11 3.95
C LYS D 40 19.11 5.69 3.08
N ALA D 41 18.75 6.58 2.15
CA ALA D 41 19.72 7.18 1.25
C ALA D 41 20.55 8.29 1.89
N GLY D 42 20.28 8.58 3.15
CA GLY D 42 21.06 9.59 3.84
C GLY D 42 20.39 10.93 4.11
N TYR D 43 19.16 11.13 3.65
CA TYR D 43 18.53 12.44 3.92
C TYR D 43 18.07 12.48 5.36
N ARG D 44 18.23 13.65 5.99
CA ARG D 44 17.83 13.82 7.38
C ARG D 44 16.81 14.98 7.61
N LEU D 45 16.72 15.91 6.67
CA LEU D 45 15.76 17.04 6.78
C LEU D 45 14.60 16.77 5.78
N PHE D 46 13.35 16.95 6.22
CA PHE D 46 12.15 16.77 5.38
C PHE D 46 11.39 18.08 5.42
N ASP D 47 11.22 18.68 4.26
CA ASP D 47 10.57 19.96 4.20
C ASP D 47 9.13 19.75 3.88
N GLY D 48 8.28 19.90 4.91
CA GLY D 48 6.87 19.63 4.72
C GLY D 48 6.02 20.84 5.00
N ALA D 49 4.70 20.63 4.99
CA ALA D 49 3.76 21.70 5.27
C ALA D 49 2.33 21.18 5.46
N GLU D 50 1.57 21.89 6.30
CA GLU D 50 0.17 21.55 6.51
C GLU D 50 -0.52 21.51 5.12
N ASP D 51 -0.23 22.50 4.28
CA ASP D 51 -0.87 22.57 2.95
C ASP D 51 -0.58 21.38 2.03
N TYR D 52 0.52 20.65 2.27
CA TYR D 52 0.88 19.54 1.40
C TYR D 52 -0.05 18.35 1.60
N GLY D 53 -0.77 18.33 2.73
CA GLY D 53 -1.75 17.29 3.00
C GLY D 53 -1.24 15.85 3.12
N ASN D 54 0.05 15.69 3.38
CA ASN D 54 0.65 14.35 3.45
C ASN D 54 1.51 14.24 4.67
N GLU D 55 1.31 15.13 5.64
CA GLU D 55 2.17 15.07 6.84
C GLU D 55 2.05 13.76 7.61
N LYS D 56 0.86 13.18 7.58
CA LYS D 56 0.68 11.92 8.28
C LYS D 56 1.59 10.85 7.66
N GLU D 57 1.64 10.80 6.33
CA GLU D 57 2.49 9.80 5.62
C GLU D 57 3.99 10.10 5.76
N VAL D 58 4.39 11.38 5.76
CA VAL D 58 5.79 11.73 6.02
C VAL D 58 6.09 11.17 7.43
N GLY D 59 5.16 11.40 8.35
CA GLY D 59 5.33 10.91 9.72
C GLY D 59 5.45 9.40 9.78
N ASP D 60 4.73 8.70 8.89
CA ASP D 60 4.82 7.22 8.83
C ASP D 60 6.23 6.78 8.41
N GLY D 61 6.80 7.46 7.41
CA GLY D 61 8.14 7.11 6.91
C GLY D 61 9.21 7.30 7.96
N VAL D 62 9.12 8.42 8.69
CA VAL D 62 10.08 8.72 9.73
C VAL D 62 9.94 7.69 10.87
N LYS D 63 8.70 7.40 11.25
CA LYS D 63 8.46 6.44 12.36
C LYS D 63 9.01 5.07 12.00
N ARG D 64 8.83 4.69 10.76
CA ARG D 64 9.34 3.39 10.33
C ARG D 64 10.85 3.35 10.50
N ALA D 65 11.55 4.38 10.03
CA ALA D 65 13.01 4.39 10.14
C ALA D 65 13.46 4.42 11.61
N ILE D 66 12.69 5.07 12.47
CA ILE D 66 13.03 5.09 13.88
C ILE D 66 12.80 3.70 14.50
N ASP D 67 11.66 3.08 14.19
CA ASP D 67 11.29 1.76 14.72
C ASP D 67 12.31 0.71 14.28
N GLU D 68 12.84 0.83 13.07
CA GLU D 68 13.86 -0.12 12.60
C GLU D 68 15.25 0.17 13.21
N GLY D 69 15.38 1.33 13.86
CA GLY D 69 16.68 1.66 14.42
C GLY D 69 17.65 2.32 13.46
N LEU D 70 17.18 2.77 12.30
CA LEU D 70 18.07 3.43 11.36
C LEU D 70 18.48 4.80 11.90
N VAL D 71 17.57 5.47 12.59
CA VAL D 71 17.86 6.80 13.11
C VAL D 71 17.05 7.00 14.38
N LYS D 72 17.44 8.01 15.15
CA LYS D 72 16.63 8.40 16.33
C LYS D 72 15.94 9.71 15.96
N ARG D 73 14.90 10.05 16.70
CA ARG D 73 14.17 11.31 16.44
C ARG D 73 15.10 12.50 16.39
N GLU D 74 16.04 12.60 17.32
CA GLU D 74 16.89 13.78 17.33
C GLU D 74 17.78 13.91 16.12
N GLU D 75 17.95 12.82 15.35
CA GLU D 75 18.78 12.88 14.12
C GLU D 75 17.98 13.34 12.88
N ILE D 76 16.66 13.48 13.03
CA ILE D 76 15.82 13.88 11.91
C ILE D 76 15.41 15.33 12.10
N PHE D 77 15.49 16.14 11.04
CA PHE D 77 15.07 17.56 11.15
C PHE D 77 13.72 17.67 10.40
N LEU D 78 12.63 17.99 11.12
CA LEU D 78 11.34 18.11 10.45
C LEU D 78 10.92 19.56 10.33
N THR D 79 10.68 20.02 9.10
CA THR D 79 10.17 21.36 8.87
C THR D 79 8.69 21.26 8.48
N SER D 80 7.86 22.14 9.04
CA SER D 80 6.46 22.23 8.64
C SER D 80 6.16 23.71 8.51
N LYS D 81 4.96 24.05 8.06
CA LYS D 81 4.60 25.43 7.82
C LYS D 81 3.13 25.65 8.18
N LEU D 82 2.89 26.76 8.83
CA LEU D 82 1.57 27.20 9.30
C LEU D 82 0.81 27.76 8.07
N TRP D 83 -0.30 27.14 7.70
CA TRP D 83 -1.03 27.59 6.51
C TRP D 83 -1.81 28.89 6.77
N ASN D 84 -2.19 29.54 5.68
CA ASN D 84 -2.79 30.88 5.72
C ASN D 84 -4.06 31.05 6.53
N ASN D 85 -4.87 29.99 6.67
CA ASN D 85 -6.12 30.13 7.42
C ASN D 85 -5.88 30.11 8.93
N TYR D 86 -4.62 29.92 9.36
CA TYR D 86 -4.38 29.76 10.79
C TYR D 86 -3.48 30.83 11.39
N HIS D 87 -3.54 32.06 10.86
CA HIS D 87 -2.68 33.11 11.40
C HIS D 87 -3.23 33.73 12.69
N ASP D 88 -4.53 33.64 12.94
CA ASP D 88 -5.09 34.30 14.15
C ASP D 88 -4.45 33.55 15.32
N PRO D 89 -3.88 34.28 16.30
CA PRO D 89 -3.24 33.59 17.42
C PRO D 89 -4.00 32.47 18.04
N LYS D 90 -5.30 32.66 18.23
CA LYS D 90 -6.05 31.60 18.89
C LYS D 90 -6.09 30.29 18.09
N ASN D 91 -5.69 30.34 16.79
CA ASN D 91 -5.73 29.17 15.93
C ASN D 91 -4.35 28.61 15.60
N VAL D 92 -3.29 29.31 16.00
CA VAL D 92 -1.95 28.87 15.67
C VAL D 92 -1.59 27.57 16.37
N GLU D 93 -1.82 27.48 17.68
CA GLU D 93 -1.47 26.20 18.34
C GLU D 93 -2.31 25.01 17.87
N THR D 94 -3.56 25.26 17.56
CA THR D 94 -4.44 24.20 17.03
C THR D 94 -3.83 23.59 15.75
N ALA D 95 -3.39 24.45 14.85
CA ALA D 95 -2.81 23.96 13.58
C ALA D 95 -1.49 23.27 13.87
N LEU D 96 -0.67 23.84 14.74
CA LEU D 96 0.58 23.13 15.04
C LEU D 96 0.26 21.75 15.62
N ASN D 97 -0.72 21.70 16.53
CA ASN D 97 -1.05 20.39 17.14
C ASN D 97 -1.46 19.37 16.09
N LYS D 98 -2.17 19.81 15.05
CA LYS D 98 -2.56 18.90 13.97
C LYS D 98 -1.29 18.38 13.31
N THR D 99 -0.37 19.30 13.01
CA THR D 99 0.92 18.90 12.40
C THR D 99 1.68 17.91 13.30
N LEU D 100 1.69 18.17 14.61
CA LEU D 100 2.42 17.29 15.50
C LEU D 100 1.79 15.91 15.57
N ALA D 101 0.45 15.90 15.62
CA ALA D 101 -0.31 14.63 15.67
C ALA D 101 -0.09 13.82 14.36
N ASP D 102 -0.08 14.51 13.22
CA ASP D 102 0.13 13.86 11.91
C ASP D 102 1.55 13.32 11.79
N LEU D 103 2.53 14.16 12.15
CA LEU D 103 3.94 13.71 12.08
C LEU D 103 4.31 12.71 13.18
N LYS D 104 3.45 12.61 14.19
CA LYS D 104 3.66 11.69 15.32
C LYS D 104 4.91 12.02 16.12
N VAL D 105 5.06 13.31 16.43
CA VAL D 105 6.20 13.82 17.18
C VAL D 105 5.71 14.80 18.24
N ASP D 106 6.59 15.09 19.20
CA ASP D 106 6.26 16.03 20.28
C ASP D 106 6.68 17.45 19.93
N TYR D 107 7.53 17.59 18.90
CA TYR D 107 7.96 18.92 18.48
C TYR D 107 8.39 18.91 17.02
N VAL D 108 8.33 20.05 16.34
CA VAL D 108 8.90 20.13 15.00
C VAL D 108 10.18 20.95 15.11
N ASP D 109 11.15 20.64 14.26
CA ASP D 109 12.41 21.38 14.33
C ASP D 109 12.32 22.80 13.79
N LEU D 110 11.48 23.01 12.75
CA LEU D 110 11.36 24.34 12.14
C LEU D 110 9.90 24.52 11.73
N PHE D 111 9.28 25.62 12.15
CA PHE D 111 7.86 25.87 11.78
C PHE D 111 7.89 27.24 11.15
N LEU D 112 7.47 27.33 9.90
CA LEU D 112 7.51 28.61 9.17
C LEU D 112 6.12 29.18 8.91
N ILE D 113 6.03 30.51 8.87
CA ILE D 113 4.77 31.12 8.43
C ILE D 113 4.88 30.86 6.90
N HIS D 114 3.94 30.08 6.35
CA HIS D 114 4.02 29.69 4.93
C HIS D 114 3.96 30.88 3.97
N PHE D 115 3.05 31.83 4.21
CA PHE D 115 2.92 33.03 3.39
C PHE D 115 2.47 34.16 4.32
N PRO D 116 2.79 35.43 3.99
CA PRO D 116 2.39 36.59 4.80
C PRO D 116 0.95 36.97 4.31
N ILE D 117 0.08 35.98 4.40
CA ILE D 117 -1.32 36.08 3.92
C ILE D 117 -2.19 35.42 4.97
N ALA D 118 -3.26 36.11 5.37
CA ALA D 118 -4.12 35.57 6.41
C ALA D 118 -5.53 35.30 5.86
N PHE D 119 -5.81 34.05 5.52
CA PHE D 119 -7.15 33.63 5.04
C PHE D 119 -8.07 33.48 6.27
N LYS D 120 -9.36 33.60 6.03
CA LYS D 120 -10.33 33.41 7.11
C LYS D 120 -10.21 31.99 7.66
N PHE D 121 -10.25 31.86 8.98
CA PHE D 121 -10.12 30.54 9.61
C PHE D 121 -11.25 29.59 9.14
N VAL D 122 -10.86 28.35 8.88
CA VAL D 122 -11.81 27.29 8.51
C VAL D 122 -11.47 26.14 9.46
N PRO D 123 -12.47 25.67 10.23
CA PRO D 123 -12.29 24.57 11.19
C PRO D 123 -11.68 23.33 10.52
N ILE D 124 -10.80 22.67 11.24
CA ILE D 124 -10.16 21.50 10.64
C ILE D 124 -11.18 20.41 10.26
N GLU D 125 -12.29 20.29 11.02
CA GLU D 125 -13.31 19.31 10.72
C GLU D 125 -14.10 19.64 9.48
N GLU D 126 -14.03 20.88 9.00
CA GLU D 126 -14.77 21.22 7.79
C GLU D 126 -13.97 20.92 6.54
N LYS D 127 -12.67 21.22 6.56
CA LYS D 127 -11.87 20.88 5.40
C LYS D 127 -10.40 20.93 5.83
N TYR D 128 -9.63 19.93 5.46
CA TYR D 128 -8.22 19.96 5.86
C TYR D 128 -7.44 19.07 4.94
N PRO D 129 -6.39 19.62 4.32
CA PRO D 129 -5.90 21.00 4.44
C PRO D 129 -6.89 21.86 3.62
N PRO D 130 -7.16 23.09 4.04
CA PRO D 130 -8.13 23.93 3.31
C PRO D 130 -7.75 24.49 1.97
N GLY D 131 -6.44 24.63 1.72
CA GLY D 131 -6.01 25.20 0.46
C GLY D 131 -6.51 26.63 0.36
N PHE D 132 -7.13 26.96 -0.77
CA PHE D 132 -7.66 28.31 -0.96
C PHE D 132 -9.08 28.48 -0.44
N TYR D 133 -9.63 27.44 0.14
CA TYR D 133 -10.99 27.56 0.69
C TYR D 133 -10.98 28.48 1.92
N CYS D 134 -11.87 29.46 1.96
CA CYS D 134 -11.94 30.43 3.08
C CYS D 134 -13.34 30.47 3.71
N GLY D 135 -14.08 29.37 3.57
CA GLY D 135 -15.40 29.34 4.20
C GLY D 135 -16.56 29.91 3.40
N ASP D 136 -16.34 30.35 2.16
CA ASP D 136 -17.46 30.93 1.41
C ASP D 136 -17.36 30.51 -0.03
N GLY D 137 -17.72 29.26 -0.30
CA GLY D 137 -17.60 28.74 -1.65
C GLY D 137 -16.19 28.91 -2.20
N ASN D 138 -16.08 29.46 -3.39
CA ASN D 138 -14.77 29.68 -4.03
C ASN D 138 -14.19 31.06 -3.75
N ASN D 139 -14.88 31.85 -2.93
CA ASN D 139 -14.39 33.20 -2.64
C ASN D 139 -13.21 33.26 -1.68
N PHE D 140 -12.29 34.18 -1.91
CA PHE D 140 -11.20 34.38 -0.96
C PHE D 140 -11.76 35.34 0.09
N VAL D 141 -11.47 35.06 1.37
CA VAL D 141 -11.88 35.90 2.48
C VAL D 141 -10.64 35.95 3.40
N TYR D 142 -10.35 37.13 3.91
CA TYR D 142 -9.16 37.35 4.72
C TYR D 142 -9.47 37.77 6.14
N GLU D 143 -8.46 37.72 7.03
CA GLU D 143 -8.63 38.13 8.45
C GLU D 143 -7.62 39.22 8.75
N ASP D 144 -8.01 40.19 9.58
CA ASP D 144 -7.11 41.29 9.90
C ASP D 144 -6.13 40.91 11.02
N VAL D 145 -5.16 40.08 10.65
CA VAL D 145 -4.18 39.63 11.65
C VAL D 145 -2.76 40.00 11.18
N PRO D 146 -2.16 41.00 11.82
CA PRO D 146 -0.80 41.43 11.45
C PRO D 146 0.16 40.29 11.67
N ILE D 147 1.21 40.24 10.86
CA ILE D 147 2.22 39.24 10.97
C ILE D 147 2.77 39.11 12.41
N LEU D 148 3.04 40.23 13.07
CA LEU D 148 3.64 40.13 14.38
C LEU D 148 2.77 39.39 15.40
N GLU D 149 1.44 39.47 15.24
CA GLU D 149 0.55 38.74 16.17
C GLU D 149 0.75 37.26 15.98
N THR D 150 0.84 36.83 14.72
CA THR D 150 1.07 35.40 14.45
C THR D 150 2.44 35.01 15.01
N TRP D 151 3.40 35.90 14.80
CA TRP D 151 4.77 35.61 15.22
C TRP D 151 4.82 35.44 16.75
N LYS D 152 4.18 36.36 17.49
CA LYS D 152 4.21 36.18 18.96
C LYS D 152 3.59 34.88 19.39
N ALA D 153 2.55 34.43 18.68
CA ALA D 153 1.93 33.15 19.03
C ALA D 153 2.95 32.01 18.81
N LEU D 154 3.79 32.16 17.77
CA LEU D 154 4.81 31.13 17.47
C LEU D 154 5.91 31.21 18.52
N GLU D 155 6.25 32.42 18.94
CA GLU D 155 7.30 32.52 19.96
C GLU D 155 6.87 31.79 21.26
N LYS D 156 5.59 31.86 21.57
CA LYS D 156 5.09 31.20 22.78
C LYS D 156 5.18 29.69 22.66
N LEU D 157 5.03 29.20 21.42
CA LEU D 157 5.11 27.76 21.21
C LEU D 157 6.55 27.26 21.25
N VAL D 158 7.52 28.13 20.92
CA VAL D 158 8.94 27.77 21.06
C VAL D 158 9.18 27.66 22.59
N ALA D 159 8.68 28.63 23.33
CA ALA D 159 8.89 28.60 24.79
C ALA D 159 8.23 27.33 25.38
N ALA D 160 7.12 26.89 24.82
CA ALA D 160 6.48 25.69 25.32
C ALA D 160 7.19 24.38 24.90
N GLY D 161 8.23 24.47 24.07
CA GLY D 161 8.98 23.31 23.64
C GLY D 161 8.35 22.53 22.48
N LYS D 162 7.30 23.08 21.86
CA LYS D 162 6.69 22.38 20.73
C LYS D 162 7.38 22.69 19.39
N ILE D 163 8.20 23.74 19.37
CA ILE D 163 8.92 24.12 18.15
C ILE D 163 10.36 24.47 18.54
N LYS D 164 11.37 23.99 17.82
CA LYS D 164 12.75 24.34 18.15
C LYS D 164 13.13 25.71 17.54
N SER D 165 12.85 25.87 16.24
CA SER D 165 13.21 27.09 15.53
C SER D 165 12.01 27.56 14.70
N ILE D 166 11.88 28.87 14.53
CA ILE D 166 10.77 29.44 13.76
C ILE D 166 11.30 30.32 12.68
N GLY D 167 10.54 30.46 11.58
CA GLY D 167 11.05 31.28 10.49
C GLY D 167 9.89 31.66 9.58
N VAL D 168 10.20 32.18 8.42
CA VAL D 168 9.13 32.64 7.54
C VAL D 168 9.46 32.22 6.09
N SER D 169 8.40 32.14 5.29
CA SER D 169 8.56 31.75 3.91
C SER D 169 7.82 32.80 3.05
N ASN D 170 8.34 33.08 1.86
CA ASN D 170 7.68 34.02 0.95
C ASN D 170 7.51 35.44 1.49
N PHE D 171 8.51 35.91 2.25
CA PHE D 171 8.51 37.29 2.75
C PHE D 171 9.50 38.12 1.92
N PRO D 172 9.08 39.30 1.45
CA PRO D 172 10.00 40.18 0.71
C PRO D 172 10.81 40.95 1.79
N GLY D 173 11.78 41.72 1.32
CA GLY D 173 12.68 42.41 2.22
C GLY D 173 12.09 43.38 3.22
N ALA D 174 11.13 44.21 2.78
CA ALA D 174 10.59 45.21 3.68
C ALA D 174 9.83 44.56 4.82
N LEU D 175 9.19 43.45 4.49
CA LEU D 175 8.37 42.74 5.46
C LEU D 175 9.27 41.98 6.44
N LEU D 176 10.33 41.34 5.93
CA LEU D 176 11.22 40.63 6.85
C LEU D 176 11.88 41.67 7.82
N LEU D 177 12.28 42.80 7.25
CA LEU D 177 12.90 43.88 8.04
C LEU D 177 11.95 44.33 9.15
N ASP D 178 10.68 44.55 8.80
CA ASP D 178 9.73 44.99 9.83
C ASP D 178 9.54 43.93 10.91
N LEU D 179 9.54 42.66 10.48
CA LEU D 179 9.38 41.58 11.47
C LEU D 179 10.61 41.54 12.39
N LEU D 180 11.80 41.76 11.83
CA LEU D 180 13.02 41.73 12.68
C LEU D 180 12.92 42.81 13.76
N ARG D 181 12.20 43.90 13.48
CA ARG D 181 12.03 44.94 14.48
C ARG D 181 11.16 44.53 15.66
N GLY D 182 10.11 43.76 15.37
CA GLY D 182 9.15 43.37 16.39
C GLY D 182 9.43 42.06 17.09
N ALA D 183 10.19 41.18 16.44
CA ALA D 183 10.48 39.85 17.00
C ALA D 183 11.37 39.84 18.23
N THR D 184 11.09 38.93 19.15
CA THR D 184 11.99 38.74 20.30
C THR D 184 12.86 37.54 19.89
N ILE D 185 12.25 36.51 19.29
CA ILE D 185 13.02 35.38 18.76
C ILE D 185 13.14 35.76 17.29
N LYS D 186 14.34 35.98 16.80
CA LYS D 186 14.49 36.40 15.40
C LYS D 186 14.14 35.23 14.44
N PRO D 187 13.49 35.51 13.28
CA PRO D 187 13.22 34.37 12.38
C PRO D 187 14.56 33.75 11.97
N ALA D 188 14.72 32.44 12.17
CA ALA D 188 16.00 31.80 11.86
C ALA D 188 16.21 31.49 10.41
N VAL D 189 15.11 31.39 9.68
CA VAL D 189 15.17 30.98 8.27
C VAL D 189 14.23 31.82 7.45
N LEU D 190 14.66 32.14 6.21
CA LEU D 190 13.78 32.79 5.22
C LEU D 190 13.78 31.74 4.07
N GLN D 191 12.62 31.15 3.77
CA GLN D 191 12.54 30.16 2.67
C GLN D 191 11.83 30.83 1.48
N VAL D 192 12.53 30.97 0.35
CA VAL D 192 11.95 31.66 -0.81
C VAL D 192 12.31 30.97 -2.10
N GLU D 193 11.47 31.21 -3.11
CA GLU D 193 11.72 30.68 -4.45
C GLU D 193 13.11 31.24 -4.88
N HIS D 194 13.98 30.35 -5.34
CA HIS D 194 15.33 30.80 -5.65
C HIS D 194 15.95 29.87 -6.70
N HIS D 195 16.27 30.43 -7.85
CA HIS D 195 16.85 29.71 -8.99
C HIS D 195 17.43 30.79 -9.92
N PRO D 196 18.22 30.40 -10.93
CA PRO D 196 18.78 31.43 -11.80
C PRO D 196 17.89 32.43 -12.50
N TYR D 197 16.59 32.16 -12.66
CA TYR D 197 15.71 33.17 -13.27
C TYR D 197 15.13 34.14 -12.25
N LEU D 198 15.28 33.84 -10.95
CA LEU D 198 14.75 34.69 -9.86
C LEU D 198 15.84 34.65 -8.77
N GLN D 199 16.90 35.43 -8.97
CA GLN D 199 18.05 35.38 -8.02
C GLN D 199 17.93 36.26 -6.79
N GLN D 200 17.20 37.37 -6.89
CA GLN D 200 16.99 38.32 -5.76
C GLN D 200 18.23 38.43 -4.90
N PRO D 201 19.37 38.75 -5.54
CA PRO D 201 20.62 38.84 -4.76
C PRO D 201 20.61 39.83 -3.58
N LYS D 202 19.89 40.93 -3.73
CA LYS D 202 19.86 41.92 -2.65
C LYS D 202 19.13 41.38 -1.42
N LEU D 203 18.05 40.64 -1.68
CA LEU D 203 17.28 40.02 -0.59
C LEU D 203 18.20 38.99 0.11
N ILE D 204 18.88 38.16 -0.67
CA ILE D 204 19.76 37.13 -0.12
C ILE D 204 20.85 37.84 0.73
N GLU D 205 21.46 38.87 0.17
CA GLU D 205 22.53 39.59 0.89
C GLU D 205 22.03 40.17 2.21
N PHE D 206 20.89 40.85 2.15
CA PHE D 206 20.32 41.41 3.37
C PHE D 206 20.03 40.35 4.44
N ALA D 207 19.33 39.28 4.04
CA ALA D 207 18.98 38.27 5.02
C ALA D 207 20.23 37.61 5.63
N GLN D 208 21.21 37.30 4.79
CA GLN D 208 22.38 36.61 5.31
C GLN D 208 23.14 37.51 6.25
N LYS D 209 23.22 38.78 5.90
CA LYS D 209 23.93 39.75 6.74
C LYS D 209 23.20 39.88 8.08
N ALA D 210 21.88 39.70 8.08
CA ALA D 210 21.09 39.78 9.32
C ALA D 210 21.15 38.48 10.15
N GLY D 211 21.88 37.48 9.64
CA GLY D 211 22.00 36.21 10.33
C GLY D 211 20.82 35.27 10.06
N VAL D 212 20.01 35.59 9.06
CA VAL D 212 18.88 34.71 8.75
C VAL D 212 19.39 33.72 7.70
N THR D 213 19.06 32.43 7.87
CA THR D 213 19.55 31.43 6.93
C THR D 213 18.53 31.30 5.78
N ILE D 214 19.02 31.19 4.55
CA ILE D 214 18.13 31.05 3.38
C ILE D 214 17.93 29.59 3.00
N THR D 215 16.67 29.18 2.78
CA THR D 215 16.44 27.86 2.20
C THR D 215 15.82 28.23 0.85
N ALA D 216 16.42 27.75 -0.22
CA ALA D 216 15.89 27.98 -1.55
C ALA D 216 14.83 26.91 -1.82
N TYR D 217 13.75 27.28 -2.50
CA TYR D 217 12.79 26.26 -2.99
C TYR D 217 12.69 26.43 -4.52
N SER D 218 12.25 25.37 -5.20
CA SER D 218 12.16 25.36 -6.66
C SER D 218 13.51 25.72 -7.28
N SER D 219 14.57 25.04 -6.79
CA SER D 219 15.93 25.27 -7.31
C SER D 219 15.99 24.94 -8.82
N PHE D 220 15.04 24.12 -9.28
CA PHE D 220 15.08 23.80 -10.73
C PHE D 220 14.15 24.71 -11.53
N GLY D 221 13.80 25.83 -10.90
CA GLY D 221 13.03 26.85 -11.59
C GLY D 221 11.66 26.46 -12.08
N PRO D 222 11.39 26.53 -13.42
CA PRO D 222 10.04 26.17 -13.88
C PRO D 222 9.59 24.72 -13.77
N GLN D 223 10.54 23.82 -13.57
CA GLN D 223 10.18 22.41 -13.60
C GLN D 223 9.05 21.95 -12.70
N SER D 224 9.06 22.40 -11.45
CA SER D 224 8.04 21.99 -10.51
C SER D 224 6.65 22.45 -10.98
N PHE D 225 6.61 23.64 -11.61
CA PHE D 225 5.35 24.24 -12.05
C PHE D 225 4.87 23.69 -13.40
N VAL D 226 5.82 23.25 -14.23
CA VAL D 226 5.49 22.60 -15.51
C VAL D 226 4.70 21.35 -15.13
N GLU D 227 5.14 20.68 -14.06
CA GLU D 227 4.52 19.45 -13.60
C GLU D 227 3.08 19.62 -13.11
N MET D 228 2.70 20.87 -12.89
CA MET D 228 1.35 21.19 -12.45
C MET D 228 0.61 21.87 -13.59
N ASN D 229 1.21 21.84 -14.78
CA ASN D 229 0.60 22.39 -15.99
C ASN D 229 0.48 23.91 -15.97
N GLN D 230 1.35 24.61 -15.22
CA GLN D 230 1.26 26.07 -15.19
C GLN D 230 1.73 26.64 -16.53
N GLY D 231 0.93 27.56 -17.10
CA GLY D 231 1.31 28.16 -18.36
C GLY D 231 2.62 28.95 -18.35
N ARG D 232 2.82 29.81 -17.34
CA ARG D 232 4.05 30.61 -17.30
C ARG D 232 5.31 29.67 -17.33
N ALA D 233 5.30 28.65 -16.48
CA ALA D 233 6.41 27.70 -16.40
C ALA D 233 6.61 26.90 -17.70
N LEU D 234 5.50 26.44 -18.29
CA LEU D 234 5.62 25.68 -19.56
C LEU D 234 6.22 26.57 -20.63
N ASN D 235 5.87 27.86 -20.62
CA ASN D 235 6.44 28.76 -21.63
C ASN D 235 7.90 29.14 -21.37
N THR D 236 8.48 28.68 -20.27
CA THR D 236 9.84 29.12 -19.93
C THR D 236 10.90 28.06 -20.30
N PRO D 237 11.99 28.45 -21.00
CA PRO D 237 13.04 27.48 -21.37
C PRO D 237 13.60 26.87 -20.06
N THR D 238 13.83 25.57 -20.07
CA THR D 238 14.28 24.87 -18.85
C THR D 238 15.72 25.22 -18.53
N LEU D 239 16.03 25.19 -17.23
CA LEU D 239 17.41 25.48 -16.80
C LEU D 239 18.27 24.28 -17.11
N PHE D 240 17.65 23.09 -17.19
CA PHE D 240 18.46 21.90 -17.49
C PHE D 240 19.03 21.91 -18.89
N ALA D 241 18.36 22.60 -19.81
CA ALA D 241 18.88 22.60 -21.18
C ALA D 241 19.46 23.97 -21.56
N HIS D 242 19.59 24.88 -20.58
CA HIS D 242 20.09 26.24 -20.85
C HIS D 242 21.59 26.20 -21.18
N ASP D 243 22.00 26.88 -22.27
CA ASP D 243 23.41 26.83 -22.72
C ASP D 243 24.39 27.24 -21.64
N THR D 244 24.05 28.24 -20.84
CA THR D 244 24.97 28.66 -19.77
C THR D 244 25.18 27.56 -18.76
N ILE D 245 24.08 26.97 -18.31
CA ILE D 245 24.17 25.91 -17.32
C ILE D 245 24.90 24.68 -17.89
N LYS D 246 24.58 24.30 -19.14
CA LYS D 246 25.24 23.11 -19.70
C LYS D 246 26.76 23.33 -19.93
N ALA D 247 27.14 24.53 -20.34
CA ALA D 247 28.59 24.79 -20.62
C ALA D 247 29.35 24.62 -19.31
N ILE D 248 28.78 25.12 -18.20
CA ILE D 248 29.47 25.00 -16.92
C ILE D 248 29.49 23.54 -16.47
N ALA D 249 28.34 22.84 -16.58
CA ALA D 249 28.29 21.43 -16.21
C ALA D 249 29.32 20.62 -17.06
N ALA D 250 29.40 20.93 -18.35
CA ALA D 250 30.33 20.17 -19.21
C ALA D 250 31.78 20.38 -18.78
N LYS D 251 32.11 21.62 -18.46
CA LYS D 251 33.46 21.95 -18.02
C LYS D 251 33.92 21.12 -16.81
N TYR D 252 33.00 20.80 -15.91
CA TYR D 252 33.37 20.04 -14.72
C TYR D 252 32.99 18.58 -14.79
N ASN D 253 32.39 18.18 -15.89
CA ASN D 253 31.92 16.80 -16.06
C ASN D 253 30.85 16.47 -15.00
N LYS D 254 29.92 17.42 -14.83
CA LYS D 254 28.82 17.28 -13.89
C LYS D 254 27.54 17.45 -14.71
N THR D 255 26.40 17.25 -14.06
CA THR D 255 25.12 17.44 -14.75
C THR D 255 24.62 18.87 -14.46
N PRO D 256 23.80 19.42 -15.37
CA PRO D 256 23.21 20.76 -15.17
C PRO D 256 22.47 20.78 -13.81
N ALA D 257 21.81 19.68 -13.42
CA ALA D 257 21.08 19.71 -12.12
C ALA D 257 22.05 19.95 -10.96
N GLU D 258 23.21 19.30 -11.04
CA GLU D 258 24.21 19.47 -9.99
C GLU D 258 24.72 20.91 -9.97
N VAL D 259 24.91 21.51 -11.14
CA VAL D 259 25.33 22.90 -11.19
C VAL D 259 24.24 23.80 -10.57
N LEU D 260 22.98 23.49 -10.83
CA LEU D 260 21.89 24.34 -10.28
C LEU D 260 21.80 24.28 -8.74
N LEU D 261 22.07 23.10 -8.16
CA LEU D 261 22.05 22.93 -6.70
C LEU D 261 23.35 23.50 -6.10
N ARG D 262 24.49 23.25 -6.73
CA ARG D 262 25.76 23.76 -6.17
C ARG D 262 25.78 25.30 -6.16
N TRP D 263 25.19 25.91 -7.19
CA TRP D 263 25.10 27.37 -7.31
C TRP D 263 24.50 27.97 -6.04
N ALA D 264 23.49 27.32 -5.46
CA ALA D 264 22.92 27.83 -4.21
C ALA D 264 23.80 27.37 -3.02
N ALA D 265 24.15 26.09 -3.00
CA ALA D 265 24.90 25.53 -1.84
C ALA D 265 26.23 26.28 -1.55
N GLN D 266 26.92 26.60 -2.62
CA GLN D 266 28.21 27.22 -2.48
C GLN D 266 28.12 28.59 -1.87
N ARG D 267 26.94 29.22 -1.99
CA ARG D 267 26.70 30.53 -1.39
C ARG D 267 26.06 30.45 0.00
N GLY D 268 26.08 29.27 0.60
CA GLY D 268 25.56 29.07 1.97
C GLY D 268 24.04 29.00 2.07
N ILE D 269 23.42 28.66 0.94
CA ILE D 269 21.96 28.56 0.87
C ILE D 269 21.57 27.10 0.99
N ALA D 270 20.60 26.78 1.85
CA ALA D 270 20.18 25.39 2.00
C ALA D 270 19.23 25.01 0.84
N VAL D 271 19.27 23.75 0.43
CA VAL D 271 18.42 23.28 -0.65
C VAL D 271 17.53 22.12 -0.17
N ILE D 272 16.38 21.93 -0.83
CA ILE D 272 15.42 20.90 -0.41
C ILE D 272 14.78 20.39 -1.69
N PRO D 273 15.61 19.94 -2.63
CA PRO D 273 15.06 19.45 -3.91
C PRO D 273 14.03 18.36 -3.82
N LYS D 274 13.12 18.33 -4.79
CA LYS D 274 12.13 17.25 -4.87
C LYS D 274 12.88 16.09 -5.57
N SER D 275 13.17 14.99 -4.86
CA SER D 275 13.88 13.84 -5.46
C SER D 275 12.85 12.74 -5.66
N ASN D 276 12.35 12.60 -6.88
CA ASN D 276 11.26 11.68 -7.17
C ASN D 276 11.62 10.41 -7.96
N LEU D 277 12.91 10.07 -8.04
CA LEU D 277 13.35 8.85 -8.69
C LEU D 277 14.55 8.44 -7.85
N PRO D 278 14.82 7.13 -7.75
CA PRO D 278 15.97 6.70 -6.95
C PRO D 278 17.28 7.33 -7.38
N GLU D 279 17.49 7.47 -8.69
CA GLU D 279 18.70 8.08 -9.16
C GLU D 279 18.80 9.57 -8.71
N ARG D 280 17.68 10.28 -8.72
CA ARG D 280 17.73 11.68 -8.30
C ARG D 280 18.01 11.76 -6.78
N LEU D 281 17.53 10.79 -5.99
CA LEU D 281 17.85 10.83 -4.54
C LEU D 281 19.36 10.92 -4.36
N VAL D 282 20.08 10.06 -5.07
CA VAL D 282 21.55 10.08 -4.96
C VAL D 282 22.17 11.35 -5.55
N GLN D 283 21.76 11.70 -6.76
CA GLN D 283 22.30 12.88 -7.46
C GLN D 283 22.06 14.17 -6.67
N ASN D 284 20.88 14.28 -6.04
CA ASN D 284 20.52 15.53 -5.38
C ASN D 284 21.16 15.74 -4.00
N ARG D 285 21.91 14.76 -3.52
CA ARG D 285 22.60 14.97 -2.24
C ARG D 285 24.12 14.79 -2.39
N SER D 286 24.59 14.53 -3.61
CA SER D 286 26.00 14.26 -3.84
C SER D 286 26.69 15.27 -4.75
N PHE D 287 26.10 16.44 -4.92
CA PHE D 287 26.63 17.43 -5.85
C PHE D 287 27.77 18.33 -5.38
N ASN D 288 28.11 18.32 -4.09
CA ASN D 288 29.16 19.22 -3.60
C ASN D 288 30.54 18.63 -3.89
N THR D 289 30.86 18.49 -5.16
CA THR D 289 32.12 17.87 -5.54
C THR D 289 32.98 18.73 -6.45
N PHE D 290 32.62 19.99 -6.62
CA PHE D 290 33.35 20.88 -7.50
C PHE D 290 32.99 22.28 -7.08
N ASP D 291 33.82 23.24 -7.50
CA ASP D 291 33.60 24.63 -7.13
C ASP D 291 33.33 25.51 -8.32
N LEU D 292 32.29 26.34 -8.22
CA LEU D 292 32.03 27.30 -9.27
C LEU D 292 33.03 28.41 -9.10
N THR D 293 33.53 28.94 -10.23
CA THR D 293 34.50 30.04 -10.16
C THR D 293 33.80 31.40 -10.17
N LYS D 294 34.56 32.47 -9.94
CA LYS D 294 34.01 33.82 -10.01
C LYS D 294 33.30 34.01 -11.37
N GLU D 295 33.99 33.63 -12.43
CA GLU D 295 33.44 33.74 -13.77
C GLU D 295 32.15 32.92 -13.96
N ASP D 296 32.11 31.69 -13.43
CA ASP D 296 30.88 30.89 -13.52
C ASP D 296 29.72 31.68 -12.88
N PHE D 297 29.94 32.27 -11.69
CA PHE D 297 28.84 33.03 -11.09
C PHE D 297 28.43 34.20 -11.93
N GLU D 298 29.42 34.85 -12.58
CA GLU D 298 29.08 35.97 -13.38
C GLU D 298 28.19 35.54 -14.55
N GLU D 299 28.48 34.39 -15.10
CA GLU D 299 27.70 33.91 -16.28
C GLU D 299 26.30 33.50 -15.84
N ILE D 300 26.20 32.82 -14.70
CA ILE D 300 24.88 32.44 -14.20
C ILE D 300 24.08 33.69 -13.79
N ALA D 301 24.76 34.71 -13.26
CA ALA D 301 24.07 35.92 -12.86
C ALA D 301 23.29 36.56 -14.01
N LYS D 302 23.77 36.38 -15.23
CA LYS D 302 23.11 36.96 -16.40
C LYS D 302 21.71 36.39 -16.64
N LEU D 303 21.39 35.24 -16.04
CA LEU D 303 20.06 34.66 -16.31
C LEU D 303 18.98 35.31 -15.47
N ASP D 304 19.35 36.10 -14.47
CA ASP D 304 18.34 36.70 -13.59
C ASP D 304 17.40 37.61 -14.34
N ILE D 305 16.12 37.24 -14.39
CA ILE D 305 15.16 38.09 -15.09
C ILE D 305 13.98 38.42 -14.19
N GLY D 306 14.04 38.03 -12.93
CA GLY D 306 12.94 38.35 -12.02
C GLY D 306 11.68 37.57 -12.35
N LEU D 307 11.87 36.38 -12.93
CA LEU D 307 10.71 35.54 -13.31
C LEU D 307 10.31 34.65 -12.14
N ARG D 308 9.11 34.89 -11.64
CA ARG D 308 8.58 34.18 -10.47
C ARG D 308 7.45 33.23 -10.77
N PHE D 309 7.60 31.95 -10.38
CA PHE D 309 6.52 31.01 -10.65
C PHE D 309 5.51 30.85 -9.53
N ASN D 310 5.90 31.13 -8.28
CA ASN D 310 5.00 30.91 -7.16
C ASN D 310 4.58 32.30 -6.66
N ASP D 311 3.44 32.79 -7.17
CA ASP D 311 3.08 34.18 -6.90
C ASP D 311 1.62 34.34 -6.52
N PRO D 312 1.34 34.76 -5.27
CA PRO D 312 -0.03 34.96 -4.81
C PRO D 312 -0.81 35.99 -5.64
N TRP D 313 -0.11 36.77 -6.46
CA TRP D 313 -0.85 37.71 -7.33
C TRP D 313 -1.71 36.83 -8.26
N ASP D 314 -1.23 35.64 -8.59
CA ASP D 314 -1.97 34.75 -9.50
C ASP D 314 -3.21 34.17 -8.83
N TRP D 315 -3.21 34.09 -7.49
CA TRP D 315 -4.36 33.50 -6.81
C TRP D 315 -5.54 34.45 -6.72
N ASP D 316 -5.24 35.69 -6.34
CA ASP D 316 -6.29 36.67 -6.06
C ASP D 316 -5.76 38.11 -6.01
N ASN D 317 -4.76 38.39 -6.83
CA ASN D 317 -4.14 39.68 -6.92
C ASN D 317 -3.69 40.12 -5.51
N ILE D 318 -3.07 39.18 -4.78
CA ILE D 318 -2.53 39.46 -3.41
C ILE D 318 -1.13 40.09 -3.68
N PRO D 319 -0.91 41.32 -3.20
CA PRO D 319 0.30 42.11 -3.41
C PRO D 319 1.56 41.77 -2.66
N ILE D 320 1.78 40.49 -2.41
CA ILE D 320 3.00 40.16 -1.69
C ILE D 320 4.27 40.57 -2.38
N PHE D 321 4.34 40.40 -3.70
CA PHE D 321 5.59 40.70 -4.39
C PHE D 321 5.55 41.92 -5.32
N VAL D 322 4.71 42.90 -4.96
CA VAL D 322 4.59 44.10 -5.76
C VAL D 322 4.89 45.38 -4.95
PA NAD E . -21.82 -63.88 2.72
O1A NAD E . -22.17 -62.62 3.38
O2A NAD E . -22.09 -64.29 1.24
O5B NAD E . -22.44 -65.14 3.51
C5B NAD E . -21.96 -65.39 4.81
C4B NAD E . -22.76 -66.54 5.47
O4B NAD E . -24.25 -66.39 5.70
C3B NAD E . -22.57 -67.94 4.82
O3B NAD E . -21.32 -68.55 5.18
C2B NAD E . -23.82 -68.71 5.25
O2B NAD E . -23.63 -69.43 6.47
C1B NAD E . -24.92 -67.65 5.45
N9A NAD E . -25.92 -67.55 4.38
C8A NAD E . -25.80 -67.63 3.00
N7A NAD E . -26.98 -67.55 2.33
C5A NAD E . -27.93 -67.44 3.37
C6A NAD E . -29.34 -67.33 3.30
N6A NAD E . -30.09 -67.30 2.20
N1A NAD E . -30.05 -67.22 4.52
C2A NAD E . -29.36 -67.23 5.76
N3A NAD E . -27.96 -67.33 5.85
C4A NAD E . -27.29 -67.43 4.63
O3 NAD E . -20.26 -64.09 3.02
PN NAD E . -18.90 -64.21 2.21
O1N NAD E . -18.70 -65.67 1.87
O2N NAD E . -17.88 -63.55 3.09
O5D NAD E . -19.08 -63.37 0.83
C5D NAD E . -19.57 -64.07 -0.33
C4D NAD E . -18.43 -64.38 -1.29
O4D NAD E . -17.71 -63.18 -1.77
C3D NAD E . -17.26 -65.38 -0.87
O3D NAD E . -17.63 -66.78 -0.91
C2D NAD E . -16.11 -64.99 -1.80
O2D NAD E . -16.28 -65.66 -3.07
C1D NAD E . -16.26 -63.47 -1.93
N1N NAD E . -15.36 -62.64 -1.02
C2N NAD E . -14.39 -61.78 -1.58
C3N NAD E . -13.53 -61.11 -0.72
C7N NAD E . -12.43 -60.18 -1.30
O7N NAD E . -11.64 -59.71 -0.44
N7N NAD E . -12.31 -59.95 -2.63
C4N NAD E . -13.61 -61.28 0.74
C5N NAD E . -14.63 -62.15 1.27
C6N NAD E . -15.51 -62.85 0.41
PA NAD F . -6.93 -22.42 10.96
O1A NAD F . -7.74 -23.47 11.41
O2A NAD F . -5.51 -22.24 11.24
O5B NAD F . -7.57 -21.04 11.46
C5B NAD F . -8.88 -20.80 11.07
C4B NAD F . -9.31 -19.47 11.75
O4B NAD F . -9.39 -19.42 13.23
C3B NAD F . -8.52 -18.16 11.36
O3B NAD F . -8.77 -17.71 10.03
C2B NAD F . -8.86 -17.19 12.48
O2B NAD F . -10.07 -16.46 12.20
C1B NAD F . -9.08 -18.10 13.71
N9A NAD F . -8.03 -18.22 14.68
C8A NAD F . -6.71 -18.37 14.52
N7A NAD F . -6.04 -18.33 15.64
C5A NAD F . -7.02 -18.15 16.60
C6A NAD F . -6.88 -18.03 17.98
N6A NAD F . -5.71 -18.07 18.66
N1A NAD F . -8.03 -17.85 18.71
C2A NAD F . -9.29 -17.80 18.08
N3A NAD F . -9.45 -17.91 16.70
C4A NAD F . -8.27 -18.09 16.01
O3 NAD F . -7.15 -22.20 9.42
PN NAD F . -6.63 -22.68 7.99
O1N NAD F . -6.21 -21.47 7.29
O2N NAD F . -7.71 -23.40 7.34
O5D NAD F . -5.41 -23.63 8.22
C5D NAD F . -4.12 -23.04 8.48
C4D NAD F . -3.26 -23.17 7.26
O4D NAD F . -2.99 -24.54 6.82
C3D NAD F . -3.63 -22.43 5.92
O3D NAD F . -3.47 -21.00 6.00
C2D NAD F . -2.74 -23.16 4.91
O2D NAD F . -1.41 -22.67 4.97
C1D NAD F . -2.86 -24.62 5.39
N1N NAD F . -3.95 -25.37 4.71
C2N NAD F . -3.59 -26.39 3.79
C3N NAD F . -4.60 -27.02 3.08
C7N NAD F . -4.21 -28.09 2.11
O7N NAD F . -5.13 -28.56 1.42
N7N NAD F . -2.95 -28.46 2.00
C4N NAD F . -6.00 -26.70 3.23
C5N NAD F . -6.33 -25.67 4.23
C6N NAD F . -5.32 -25.00 4.96
PA NAD G . 9.54 66.15 -10.60
O1A NAD G . 9.64 64.97 -11.41
O2A NAD G . 8.28 66.84 -10.13
O5B NAD G . 10.34 67.33 -11.30
C5B NAD G . 11.72 67.16 -11.49
C4B NAD G . 12.27 68.36 -12.32
O4B NAD G . 11.73 68.56 -13.72
C3B NAD G . 12.24 69.77 -11.66
O3B NAD G . 13.31 69.95 -10.73
C2B NAD G . 12.28 70.74 -12.84
O2B NAD G . 13.62 71.10 -13.18
C1B NAD G . 11.63 69.97 -14.02
N9A NAD G . 10.26 70.31 -14.40
C8A NAD G . 9.14 70.56 -13.67
N7A NAD G . 8.06 70.91 -14.42
C5A NAD G . 8.57 70.88 -15.74
C6A NAD G . 7.92 71.15 -16.96
N6A NAD G . 6.63 71.53 -17.12
N1A NAD G . 8.68 71.04 -18.14
C2A NAD G . 10.05 70.66 -18.09
N3A NAD G . 10.72 70.39 -16.90
C4A NAD G . 9.92 70.50 -15.73
O3 NAD G . 10.52 65.91 -9.35
PN NAD G . 10.49 65.69 -7.79
O1N NAD G . 10.79 67.01 -7.17
O2N NAD G . 11.45 64.57 -7.52
O5D NAD G . 9.02 65.20 -7.44
C5D NAD G . 8.04 66.22 -7.13
C4D NAD G . 7.78 66.25 -5.65
O4D NAD G . 7.32 65.01 -5.04
C3D NAD G . 8.89 66.77 -4.65
O3D NAD G . 9.10 68.17 -4.65
C2D NAD G . 8.43 66.25 -3.33
O2D NAD G . 7.46 67.15 -2.80
C1D NAD G . 7.86 64.91 -3.66
N1N NAD G . 8.80 63.75 -3.45
C2N NAD G . 8.51 62.79 -2.45
C3N NAD G . 9.44 61.80 -2.24
C7N NAD G . 9.15 60.77 -1.18
O7N NAD G . 10.07 59.98 -0.98
N7N NAD G . 7.98 60.77 -0.52
C4N NAD G . 10.72 61.72 -2.99
C5N NAD G . 10.96 62.68 -3.98
C6N NAD G . 10.00 63.73 -4.23
PA NAD H . 12.30 21.30 -7.40
O1A NAD H . 12.64 22.41 -8.15
O2A NAD H . 13.07 20.75 -6.21
O5B NAD H . 12.14 20.06 -8.34
C5B NAD H . 11.16 20.21 -9.34
C4B NAD H . 11.24 18.96 -10.23
O4B NAD H . 12.48 18.73 -11.00
C3B NAD H . 10.93 17.59 -9.57
O3B NAD H . 9.56 17.42 -9.27
C2B NAD H . 11.53 16.56 -10.49
O2B NAD H . 10.61 16.06 -11.49
C1B NAD H . 12.71 17.31 -11.14
N9A NAD H . 14.02 16.97 -10.66
C8A NAD H . 14.43 16.77 -9.39
N7A NAD H . 15.67 16.39 -9.27
C5A NAD H . 16.12 16.32 -10.58
C6A NAD H . 17.37 15.97 -11.09
N6A NAD H . 18.47 15.57 -10.37
N1A NAD H . 17.51 15.99 -12.49
C2A NAD H . 16.42 16.36 -13.30
N3A NAD H . 15.19 16.72 -12.81
C4A NAD H . 15.07 16.68 -11.46
O3 NAD H . 10.82 21.50 -6.98
PN NAD H . 9.87 21.99 -5.79
O1N NAD H . 9.17 20.82 -5.31
O2N NAD H . 9.06 23.07 -6.35
O5D NAD H . 10.83 22.56 -4.62
C5D NAD H . 11.41 21.59 -3.73
C4D NAD H . 10.71 21.75 -2.39
O4D NAD H . 10.77 23.09 -1.75
C3D NAD H . 9.21 21.34 -2.27
O3D NAD H . 9.02 19.95 -2.41
C2D NAD H . 8.84 21.95 -0.94
O2D NAD H . 9.33 21.15 0.12
C1D NAD H . 9.55 23.33 -1.03
N1N NAD H . 8.69 24.42 -1.58
C2N NAD H . 8.29 25.46 -0.70
C3N NAD H . 7.43 26.43 -1.17
C7N NAD H . 7.01 27.54 -0.24
O7N NAD H . 6.13 28.30 -0.68
N7N NAD H . 7.56 27.65 0.97
C4N NAD H . 6.89 26.43 -2.52
C5N NAD H . 7.34 25.39 -3.39
C6N NAD H . 8.26 24.36 -2.93
#